data_3OKQ
# 
_entry.id   3OKQ 
# 
_audit_conform.dict_name       mmcif_pdbx.dic 
_audit_conform.dict_version    5.379 
_audit_conform.dict_location   http://mmcif.pdb.org/dictionaries/ascii/mmcif_pdbx.dic 
# 
loop_
_database_2.database_id 
_database_2.database_code 
_database_2.pdbx_database_accession 
_database_2.pdbx_DOI 
PDB   3OKQ         pdb_00003okq 10.2210/pdb3okq/pdb 
RCSB  RCSB061238   ?            ?                   
WWPDB D_1000061238 ?            ?                   
# 
_pdbx_database_related.db_name        PDB 
_pdbx_database_related.db_id          3ONX 
_pdbx_database_related.details        . 
_pdbx_database_related.content_type   unspecified 
# 
_pdbx_database_status.status_code                     REL 
_pdbx_database_status.entry_id                        3OKQ 
_pdbx_database_status.recvd_initial_deposition_date   2010-08-25 
_pdbx_database_status.deposit_site                    RCSB 
_pdbx_database_status.process_site                    RCSB 
_pdbx_database_status.status_code_sf                  REL 
_pdbx_database_status.status_code_mr                  ? 
_pdbx_database_status.SG_entry                        ? 
_pdbx_database_status.status_code_cs                  ? 
_pdbx_database_status.pdb_format_compatible           Y 
_pdbx_database_status.status_code_nmr_data            ? 
_pdbx_database_status.methods_development_category    ? 
# 
loop_
_audit_author.name 
_audit_author.pdbx_ordinal 
'Tu, D.'    1 
'Eck, M.J.' 2 
# 
_citation.id                        primary 
_citation.title                     'Structure of the formin-interaction domain of the actin nucleation-promoting factor Bud6.' 
_citation.journal_abbrev            Proc.Natl.Acad.Sci.USA 
_citation.journal_volume            109 
_citation.page_first                E3424 
_citation.page_last                 E3433 
_citation.year                      2012 
_citation.journal_id_ASTM           PNASA6 
_citation.country                   US 
_citation.journal_id_ISSN           0027-8424 
_citation.journal_id_CSD            0040 
_citation.book_publisher            ? 
_citation.pdbx_database_id_PubMed   23161908 
_citation.pdbx_database_id_DOI      10.1073/pnas.1203035109 
# 
loop_
_citation_author.citation_id 
_citation_author.name 
_citation_author.ordinal 
_citation_author.identifier_ORCID 
primary 'Tu, D.'         1 ? 
primary 'Graziano, B.R.' 2 ? 
primary 'Park, E.'       3 ? 
primary 'Zheng, W.'      4 ? 
primary 'Li, Y.'         5 ? 
primary 'Goode, B.L.'    6 ? 
primary 'Eck, M.J.'      7 ? 
# 
_cell.entry_id           3OKQ 
_cell.length_a           58.883 
_cell.length_b           95.214 
_cell.length_c           70.787 
_cell.angle_alpha        90.00 
_cell.angle_beta         90.00 
_cell.angle_gamma        90.00 
_cell.Z_PDB              8 
_cell.pdbx_unique_axis   ? 
_cell.length_a_esd       ? 
_cell.length_b_esd       ? 
_cell.length_c_esd       ? 
_cell.angle_alpha_esd    ? 
_cell.angle_beta_esd     ? 
_cell.angle_gamma_esd    ? 
# 
_symmetry.entry_id                         3OKQ 
_symmetry.space_group_name_H-M             'C 2 2 21' 
_symmetry.pdbx_full_space_group_name_H-M   ? 
_symmetry.cell_setting                     ? 
_symmetry.Int_Tables_number                20 
_symmetry.space_group_name_Hall            ? 
# 
loop_
_entity.id 
_entity.type 
_entity.src_method 
_entity.pdbx_description 
_entity.formula_weight 
_entity.pdbx_number_of_molecules 
_entity.pdbx_ec 
_entity.pdbx_mutation 
_entity.pdbx_fragment 
_entity.details 
1 polymer man 'Bud site selection protein 6' 16355.493 1   ? ? 'coiled-coil domain (unp residues 549-688)' ? 
2 water   nat water                          18.015    127 ? ? ?                                           ? 
# 
_entity_name_com.entity_id   1 
_entity_name_com.name        'Actin-interacting protein 3' 
# 
_entity_poly.entity_id                      1 
_entity_poly.type                           'polypeptide(L)' 
_entity_poly.nstd_linkage                   no 
_entity_poly.nstd_monomer                   no 
_entity_poly.pdbx_seq_one_letter_code       
;GSAKNSSNRMYMEKSQTELGDLSDTLLSKVDDLQDVIEIMRKDVAERRSQPAKKKLETVSKDLENAQADVLKLQEFIDTE
KPHWKKTWEAELDKVCEEQQFLTLQEELILDLKEDLGKALETFDLIKLCCEEQEKNPSRSK
;
_entity_poly.pdbx_seq_one_letter_code_can   
;GSAKNSSNRMYMEKSQTELGDLSDTLLSKVDDLQDVIEIMRKDVAERRSQPAKKKLETVSKDLENAQADVLKLQEFIDTE
KPHWKKTWEAELDKVCEEQQFLTLQEELILDLKEDLGKALETFDLIKLCCEEQEKNPSRSK
;
_entity_poly.pdbx_strand_id                 A 
_entity_poly.pdbx_target_identifier         ? 
# 
loop_
_entity_poly_seq.entity_id 
_entity_poly_seq.num 
_entity_poly_seq.mon_id 
_entity_poly_seq.hetero 
1 1   GLY n 
1 2   SER n 
1 3   ALA n 
1 4   LYS n 
1 5   ASN n 
1 6   SER n 
1 7   SER n 
1 8   ASN n 
1 9   ARG n 
1 10  MET n 
1 11  TYR n 
1 12  MET n 
1 13  GLU n 
1 14  LYS n 
1 15  SER n 
1 16  GLN n 
1 17  THR n 
1 18  GLU n 
1 19  LEU n 
1 20  GLY n 
1 21  ASP n 
1 22  LEU n 
1 23  SER n 
1 24  ASP n 
1 25  THR n 
1 26  LEU n 
1 27  LEU n 
1 28  SER n 
1 29  LYS n 
1 30  VAL n 
1 31  ASP n 
1 32  ASP n 
1 33  LEU n 
1 34  GLN n 
1 35  ASP n 
1 36  VAL n 
1 37  ILE n 
1 38  GLU n 
1 39  ILE n 
1 40  MET n 
1 41  ARG n 
1 42  LYS n 
1 43  ASP n 
1 44  VAL n 
1 45  ALA n 
1 46  GLU n 
1 47  ARG n 
1 48  ARG n 
1 49  SER n 
1 50  GLN n 
1 51  PRO n 
1 52  ALA n 
1 53  LYS n 
1 54  LYS n 
1 55  LYS n 
1 56  LEU n 
1 57  GLU n 
1 58  THR n 
1 59  VAL n 
1 60  SER n 
1 61  LYS n 
1 62  ASP n 
1 63  LEU n 
1 64  GLU n 
1 65  ASN n 
1 66  ALA n 
1 67  GLN n 
1 68  ALA n 
1 69  ASP n 
1 70  VAL n 
1 71  LEU n 
1 72  LYS n 
1 73  LEU n 
1 74  GLN n 
1 75  GLU n 
1 76  PHE n 
1 77  ILE n 
1 78  ASP n 
1 79  THR n 
1 80  GLU n 
1 81  LYS n 
1 82  PRO n 
1 83  HIS n 
1 84  TRP n 
1 85  LYS n 
1 86  LYS n 
1 87  THR n 
1 88  TRP n 
1 89  GLU n 
1 90  ALA n 
1 91  GLU n 
1 92  LEU n 
1 93  ASP n 
1 94  LYS n 
1 95  VAL n 
1 96  CYS n 
1 97  GLU n 
1 98  GLU n 
1 99  GLN n 
1 100 GLN n 
1 101 PHE n 
1 102 LEU n 
1 103 THR n 
1 104 LEU n 
1 105 GLN n 
1 106 GLU n 
1 107 GLU n 
1 108 LEU n 
1 109 ILE n 
1 110 LEU n 
1 111 ASP n 
1 112 LEU n 
1 113 LYS n 
1 114 GLU n 
1 115 ASP n 
1 116 LEU n 
1 117 GLY n 
1 118 LYS n 
1 119 ALA n 
1 120 LEU n 
1 121 GLU n 
1 122 THR n 
1 123 PHE n 
1 124 ASP n 
1 125 LEU n 
1 126 ILE n 
1 127 LYS n 
1 128 LEU n 
1 129 CYS n 
1 130 CYS n 
1 131 GLU n 
1 132 GLU n 
1 133 GLN n 
1 134 GLU n 
1 135 LYS n 
1 136 ASN n 
1 137 PRO n 
1 138 SER n 
1 139 ARG n 
1 140 SER n 
1 141 LYS n 
# 
_entity_src_gen.entity_id                          1 
_entity_src_gen.pdbx_src_id                        1 
_entity_src_gen.pdbx_alt_source_flag               sample 
_entity_src_gen.pdbx_seq_type                      ? 
_entity_src_gen.pdbx_beg_seq_num                   ? 
_entity_src_gen.pdbx_end_seq_num                   ? 
_entity_src_gen.gene_src_common_name               
;brewer's yeast,lager beer yeast,yeast
;
_entity_src_gen.gene_src_genus                     ? 
_entity_src_gen.pdbx_gene_src_gene                 'AIP3, BUD6, L8543.5, YLR319C' 
_entity_src_gen.gene_src_species                   ? 
_entity_src_gen.gene_src_strain                    ? 
_entity_src_gen.gene_src_tissue                    ? 
_entity_src_gen.gene_src_tissue_fraction           ? 
_entity_src_gen.gene_src_details                   ? 
_entity_src_gen.pdbx_gene_src_fragment             ? 
_entity_src_gen.pdbx_gene_src_scientific_name      'Saccharomyces cerevisiae' 
_entity_src_gen.pdbx_gene_src_ncbi_taxonomy_id     4932 
_entity_src_gen.pdbx_gene_src_variant              ? 
_entity_src_gen.pdbx_gene_src_cell_line            ? 
_entity_src_gen.pdbx_gene_src_atcc                 ? 
_entity_src_gen.pdbx_gene_src_organ                ? 
_entity_src_gen.pdbx_gene_src_organelle            ? 
_entity_src_gen.pdbx_gene_src_cell                 ? 
_entity_src_gen.pdbx_gene_src_cellular_location    ? 
_entity_src_gen.host_org_common_name               ? 
_entity_src_gen.pdbx_host_org_scientific_name      'Escherichia coli' 
_entity_src_gen.pdbx_host_org_ncbi_taxonomy_id     562 
_entity_src_gen.host_org_genus                     ? 
_entity_src_gen.pdbx_host_org_gene                 ? 
_entity_src_gen.pdbx_host_org_organ                ? 
_entity_src_gen.host_org_species                   ? 
_entity_src_gen.pdbx_host_org_tissue               ? 
_entity_src_gen.pdbx_host_org_tissue_fraction      ? 
_entity_src_gen.pdbx_host_org_strain               'Rosetta2(DE3)' 
_entity_src_gen.pdbx_host_org_variant              ? 
_entity_src_gen.pdbx_host_org_cell_line            ? 
_entity_src_gen.pdbx_host_org_atcc                 ? 
_entity_src_gen.pdbx_host_org_culture_collection   ? 
_entity_src_gen.pdbx_host_org_cell                 ? 
_entity_src_gen.pdbx_host_org_organelle            ? 
_entity_src_gen.pdbx_host_org_cellular_location    ? 
_entity_src_gen.pdbx_host_org_vector_type          plasmid 
_entity_src_gen.pdbx_host_org_vector               ? 
_entity_src_gen.host_org_details                   ? 
_entity_src_gen.expression_system_id               ? 
_entity_src_gen.plasmid_name                       pET30 
_entity_src_gen.plasmid_details                    ? 
_entity_src_gen.pdbx_description                   ? 
# 
_struct_ref.id                         1 
_struct_ref.db_name                    UNP 
_struct_ref.db_code                    BUD6_YEAST 
_struct_ref.pdbx_db_accession          P41697 
_struct_ref.entity_id                  1 
_struct_ref.pdbx_seq_one_letter_code   
;SAKNSSNRMYMEKSQTELGDLSDTLLSKVDDLQDVIEIMRKDVAERRSQPAKKKLETVSKDLENAQADVLKLQEFIDTEK
PHWKKTWEAELDKVCEEQQFLTLQEELILDLKEDLGKALETFDLIKLCCEEQEKNPSRSK
;
_struct_ref.pdbx_align_begin           549 
_struct_ref.pdbx_db_isoform            ? 
# 
_struct_ref_seq.align_id                      1 
_struct_ref_seq.ref_id                        1 
_struct_ref_seq.pdbx_PDB_id_code              3OKQ 
_struct_ref_seq.pdbx_strand_id                A 
_struct_ref_seq.seq_align_beg                 2 
_struct_ref_seq.pdbx_seq_align_beg_ins_code   ? 
_struct_ref_seq.seq_align_end                 141 
_struct_ref_seq.pdbx_seq_align_end_ins_code   ? 
_struct_ref_seq.pdbx_db_accession             P41697 
_struct_ref_seq.db_align_beg                  549 
_struct_ref_seq.pdbx_db_align_beg_ins_code    ? 
_struct_ref_seq.db_align_end                  688 
_struct_ref_seq.pdbx_db_align_end_ins_code    ? 
_struct_ref_seq.pdbx_auth_seq_align_beg       549 
_struct_ref_seq.pdbx_auth_seq_align_end       688 
# 
_struct_ref_seq_dif.align_id                     1 
_struct_ref_seq_dif.pdbx_pdb_id_code             3OKQ 
_struct_ref_seq_dif.mon_id                       GLY 
_struct_ref_seq_dif.pdbx_pdb_strand_id           A 
_struct_ref_seq_dif.seq_num                      1 
_struct_ref_seq_dif.pdbx_pdb_ins_code            ? 
_struct_ref_seq_dif.pdbx_seq_db_name             UNP 
_struct_ref_seq_dif.pdbx_seq_db_accession_code   P41697 
_struct_ref_seq_dif.db_mon_id                    ? 
_struct_ref_seq_dif.pdbx_seq_db_seq_num          ? 
_struct_ref_seq_dif.details                      'expression tag' 
_struct_ref_seq_dif.pdbx_auth_seq_num            548 
_struct_ref_seq_dif.pdbx_ordinal                 1 
# 
loop_
_chem_comp.id 
_chem_comp.type 
_chem_comp.mon_nstd_flag 
_chem_comp.name 
_chem_comp.pdbx_synonyms 
_chem_comp.formula 
_chem_comp.formula_weight 
ALA 'L-peptide linking' y ALANINE         ? 'C3 H7 N O2'     89.093  
ARG 'L-peptide linking' y ARGININE        ? 'C6 H15 N4 O2 1' 175.209 
ASN 'L-peptide linking' y ASPARAGINE      ? 'C4 H8 N2 O3'    132.118 
ASP 'L-peptide linking' y 'ASPARTIC ACID' ? 'C4 H7 N O4'     133.103 
CYS 'L-peptide linking' y CYSTEINE        ? 'C3 H7 N O2 S'   121.158 
GLN 'L-peptide linking' y GLUTAMINE       ? 'C5 H10 N2 O3'   146.144 
GLU 'L-peptide linking' y 'GLUTAMIC ACID' ? 'C5 H9 N O4'     147.129 
GLY 'peptide linking'   y GLYCINE         ? 'C2 H5 N O2'     75.067  
HIS 'L-peptide linking' y HISTIDINE       ? 'C6 H10 N3 O2 1' 156.162 
HOH non-polymer         . WATER           ? 'H2 O'           18.015  
ILE 'L-peptide linking' y ISOLEUCINE      ? 'C6 H13 N O2'    131.173 
LEU 'L-peptide linking' y LEUCINE         ? 'C6 H13 N O2'    131.173 
LYS 'L-peptide linking' y LYSINE          ? 'C6 H15 N2 O2 1' 147.195 
MET 'L-peptide linking' y METHIONINE      ? 'C5 H11 N O2 S'  149.211 
PHE 'L-peptide linking' y PHENYLALANINE   ? 'C9 H11 N O2'    165.189 
PRO 'L-peptide linking' y PROLINE         ? 'C5 H9 N O2'     115.130 
SER 'L-peptide linking' y SERINE          ? 'C3 H7 N O3'     105.093 
THR 'L-peptide linking' y THREONINE       ? 'C4 H9 N O3'     119.119 
TRP 'L-peptide linking' y TRYPTOPHAN      ? 'C11 H12 N2 O2'  204.225 
TYR 'L-peptide linking' y TYROSINE        ? 'C9 H11 N O3'    181.189 
VAL 'L-peptide linking' y VALINE          ? 'C5 H11 N O2'    117.146 
# 
_exptl.entry_id          3OKQ 
_exptl.method            'X-RAY DIFFRACTION' 
_exptl.crystals_number   1 
# 
_exptl_crystal.id                    1 
_exptl_crystal.density_meas          ? 
_exptl_crystal.density_Matthews      3.03 
_exptl_crystal.density_percent_sol   59.45 
_exptl_crystal.description           ? 
_exptl_crystal.F_000                 ? 
_exptl_crystal.preparation           ? 
# 
_exptl_crystal_grow.crystal_id      1 
_exptl_crystal_grow.method          'VAPOR DIFFUSION, HANGING DROP' 
_exptl_crystal_grow.temp            293 
_exptl_crystal_grow.temp_details    ? 
_exptl_crystal_grow.pH              7.0 
_exptl_crystal_grow.pdbx_details    
'12% PEG 3350, 175 mM sodium malonate (pH 7.0), 20% glycerol, 5 mM DTT, VAPOR DIFFUSION, HANGING DROP, temperature 293K' 
_exptl_crystal_grow.pdbx_pH_range   ? 
# 
_diffrn.id                     1 
_diffrn.ambient_temp           100 
_diffrn.ambient_temp_details   ? 
_diffrn.crystal_id             1 
# 
_diffrn_detector.diffrn_id              1 
_diffrn_detector.detector               CCD 
_diffrn_detector.type                   'ADSC QUANTUM 315' 
_diffrn_detector.pdbx_collection_date   2008-07-16 
_diffrn_detector.details                ? 
# 
_diffrn_radiation.diffrn_id                        1 
_diffrn_radiation.wavelength_id                    1 
_diffrn_radiation.pdbx_monochromatic_or_laue_m_l   M 
_diffrn_radiation.monochromator                    'MD2 microdiffractometer' 
_diffrn_radiation.pdbx_diffrn_protocol             'SINGLE WAVELENGTH' 
_diffrn_radiation.pdbx_scattering_type             x-ray 
# 
_diffrn_radiation_wavelength.id           1 
_diffrn_radiation_wavelength.wavelength   0.97949 
_diffrn_radiation_wavelength.wt           1.0 
# 
_diffrn_source.diffrn_id                   1 
_diffrn_source.source                      SYNCHROTRON 
_diffrn_source.type                        'APS BEAMLINE 24-ID-C' 
_diffrn_source.pdbx_synchrotron_site       APS 
_diffrn_source.pdbx_synchrotron_beamline   24-ID-C 
_diffrn_source.pdbx_wavelength             ? 
_diffrn_source.pdbx_wavelength_list        0.97949 
# 
_reflns.entry_id                     3OKQ 
_reflns.observed_criterion_sigma_I   0 
_reflns.observed_criterion_sigma_F   0 
_reflns.d_resolution_low             50.0 
_reflns.d_resolution_high            2.04 
_reflns.number_obs                   12868 
_reflns.number_all                   ? 
_reflns.percent_possible_obs         99.4 
_reflns.pdbx_Rmerge_I_obs            0.064 
_reflns.pdbx_Rsym_value              ? 
_reflns.pdbx_netI_over_sigmaI        17.6 
_reflns.B_iso_Wilson_estimate        ? 
_reflns.pdbx_redundancy              3.5 
_reflns.R_free_details               ? 
_reflns.limit_h_max                  ? 
_reflns.limit_h_min                  ? 
_reflns.limit_k_max                  ? 
_reflns.limit_k_min                  ? 
_reflns.limit_l_max                  ? 
_reflns.limit_l_min                  ? 
_reflns.observed_criterion_F_max     ? 
_reflns.observed_criterion_F_min     ? 
_reflns.pdbx_chi_squared             ? 
_reflns.pdbx_scaling_rejects         ? 
_reflns.pdbx_ordinal                 1 
_reflns.pdbx_diffrn_id               1 
# 
_reflns_shell.d_res_high             2.04 
_reflns_shell.d_res_low              2.11 
_reflns_shell.percent_possible_all   97.2 
_reflns_shell.Rmerge_I_obs           0.276 
_reflns_shell.pdbx_Rsym_value        ? 
_reflns_shell.meanI_over_sigI_obs    4.1 
_reflns_shell.pdbx_redundancy        ? 
_reflns_shell.percent_possible_obs   ? 
_reflns_shell.number_unique_all      1229 
_reflns_shell.number_measured_all    ? 
_reflns_shell.number_measured_obs    ? 
_reflns_shell.number_unique_obs      ? 
_reflns_shell.pdbx_chi_squared       ? 
_reflns_shell.pdbx_ordinal           1 
_reflns_shell.pdbx_diffrn_id         1 
# 
_refine.entry_id                                 3OKQ 
_refine.ls_number_reflns_obs                     12848 
_refine.ls_number_reflns_all                     12848 
_refine.pdbx_ls_sigma_I                          ? 
_refine.pdbx_ls_sigma_F                          1.35 
_refine.pdbx_data_cutoff_high_absF               ? 
_refine.pdbx_data_cutoff_low_absF                ? 
_refine.pdbx_data_cutoff_high_rms_absF           ? 
_refine.ls_d_res_low                             35.394 
_refine.ls_d_res_high                            2.044 
_refine.ls_percent_reflns_obs                    99.26 
_refine.ls_R_factor_obs                          0.1946 
_refine.ls_R_factor_all                          ? 
_refine.ls_R_factor_R_work                       0.1920 
_refine.ls_R_factor_R_free                       0.2265 
_refine.ls_R_factor_R_free_error                 ? 
_refine.ls_R_factor_R_free_error_details         ? 
_refine.ls_percent_reflns_R_free                 7.49 
_refine.ls_number_reflns_R_free                  962 
_refine.ls_number_parameters                     ? 
_refine.ls_number_restraints                     ? 
_refine.occupancy_min                            ? 
_refine.occupancy_max                            ? 
_refine.correlation_coeff_Fo_to_Fc               ? 
_refine.correlation_coeff_Fo_to_Fc_free          ? 
_refine.B_iso_mean                               ? 
_refine.aniso_B[1][1]                            13.8520 
_refine.aniso_B[2][2]                            -10.8784 
_refine.aniso_B[3][3]                            -2.9736 
_refine.aniso_B[1][2]                            -0.0000 
_refine.aniso_B[1][3]                            -0.0000 
_refine.aniso_B[2][3]                            -0.0000 
_refine.solvent_model_details                    'FLAT BULK SOLVENT MODEL' 
_refine.solvent_model_param_ksol                 0.379 
_refine.solvent_model_param_bsol                 42.505 
_refine.pdbx_solvent_vdw_probe_radii             1.11 
_refine.pdbx_solvent_ion_probe_radii             ? 
_refine.pdbx_solvent_shrinkage_radii             0.90 
_refine.pdbx_ls_cross_valid_method               THROUGHOUT 
_refine.details                                  ? 
_refine.pdbx_starting_model                      'PDB entry 3ONX' 
_refine.pdbx_method_to_determine_struct          'MOLECULAR REPLACEMENT' 
_refine.pdbx_isotropic_thermal_model             ? 
_refine.pdbx_stereochemistry_target_values       ML 
_refine.pdbx_stereochem_target_val_spec_case     ? 
_refine.pdbx_R_Free_selection_details            random 
_refine.pdbx_overall_ESU_R_Free                  ? 
_refine.overall_SU_ML                            0.18 
_refine.overall_SU_B                             ? 
_refine.overall_SU_R_Cruickshank_DPI             ? 
_refine.ls_redundancy_reflns_obs                 ? 
_refine.B_iso_min                                ? 
_refine.B_iso_max                                ? 
_refine.overall_SU_R_free                        ? 
_refine.ls_wR_factor_R_free                      ? 
_refine.ls_wR_factor_R_work                      ? 
_refine.overall_FOM_free_R_set                   ? 
_refine.overall_FOM_work_R_set                   ? 
_refine.pdbx_overall_phase_error                 21.29 
_refine.pdbx_refine_id                           'X-RAY DIFFRACTION' 
_refine.pdbx_diffrn_id                           1 
_refine.pdbx_overall_ESU_R                       ? 
_refine.pdbx_TLS_residual_ADP_flag               ? 
_refine.pdbx_overall_SU_R_free_Cruickshank_DPI   ? 
_refine.pdbx_overall_SU_R_Blow_DPI               ? 
_refine.pdbx_overall_SU_R_free_Blow_DPI          ? 
# 
_refine_hist.pdbx_refine_id                   'X-RAY DIFFRACTION' 
_refine_hist.cycle_id                         LAST 
_refine_hist.pdbx_number_atoms_protein        1017 
_refine_hist.pdbx_number_atoms_nucleic_acid   0 
_refine_hist.pdbx_number_atoms_ligand         0 
_refine_hist.number_atoms_solvent             127 
_refine_hist.number_atoms_total               1144 
_refine_hist.d_res_high                       2.044 
_refine_hist.d_res_low                        35.394 
# 
loop_
_refine_ls_restr.type 
_refine_ls_restr.dev_ideal 
_refine_ls_restr.dev_ideal_target 
_refine_ls_restr.weight 
_refine_ls_restr.number 
_refine_ls_restr.pdbx_refine_id 
_refine_ls_restr.pdbx_restraint_function 
f_bond_d           0.007  ? ? 1027 'X-RAY DIFFRACTION' ? 
f_angle_d          0.881  ? ? 1378 'X-RAY DIFFRACTION' ? 
f_dihedral_angle_d 15.493 ? ? 406  'X-RAY DIFFRACTION' ? 
f_chiral_restr     0.056  ? ? 160  'X-RAY DIFFRACTION' ? 
f_plane_restr      0.003  ? ? 176  'X-RAY DIFFRACTION' ? 
# 
loop_
_refine_ls_shell.pdbx_total_number_of_bins_used 
_refine_ls_shell.d_res_high 
_refine_ls_shell.d_res_low 
_refine_ls_shell.number_reflns_R_work 
_refine_ls_shell.R_factor_R_work 
_refine_ls_shell.percent_reflns_obs 
_refine_ls_shell.R_factor_R_free 
_refine_ls_shell.R_factor_R_free_error 
_refine_ls_shell.percent_reflns_R_free 
_refine_ls_shell.number_reflns_R_free 
_refine_ls_shell.number_reflns_all 
_refine_ls_shell.R_factor_all 
_refine_ls_shell.number_reflns_obs 
_refine_ls_shell.redundancy_reflns_obs 
_refine_ls_shell.pdbx_refine_id 
. 2.0438 2.1515  1625 0.1925 97.00  0.2091 . . 138 . . . . 'X-RAY DIFFRACTION' 
. 2.1515 2.2863  1672 0.1736 100.00 0.2437 . . 141 . . . . 'X-RAY DIFFRACTION' 
. 2.2863 2.4627  1682 0.1810 100.00 0.2193 . . 133 . . . . 'X-RAY DIFFRACTION' 
. 2.4627 2.7105  1707 0.1811 100.00 0.2155 . . 129 . . . . 'X-RAY DIFFRACTION' 
. 2.7105 3.1025  1715 0.1934 100.00 0.2333 . . 132 . . . . 'X-RAY DIFFRACTION' 
. 3.1025 3.9081  1717 0.1823 100.00 0.2206 . . 135 . . . . 'X-RAY DIFFRACTION' 
. 3.9081 35.3988 1768 0.2088 99.00  0.2312 . . 154 . . . . 'X-RAY DIFFRACTION' 
# 
_struct.entry_id                  3OKQ 
_struct.title                     'Crystal structure of a core domain of yeast actin nucleation cofactor Bud6' 
_struct.pdbx_model_details        ? 
_struct.pdbx_CASP_flag            ? 
_struct.pdbx_model_type_details   ? 
# 
_struct_keywords.entry_id        3OKQ 
_struct_keywords.pdbx_keywords   'PROTEIN BINDING' 
_struct_keywords.text            'coiled-coil, PROTEIN BINDING' 
# 
loop_
_struct_asym.id 
_struct_asym.pdbx_blank_PDB_chainid_flag 
_struct_asym.pdbx_modified 
_struct_asym.entity_id 
_struct_asym.details 
A N N 1 ? 
B N N 2 ? 
# 
_struct_biol.id        1 
_struct_biol.details   ? 
# 
loop_
_struct_conf.conf_type_id 
_struct_conf.id 
_struct_conf.pdbx_PDB_helix_id 
_struct_conf.beg_label_comp_id 
_struct_conf.beg_label_asym_id 
_struct_conf.beg_label_seq_id 
_struct_conf.pdbx_beg_PDB_ins_code 
_struct_conf.end_label_comp_id 
_struct_conf.end_label_asym_id 
_struct_conf.end_label_seq_id 
_struct_conf.pdbx_end_PDB_ins_code 
_struct_conf.beg_auth_comp_id 
_struct_conf.beg_auth_asym_id 
_struct_conf.beg_auth_seq_id 
_struct_conf.end_auth_comp_id 
_struct_conf.end_auth_asym_id 
_struct_conf.end_auth_seq_id 
_struct_conf.pdbx_PDB_helix_class 
_struct_conf.details 
_struct_conf.pdbx_PDB_helix_length 
HELX_P HELX_P1 1 SER A 7  ? ARG A 48  ? SER A 554 ARG A 595 1 ? 42 
HELX_P HELX_P2 2 ALA A 52 ? CYS A 130 ? ALA A 599 CYS A 677 1 ? 79 
# 
_struct_conf_type.id          HELX_P 
_struct_conf_type.criteria    ? 
_struct_conf_type.reference   ? 
# 
_atom_sites.entry_id                    3OKQ 
_atom_sites.fract_transf_matrix[1][1]   0.01227199 
_atom_sites.fract_transf_matrix[1][2]   -0.00690904 
_atom_sites.fract_transf_matrix[1][3]   -0.00949135 
_atom_sites.fract_transf_matrix[2][1]   0.00694261 
_atom_sites.fract_transf_matrix[2][2]   0.00178662 
_atom_sites.fract_transf_matrix[2][3]   0.00767602 
_atom_sites.fract_transf_matrix[3][1]   -0.00285724 
_atom_sites.fract_transf_matrix[3][2]   -0.01267941 
_atom_sites.fract_transf_matrix[3][3]   0.00553542 
_atom_sites.fract_transf_vector[1]      0.293880 
_atom_sites.fract_transf_vector[2]      0.120176 
_atom_sites.fract_transf_vector[3]      -0.057814 
# 
loop_
_atom_type.symbol 
C 
N 
O 
S 
# 
loop_
_atom_site.group_PDB 
_atom_site.id 
_atom_site.type_symbol 
_atom_site.label_atom_id 
_atom_site.label_alt_id 
_atom_site.label_comp_id 
_atom_site.label_asym_id 
_atom_site.label_entity_id 
_atom_site.label_seq_id 
_atom_site.pdbx_PDB_ins_code 
_atom_site.Cartn_x 
_atom_site.Cartn_y 
_atom_site.Cartn_z 
_atom_site.occupancy 
_atom_site.B_iso_or_equiv 
_atom_site.pdbx_formal_charge 
_atom_site.auth_seq_id 
_atom_site.auth_comp_id 
_atom_site.auth_asym_id 
_atom_site.auth_atom_id 
_atom_site.pdbx_PDB_model_num 
ATOM   1    N N   . SER A 1 6   ? -16.579 1.120   11.144  1.00 61.59 ? 553 SER A N   1 
ATOM   2    C CA  . SER A 1 6   ? -15.556 1.417   10.143  1.00 57.75 ? 553 SER A CA  1 
ATOM   3    C C   . SER A 1 6   ? -15.373 0.238   9.190   1.00 52.79 ? 553 SER A C   1 
ATOM   4    O O   . SER A 1 6   ? -15.111 -0.884  9.626   1.00 58.19 ? 553 SER A O   1 
ATOM   5    C CB  . SER A 1 6   ? -14.226 1.764   10.820  1.00 60.98 ? 553 SER A CB  1 
ATOM   6    O OG  . SER A 1 6   ? -13.255 2.175   9.873   1.00 56.08 ? 553 SER A OG  1 
ATOM   7    N N   . SER A 1 7   ? -15.516 0.501   7.894   1.00 41.24 ? 554 SER A N   1 
ATOM   8    C CA  . SER A 1 7   ? -15.342 -0.517  6.861   1.00 35.72 ? 554 SER A CA  1 
ATOM   9    C C   . SER A 1 7   ? -13.874 -0.901  6.684   1.00 34.04 ? 554 SER A C   1 
ATOM   10   O O   . SER A 1 7   ? -12.978 -0.161  7.089   1.00 29.73 ? 554 SER A O   1 
ATOM   11   C CB  . SER A 1 7   ? -15.901 -0.016  5.525   1.00 35.67 ? 554 SER A CB  1 
ATOM   12   O OG  . SER A 1 7   ? -15.139 1.068   5.021   1.00 34.53 ? 554 SER A OG  1 
ATOM   13   N N   . ASN A 1 8   ? -13.633 -2.056  6.073   1.00 31.75 ? 555 ASN A N   1 
ATOM   14   C CA  . ASN A 1 8   ? -12.271 -2.479  5.753   1.00 30.88 ? 555 ASN A CA  1 
ATOM   15   C C   . ASN A 1 8   ? -11.556 -1.431  4.896   1.00 31.87 ? 555 ASN A C   1 
ATOM   16   O O   . ASN A 1 8   ? -10.420 -1.048  5.179   1.00 27.13 ? 555 ASN A O   1 
ATOM   17   C CB  . ASN A 1 8   ? -12.284 -3.825  5.031   1.00 31.49 ? 555 ASN A CB  1 
ATOM   18   C CG  . ASN A 1 8   ? -12.745 -4.958  5.923   1.00 33.79 ? 555 ASN A CG  1 
ATOM   19   O OD1 . ASN A 1 8   ? -12.328 -5.051  7.081   1.00 29.24 ? 555 ASN A OD1 1 
ATOM   20   N ND2 . ASN A 1 8   ? -13.612 -5.829  5.391   1.00 26.23 ? 555 ASN A ND2 1 
ATOM   21   N N   . ARG A 1 9   ? -12.233 -0.966  3.850   1.00 29.61 ? 556 ARG A N   1 
ATOM   22   C CA  . ARG A 1 9   ? -11.659 0.046   2.962   1.00 27.21 ? 556 ARG A CA  1 
ATOM   23   C C   . ARG A 1 9   ? -11.292 1.348   3.686   1.00 27.84 ? 556 ARG A C   1 
ATOM   24   O O   . ARG A 1 9   ? -10.213 1.911   3.468   1.00 28.28 ? 556 ARG A O   1 
ATOM   25   C CB  . ARG A 1 9   ? -12.611 0.346   1.800   1.00 30.77 ? 556 ARG A CB  1 
ATOM   26   C CG  . ARG A 1 9   ? -12.094 1.425   0.865   1.00 29.44 ? 556 ARG A CG  1 
ATOM   27   C CD  . ARG A 1 9   ? -11.713 0.849   -0.486  1.00 27.68 ? 556 ARG A CD  1 
ATOM   28   N NE  . ARG A 1 9   ? -10.686 -0.182  -0.382  1.00 25.83 ? 556 ARG A NE  1 
ATOM   29   C CZ  . ARG A 1 9   ? -9.380  0.067   -0.290  1.00 32.35 ? 556 ARG A CZ  1 
ATOM   30   N NH1 . ARG A 1 9   ? -8.526  -0.940  -0.206  1.00 26.74 ? 556 ARG A NH1 1 
ATOM   31   N NH2 . ARG A 1 9   ? -8.926  1.323   -0.284  1.00 22.11 ? 556 ARG A NH2 1 
ATOM   32   N N   . MET A 1 10  ? -12.193 1.840   4.531   1.00 28.45 ? 557 MET A N   1 
ATOM   33   C CA  . MET A 1 10  ? -11.923 3.070   5.273   1.00 30.41 ? 557 MET A CA  1 
ATOM   34   C C   . MET A 1 10  ? -10.765 2.892   6.252   1.00 31.09 ? 557 MET A C   1 
ATOM   35   O O   . MET A 1 10  ? -9.958  3.802   6.439   1.00 29.05 ? 557 MET A O   1 
ATOM   36   C CB  . MET A 1 10  ? -13.176 3.556   6.009   1.00 34.84 ? 557 MET A CB  1 
ATOM   37   C CG  . MET A 1 10  ? -12.961 4.817   6.840   1.00 43.06 ? 557 MET A CG  1 
ATOM   38   S SD  . MET A 1 10  ? -14.481 5.503   7.553   1.00 60.24 ? 557 MET A SD  1 
ATOM   39   C CE  . MET A 1 10  ? -15.399 5.921   6.065   1.00 49.48 ? 557 MET A CE  1 
ATOM   40   N N   . TYR A 1 11  ? -10.676 1.723   6.878   1.00 28.91 ? 558 TYR A N   1 
ATOM   41   C CA  . TYR A 1 11  ? -9.570  1.471   7.795   1.00 30.76 ? 558 TYR A CA  1 
ATOM   42   C C   . TYR A 1 11  ? -8.239  1.501   7.055   1.00 28.05 ? 558 TYR A C   1 
ATOM   43   O O   . TYR A 1 11  ? -7.256  2.048   7.551   1.00 26.11 ? 558 TYR A O   1 
ATOM   44   C CB  . TYR A 1 11  ? -9.718  0.126   8.510   1.00 31.78 ? 558 TYR A CB  1 
ATOM   45   C CG  . TYR A 1 11  ? -8.588  -0.081  9.481   1.00 32.46 ? 558 TYR A CG  1 
ATOM   46   C CD1 . TYR A 1 11  ? -8.679  0.398   10.778  1.00 38.56 ? 558 TYR A CD1 1 
ATOM   47   C CD2 . TYR A 1 11  ? -7.404  -0.697  9.087   1.00 32.93 ? 558 TYR A CD2 1 
ATOM   48   C CE1 . TYR A 1 11  ? -7.640  0.250   11.668  1.00 37.95 ? 558 TYR A CE1 1 
ATOM   49   C CE2 . TYR A 1 11  ? -6.357  -0.856  9.966   1.00 29.98 ? 558 TYR A CE2 1 
ATOM   50   C CZ  . TYR A 1 11  ? -6.483  -0.382  11.262  1.00 37.09 ? 558 TYR A CZ  1 
ATOM   51   O OH  . TYR A 1 11  ? -5.450  -0.526  12.162  1.00 35.55 ? 558 TYR A OH  1 
ATOM   52   N N   . MET A 1 12  ? -8.214  0.896   5.871   1.00 28.15 ? 559 MET A N   1 
ATOM   53   C CA  . MET A 1 12  ? -7.025  0.894   5.025   1.00 28.86 ? 559 MET A CA  1 
ATOM   54   C C   . MET A 1 12  ? -6.568  2.317   4.701   1.00 28.49 ? 559 MET A C   1 
ATOM   55   O O   . MET A 1 12  ? -5.401  2.666   4.875   1.00 23.80 ? 559 MET A O   1 
ATOM   56   C CB  . MET A 1 12  ? -7.310  0.146   3.723   1.00 28.48 ? 559 MET A CB  1 
ATOM   57   C CG  . MET A 1 12  ? -6.218  0.296   2.683   1.00 30.05 ? 559 MET A CG  1 
ATOM   58   S SD  . MET A 1 12  ? -4.718  -0.614  3.128   1.00 28.20 ? 559 MET A SD  1 
ATOM   59   C CE  . MET A 1 12  ? -5.342  -2.290  3.115   1.00 20.33 ? 559 MET A CE  1 
ATOM   60   N N   . GLU A 1 13  ? -7.495  3.143   4.240   1.00 25.00 ? 560 GLU A N   1 
ATOM   61   C CA  . GLU A 1 13  ? -7.135  4.478   3.788   1.00 27.36 ? 560 GLU A CA  1 
ATOM   62   C C   . GLU A 1 13  ? -6.717  5.389   4.939   1.00 26.59 ? 560 GLU A C   1 
ATOM   63   O O   . GLU A 1 13  ? -5.789  6.181   4.803   1.00 25.31 ? 560 GLU A O   1 
ATOM   64   C CB  . GLU A 1 13  ? -8.254  5.077   2.917   1.00 25.90 ? 560 GLU A CB  1 
ATOM   65   C CG  . GLU A 1 13  ? -8.508  4.227   1.668   1.00 24.16 ? 560 GLU A CG  1 
ATOM   66   C CD  . GLU A 1 13  ? -9.544  4.810   0.711   1.00 34.63 ? 560 GLU A CD  1 
ATOM   67   O OE1 . GLU A 1 13  ? -9.611  6.060   0.557   1.00 41.07 ? 560 GLU A OE1 1 
ATOM   68   O OE2 . GLU A 1 13  ? -10.266 4.007   0.081   1.00 25.67 ? 560 GLU A OE2 1 
ATOM   69   N N   . LYS A 1 14  ? -7.377  5.263   6.082   1.00 27.88 ? 561 LYS A N   1 
ATOM   70   C CA  . LYS A 1 14  ? -6.982  6.057   7.236   1.00 29.27 ? 561 LYS A CA  1 
ATOM   71   C C   . LYS A 1 14  ? -5.650  5.598   7.830   1.00 27.01 ? 561 LYS A C   1 
ATOM   72   O O   . LYS A 1 14  ? -4.861  6.422   8.281   1.00 24.61 ? 561 LYS A O   1 
ATOM   73   C CB  . LYS A 1 14  ? -8.072  6.054   8.312   1.00 33.18 ? 561 LYS A CB  1 
ATOM   74   C CG  . LYS A 1 14  ? -9.331  6.813   7.899   1.00 38.66 ? 561 LYS A CG  1 
ATOM   75   C CD  . LYS A 1 14  ? -10.414 6.737   8.972   1.00 50.43 ? 561 LYS A CD  1 
ATOM   76   C CE  . LYS A 1 14  ? -11.660 7.525   8.555   1.00 49.24 ? 561 LYS A CE  1 
ATOM   77   N NZ  . LYS A 1 14  ? -12.789 7.340   9.515   1.00 51.81 ? 561 LYS A NZ  1 
ATOM   78   N N   . SER A 1 15  ? -5.395  4.291   7.852   1.00 21.50 ? 562 SER A N   1 
ATOM   79   C CA  . SER A 1 15  ? -4.172  3.808   8.493   1.00 24.69 ? 562 SER A CA  1 
ATOM   80   C C   . SER A 1 15  ? -2.945  4.061   7.601   1.00 24.61 ? 562 SER A C   1 
ATOM   81   O O   . SER A 1 15  ? -1.850  4.317   8.097   1.00 22.09 ? 562 SER A O   1 
ATOM   82   C CB  . SER A 1 15  ? -4.290  2.343   8.943   1.00 22.06 ? 562 SER A CB  1 
ATOM   83   O OG  . SER A 1 15  ? -4.580  1.460   7.873   1.00 23.97 ? 562 SER A OG  1 
ATOM   84   N N   . GLN A 1 16  ? -3.140  4.019   6.288   1.00 21.46 ? 563 GLN A N   1 
ATOM   85   C CA  . GLN A 1 16  ? -2.055  4.342   5.367   1.00 23.65 ? 563 GLN A CA  1 
ATOM   86   C C   . GLN A 1 16  ? -1.722  5.839   5.441   1.00 24.82 ? 563 GLN A C   1 
ATOM   87   O O   . GLN A 1 16  ? -0.552  6.228   5.416   1.00 23.54 ? 563 GLN A O   1 
ATOM   88   C CB  . GLN A 1 16  ? -2.375  3.907   3.926   1.00 21.42 ? 563 GLN A CB  1 
ATOM   89   C CG  . GLN A 1 16  ? -2.337  2.375   3.713   1.00 21.61 ? 563 GLN A CG  1 
ATOM   90   C CD  . GLN A 1 16  ? -1.853  1.987   2.322   1.00 23.51 ? 563 GLN A CD  1 
ATOM   91   O OE1 . GLN A 1 16  ? -2.185  2.637   1.339   1.00 26.72 ? 563 GLN A OE1 1 
ATOM   92   N NE2 . GLN A 1 16  ? -1.057  0.930   2.241   1.00 19.37 ? 563 GLN A NE2 1 
ATOM   93   N N   . THR A 1 17  ? -2.751  6.668   5.558   1.00 20.87 ? 564 THR A N   1 
ATOM   94   C CA  . THR A 1 17  ? -2.558  8.109   5.712   1.00 27.32 ? 564 THR A CA  1 
ATOM   95   C C   . THR A 1 17  ? -1.779  8.397   6.986   1.00 24.83 ? 564 THR A C   1 
ATOM   96   O O   . THR A 1 17  ? -0.884  9.236   6.995   1.00 27.41 ? 564 THR A O   1 
ATOM   97   C CB  . THR A 1 17  ? -3.901  8.859   5.757   1.00 26.02 ? 564 THR A CB  1 
ATOM   98   O OG1 . THR A 1 17  ? -4.560  8.718   4.497   1.00 28.78 ? 564 THR A OG1 1 
ATOM   99   C CG2 . THR A 1 17  ? -3.673  10.338  6.025   1.00 31.94 ? 564 THR A CG2 1 
ATOM   100  N N   . GLU A 1 18  ? -2.114  7.684   8.058   1.00 26.53 ? 565 GLU A N   1 
ATOM   101  C CA  . GLU A 1 18  ? -1.392  7.830   9.321   1.00 28.82 ? 565 GLU A CA  1 
ATOM   102  C C   . GLU A 1 18  ? 0.080   7.442   9.165   1.00 27.26 ? 565 GLU A C   1 
ATOM   103  O O   . GLU A 1 18  ? 0.960   8.127   9.675   1.00 23.43 ? 565 GLU A O   1 
ATOM   104  C CB  . GLU A 1 18  ? -2.053  7.017   10.443  1.00 25.35 ? 565 GLU A CB  1 
ATOM   105  C CG  . GLU A 1 18  ? -1.251  7.022   11.742  1.00 34.52 ? 565 GLU A CG  1 
ATOM   106  C CD  . GLU A 1 18  ? -2.051  6.539   12.946  1.00 46.66 ? 565 GLU A CD  1 
ATOM   107  O OE1 . GLU A 1 18  ? -2.992  5.723   12.772  1.00 42.14 ? 565 GLU A OE1 1 
ATOM   108  O OE2 . GLU A 1 18  ? -1.729  6.979   14.072  1.00 46.11 ? 565 GLU A OE2 1 
ATOM   109  N N   . LEU A 1 19  ? 0.344   6.348   8.455   1.00 23.36 ? 566 LEU A N   1 
ATOM   110  C CA  . LEU A 1 19  ? 1.720   5.927   8.198   1.00 25.13 ? 566 LEU A CA  1 
ATOM   111  C C   . LEU A 1 19  ? 2.515   7.032   7.490   1.00 22.90 ? 566 LEU A C   1 
ATOM   112  O O   . LEU A 1 19  ? 3.628   7.357   7.894   1.00 23.57 ? 566 LEU A O   1 
ATOM   113  C CB  . LEU A 1 19  ? 1.749   4.649   7.360   1.00 21.25 ? 566 LEU A CB  1 
ATOM   114  C CG  . LEU A 1 19  ? 3.135   4.190   6.894   1.00 20.54 ? 566 LEU A CG  1 
ATOM   115  C CD1 . LEU A 1 19  ? 4.113   4.110   8.067   1.00 21.24 ? 566 LEU A CD1 1 
ATOM   116  C CD2 . LEU A 1 19  ? 3.064   2.845   6.157   1.00 19.94 ? 566 LEU A CD2 1 
ATOM   117  N N   . GLY A 1 20  ? 1.937   7.574   6.424   1.00 21.59 ? 567 GLY A N   1 
ATOM   118  C CA  . GLY A 1 20  ? 2.534   8.657   5.660   1.00 21.57 ? 567 GLY A CA  1 
ATOM   119  C C   . GLY A 1 20  ? 2.834   9.889   6.499   1.00 27.89 ? 567 GLY A C   1 
ATOM   120  O O   . GLY A 1 20  ? 3.885   10.513  6.329   1.00 25.23 ? 567 GLY A O   1 
ATOM   121  N N   . ASP A 1 21  ? 1.931   10.240  7.413   1.00 26.55 ? 568 ASP A N   1 
ATOM   122  C CA  . ASP A 1 21  ? 2.157   11.394  8.293   1.00 29.67 ? 568 ASP A CA  1 
ATOM   123  C C   . ASP A 1 21  ? 3.303   11.145  9.274   1.00 28.36 ? 568 ASP A C   1 
ATOM   124  O O   . ASP A 1 21  ? 4.119   12.028  9.517   1.00 26.98 ? 568 ASP A O   1 
ATOM   125  C CB  . ASP A 1 21  ? 0.895   11.754  9.074   1.00 29.52 ? 568 ASP A CB  1 
ATOM   126  C CG  . ASP A 1 21  ? -0.213  12.273  8.187   1.00 36.74 ? 568 ASP A CG  1 
ATOM   127  O OD1 . ASP A 1 21  ? 0.084   12.798  7.090   1.00 39.58 ? 568 ASP A OD1 1 
ATOM   128  O OD2 . ASP A 1 21  ? -1.389  12.165  8.595   1.00 41.17 ? 568 ASP A OD2 1 
ATOM   129  N N   . LEU A 1 22  ? 3.353   9.943   9.841   1.00 24.84 ? 569 LEU A N   1 
ATOM   130  C CA  . LEU A 1 22  ? 4.422   9.567   10.762  1.00 26.85 ? 569 LEU A CA  1 
ATOM   131  C C   . LEU A 1 22  ? 5.806   9.584   10.104  1.00 26.66 ? 569 LEU A C   1 
ATOM   132  O O   . LEU A 1 22  ? 6.769   10.097  10.685  1.00 25.15 ? 569 LEU A O   1 
ATOM   133  C CB  . LEU A 1 22  ? 4.158   8.182   11.375  1.00 25.45 ? 569 LEU A CB  1 
ATOM   134  C CG  . LEU A 1 22  ? 2.952   8.022   12.302  1.00 25.79 ? 569 LEU A CG  1 
ATOM   135  C CD1 . LEU A 1 22  ? 2.790   6.554   12.702  1.00 28.46 ? 569 LEU A CD1 1 
ATOM   136  C CD2 . LEU A 1 22  ? 3.092   8.911   13.543  1.00 31.07 ? 569 LEU A CD2 1 
ATOM   137  N N   . SER A 1 23  ? 5.919   9.022   8.902   1.00 20.55 ? 570 SER A N   1 
ATOM   138  C CA  . SER A 1 23  ? 7.230   8.943   8.266   1.00 22.17 ? 570 SER A CA  1 
ATOM   139  C C   . SER A 1 23  ? 7.619   10.318  7.754   1.00 25.74 ? 570 SER A C   1 
ATOM   140  O O   . SER A 1 23  ? 8.797   10.674  7.689   1.00 22.32 ? 570 SER A O   1 
ATOM   141  C CB  . SER A 1 23  ? 7.252   7.905   7.147   1.00 25.26 ? 570 SER A CB  1 
ATOM   142  O OG  . SER A 1 23  ? 6.386   8.277   6.099   1.00 22.92 ? 570 SER A OG  1 
ATOM   143  N N   . ASP A 1 24  ? 6.612   11.111  7.420   1.00 25.95 ? 571 ASP A N   1 
ATOM   144  C CA  . ASP A 1 24  ? 6.858   12.467  6.976   1.00 29.13 ? 571 ASP A CA  1 
ATOM   145  C C   . ASP A 1 24  ? 7.401   13.364  8.064   1.00 25.40 ? 571 ASP A C   1 
ATOM   146  O O   . ASP A 1 24  ? 8.322   14.149  7.831   1.00 24.88 ? 571 ASP A O   1 
ATOM   147  C CB  . ASP A 1 24  ? 5.584   13.083  6.447   1.00 30.55 ? 571 ASP A CB  1 
ATOM   148  C CG  . ASP A 1 24  ? 5.790   13.695  5.120   1.00 43.09 ? 571 ASP A CG  1 
ATOM   149  O OD1 . ASP A 1 24  ? 5.525   12.993  4.118   1.00 46.52 ? 571 ASP A OD1 1 
ATOM   150  O OD2 . ASP A 1 24  ? 6.263   14.853  5.082   1.00 30.13 ? 571 ASP A OD2 1 
ATOM   151  N N   . THR A 1 25  ? 6.788   13.274  9.237   1.00 25.51 ? 572 THR A N   1 
ATOM   152  C CA  . THR A 1 25  ? 7.235   14.022  10.394  1.00 26.73 ? 572 THR A CA  1 
ATOM   153  C C   . THR A 1 25  ? 8.667   13.626  10.747  1.00 26.96 ? 572 THR A C   1 
ATOM   154  O O   . THR A 1 25  ? 9.493   14.475  11.095  1.00 29.65 ? 572 THR A O   1 
ATOM   155  C CB  . THR A 1 25  ? 6.329   13.759  11.615  1.00 30.70 ? 572 THR A CB  1 
ATOM   156  O OG1 . THR A 1 25  ? 4.976   14.104  11.293  1.00 29.64 ? 572 THR A OG1 1 
ATOM   157  C CG2 . THR A 1 25  ? 6.783   14.614  12.796  1.00 31.33 ? 572 THR A CG2 1 
ATOM   158  N N   . LEU A 1 26  ? 8.974   12.341  10.641  1.00 21.99 ? 573 LEU A N   1 
ATOM   159  C CA  . LEU A 1 26  ? 10.300  11.864  11.032  1.00 25.68 ? 573 LEU A CA  1 
ATOM   160  C C   . LEU A 1 26  ? 11.343  12.246  9.994   1.00 23.67 ? 573 LEU A C   1 
ATOM   161  O O   . LEU A 1 26  ? 12.473  12.580  10.331  1.00 20.42 ? 573 LEU A O   1 
ATOM   162  C CB  . LEU A 1 26  ? 10.295  10.354  11.257  1.00 23.62 ? 573 LEU A CB  1 
ATOM   163  C CG  . LEU A 1 26  ? 11.609  9.736   11.722  1.00 25.47 ? 573 LEU A CG  1 
ATOM   164  C CD1 . LEU A 1 26  ? 12.151  10.444  12.987  1.00 24.33 ? 573 LEU A CD1 1 
ATOM   165  C CD2 . LEU A 1 26  ? 11.397  8.237   11.954  1.00 28.14 ? 573 LEU A CD2 1 
ATOM   166  N N   . LEU A 1 27  ? 10.955  12.198  8.725   1.00 22.67 ? 574 LEU A N   1 
ATOM   167  C CA  . LEU A 1 27  ? 11.829  12.638  7.646   1.00 24.14 ? 574 LEU A CA  1 
ATOM   168  C C   . LEU A 1 27  ? 12.267  14.083  7.880   1.00 26.28 ? 574 LEU A C   1 
ATOM   169  O O   . LEU A 1 27  ? 13.435  14.427  7.690   1.00 21.89 ? 574 LEU A O   1 
ATOM   170  C CB  . LEU A 1 27  ? 11.108  12.549  6.300   1.00 23.43 ? 574 LEU A CB  1 
ATOM   171  C CG  . LEU A 1 27  ? 11.901  12.256  5.018   1.00 31.66 ? 574 LEU A CG  1 
ATOM   172  C CD1 . LEU A 1 27  ? 11.154  12.816  3.806   1.00 35.00 ? 574 LEU A CD1 1 
ATOM   173  C CD2 . LEU A 1 27  ? 13.318  12.780  5.038   1.00 31.65 ? 574 LEU A CD2 1 
ATOM   174  N N   . SER A 1 28  ? 11.334  14.936  8.285   1.00 24.86 ? 575 SER A N   1 
ATOM   175  C CA  . SER A 1 28  ? 11.688  16.346  8.453   1.00 32.81 ? 575 SER A CA  1 
ATOM   176  C C   . SER A 1 28  ? 12.605  16.558  9.667   1.00 28.62 ? 575 SER A C   1 
ATOM   177  O O   . SER A 1 28  ? 13.526  17.377  9.610   1.00 24.37 ? 575 SER A O   1 
ATOM   178  C CB  . SER A 1 28  ? 10.444  17.250  8.484   1.00 33.33 ? 575 SER A CB  1 
ATOM   179  O OG  . SER A 1 28  ? 9.821   17.237  9.757   1.00 42.39 ? 575 SER A OG  1 
ATOM   180  N N   . LYS A 1 29  ? 12.381  15.795  10.741  1.00 24.87 ? 576 LYS A N   1 
ATOM   181  C CA  . LYS A 1 29  ? 13.269  15.822  11.900  1.00 27.50 ? 576 LYS A CA  1 
ATOM   182  C C   . LYS A 1 29  ? 14.678  15.340  11.559  1.00 26.09 ? 576 LYS A C   1 
ATOM   183  O O   . LYS A 1 29  ? 15.667  15.906  12.031  1.00 25.10 ? 576 LYS A O   1 
ATOM   184  C CB  . LYS A 1 29  ? 12.704  14.995  13.063  1.00 28.22 ? 576 LYS A CB  1 
ATOM   185  C CG  . LYS A 1 29  ? 11.356  15.495  13.553  1.00 35.23 ? 576 LYS A CG  1 
ATOM   186  C CD  . LYS A 1 29  ? 10.867  14.762  14.799  1.00 37.24 ? 576 LYS A CD  1 
ATOM   187  C CE  . LYS A 1 29  ? 9.422   15.179  15.095  1.00 42.01 ? 576 LYS A CE  1 
ATOM   188  N NZ  . LYS A 1 29  ? 8.784   14.390  16.180  1.00 48.69 ? 576 LYS A NZ  1 
ATOM   189  N N   . VAL A 1 30  ? 14.774  14.290  10.751  1.00 20.84 ? 577 VAL A N   1 
ATOM   190  C CA  . VAL A 1 30  ? 16.083  13.778  10.345  1.00 22.14 ? 577 VAL A CA  1 
ATOM   191  C C   . VAL A 1 30  ? 16.793  14.796  9.443   1.00 23.42 ? 577 VAL A C   1 
ATOM   192  O O   . VAL A 1 30  ? 17.976  15.071  9.640   1.00 24.61 ? 577 VAL A O   1 
ATOM   193  C CB  . VAL A 1 30  ? 15.974  12.392  9.664   1.00 24.96 ? 577 VAL A CB  1 
ATOM   194  C CG1 . VAL A 1 30  ? 17.301  12.002  9.031   1.00 25.89 ? 577 VAL A CG1 1 
ATOM   195  C CG2 . VAL A 1 30  ? 15.542  11.343  10.683  1.00 22.92 ? 577 VAL A CG2 1 
ATOM   196  N N   . ASP A 1 31  ? 16.060  15.370  8.482   1.00 22.61 ? 578 ASP A N   1 
ATOM   197  C CA  . ASP A 1 31  ? 16.587  16.466  7.652   1.00 25.68 ? 578 ASP A CA  1 
ATOM   198  C C   . ASP A 1 31  ? 17.144  17.625  8.488   1.00 23.74 ? 578 ASP A C   1 
ATOM   199  O O   . ASP A 1 31  ? 18.207  18.160  8.182   1.00 23.62 ? 578 ASP A O   1 
ATOM   200  C CB  . ASP A 1 31  ? 15.519  17.026  6.708   1.00 28.40 ? 578 ASP A CB  1 
ATOM   201  C CG  . ASP A 1 31  ? 15.247  16.121  5.521   1.00 37.00 ? 578 ASP A CG  1 
ATOM   202  O OD1 . ASP A 1 31  ? 16.022  15.161  5.296   1.00 41.49 ? 578 ASP A OD1 1 
ATOM   203  O OD2 . ASP A 1 31  ? 14.251  16.375  4.809   1.00 38.55 ? 578 ASP A OD2 1 
ATOM   204  N N   . ASP A 1 32  ? 16.399  18.036  9.512   1.00 25.10 ? 579 ASP A N   1 
ATOM   205  C CA  . ASP A 1 32  ? 16.824  19.119  10.388  1.00 27.83 ? 579 ASP A CA  1 
ATOM   206  C C   . ASP A 1 32  ? 18.098  18.741  11.129  1.00 26.78 ? 579 ASP A C   1 
ATOM   207  O O   . ASP A 1 32  ? 19.035  19.537  11.228  1.00 21.63 ? 579 ASP A O   1 
ATOM   208  C CB  . ASP A 1 32  ? 15.735  19.465  11.399  1.00 27.43 ? 579 ASP A CB  1 
ATOM   209  C CG  . ASP A 1 32  ? 14.624  20.292  10.792  1.00 37.68 ? 579 ASP A CG  1 
ATOM   210  O OD1 . ASP A 1 32  ? 14.825  20.837  9.679   1.00 38.76 ? 579 ASP A OD1 1 
ATOM   211  O OD2 . ASP A 1 32  ? 13.550  20.390  11.428  1.00 44.44 ? 579 ASP A OD2 1 
ATOM   212  N N   . LEU A 1 33  ? 18.128  17.516  11.644  1.00 22.70 ? 580 LEU A N   1 
ATOM   213  C CA  . LEU A 1 33  ? 19.284  17.015  12.376  1.00 22.79 ? 580 LEU A CA  1 
ATOM   214  C C   . LEU A 1 33  ? 20.512  16.989  11.493  1.00 20.72 ? 580 LEU A C   1 
ATOM   215  O O   . LEU A 1 33  ? 21.594  17.362  11.919  1.00 20.21 ? 580 LEU A O   1 
ATOM   216  C CB  . LEU A 1 33  ? 19.008  15.603  12.891  1.00 22.38 ? 580 LEU A CB  1 
ATOM   217  C CG  . LEU A 1 33  ? 18.323  15.548  14.245  1.00 26.05 ? 580 LEU A CG  1 
ATOM   218  C CD1 . LEU A 1 33  ? 17.843  14.131  14.535  1.00 24.33 ? 580 LEU A CD1 1 
ATOM   219  C CD2 . LEU A 1 33  ? 19.304  16.027  15.287  1.00 27.18 ? 580 LEU A CD2 1 
ATOM   220  N N   . GLN A 1 34  ? 20.343  16.522  10.261  1.00 20.64 ? 581 GLN A N   1 
ATOM   221  C CA  . GLN A 1 34  ? 21.451  16.458  9.321   1.00 19.86 ? 581 GLN A CA  1 
ATOM   222  C C   . GLN A 1 34  ? 22.028  17.848  9.049   1.00 23.74 ? 581 GLN A C   1 
ATOM   223  O O   . GLN A 1 34  ? 23.248  18.003  8.945   1.00 21.86 ? 581 GLN A O   1 
ATOM   224  C CB  . GLN A 1 34  ? 20.999  15.800  8.006   1.00 20.98 ? 581 GLN A CB  1 
ATOM   225  C CG  . GLN A 1 34  ? 20.818  14.269  8.080   1.00 22.43 ? 581 GLN A CG  1 
ATOM   226  C CD  . GLN A 1 34  ? 20.364  13.687  6.739   1.00 28.87 ? 581 GLN A CD  1 
ATOM   227  O OE1 . GLN A 1 34  ? 20.850  12.649  6.297   1.00 32.51 ? 581 GLN A OE1 1 
ATOM   228  N NE2 . GLN A 1 34  ? 19.450  14.378  6.081   1.00 23.73 ? 581 GLN A NE2 1 
ATOM   229  N N   . ASP A 1 35  ? 21.155  18.848  8.925   1.00 21.80 ? 582 ASP A N   1 
ATOM   230  C CA  . ASP A 1 35  ? 21.595  20.229  8.697   1.00 23.16 ? 582 ASP A CA  1 
ATOM   231  C C   . ASP A 1 35  ? 22.401  20.750  9.895   1.00 21.08 ? 582 ASP A C   1 
ATOM   232  O O   . ASP A 1 35  ? 23.498  21.293  9.735   1.00 18.56 ? 582 ASP A O   1 
ATOM   233  C CB  . ASP A 1 35  ? 20.389  21.141  8.426   1.00 26.02 ? 582 ASP A CB  1 
ATOM   234  C CG  . ASP A 1 35  ? 20.789  22.520  7.850   1.00 35.82 ? 582 ASP A CG  1 
ATOM   235  O OD1 . ASP A 1 35  ? 21.982  22.750  7.548   1.00 36.26 ? 582 ASP A OD1 1 
ATOM   236  O OD2 . ASP A 1 35  ? 19.895  23.382  7.691   1.00 35.35 ? 582 ASP A OD2 1 
ATOM   237  N N   . VAL A 1 36  ? 21.849  20.594  11.093  1.00 19.10 ? 583 VAL A N   1 
ATOM   238  C CA  . VAL A 1 36  ? 22.527  21.066  12.304  1.00 19.26 ? 583 VAL A CA  1 
ATOM   239  C C   . VAL A 1 36  ? 23.893  20.400  12.465  1.00 22.60 ? 583 VAL A C   1 
ATOM   240  O O   . VAL A 1 36  ? 24.893  21.059  12.750  1.00 20.69 ? 583 VAL A O   1 
ATOM   241  C CB  . VAL A 1 36  ? 21.678  20.813  13.567  1.00 22.01 ? 583 VAL A CB  1 
ATOM   242  C CG1 . VAL A 1 36  ? 22.509  21.052  14.827  1.00 23.60 ? 583 VAL A CG1 1 
ATOM   243  C CG2 . VAL A 1 36  ? 20.430  21.702  13.557  1.00 22.45 ? 583 VAL A CG2 1 
ATOM   244  N N   . ILE A 1 37  ? 23.929  19.090  12.266  1.00 18.15 ? 584 ILE A N   1 
ATOM   245  C CA  . ILE A 1 37  ? 25.154  18.319  12.422  1.00 17.31 ? 584 ILE A CA  1 
ATOM   246  C C   . ILE A 1 37  ? 26.202  18.631  11.351  1.00 18.29 ? 584 ILE A C   1 
ATOM   247  O O   . ILE A 1 37  ? 27.401  18.611  11.631  1.00 19.67 ? 584 ILE A O   1 
ATOM   248  C CB  . ILE A 1 37  ? 24.849  16.792  12.494  1.00 19.79 ? 584 ILE A CB  1 
ATOM   249  C CG1 . ILE A 1 37  ? 24.133  16.468  13.815  1.00 23.23 ? 584 ILE A CG1 1 
ATOM   250  C CG2 . ILE A 1 37  ? 26.130  15.970  12.359  1.00 20.17 ? 584 ILE A CG2 1 
ATOM   251  C CD1 . ILE A 1 37  ? 23.427  15.086  13.867  1.00 19.23 ? 584 ILE A CD1 1 
ATOM   252  N N   . GLU A 1 38  ? 25.765  18.945  10.135  1.00 19.42 ? 585 GLU A N   1 
ATOM   253  C CA  . GLU A 1 38  ? 26.709  19.304  9.081   1.00 21.72 ? 585 GLU A CA  1 
ATOM   254  C C   . GLU A 1 38  ? 27.358  20.658  9.380   1.00 20.76 ? 585 GLU A C   1 
ATOM   255  O O   . GLU A 1 38  ? 28.536  20.847  9.119   1.00 22.44 ? 585 GLU A O   1 
ATOM   256  C CB  . GLU A 1 38  ? 26.041  19.300  7.699   1.00 25.71 ? 585 GLU A CB  1 
ATOM   257  C CG  . GLU A 1 38  ? 26.898  19.893  6.554   1.00 26.45 ? 585 GLU A CG  1 
ATOM   258  C CD  . GLU A 1 38  ? 28.261  19.204  6.388   1.00 28.42 ? 585 GLU A CD  1 
ATOM   259  O OE1 . GLU A 1 38  ? 28.420  18.051  6.842   1.00 31.45 ? 585 GLU A OE1 1 
ATOM   260  O OE2 . GLU A 1 38  ? 29.173  19.813  5.792   1.00 29.05 ? 585 GLU A OE2 1 
ATOM   261  N N   . ILE A 1 39  ? 26.585  21.595  9.924   1.00 18.35 ? 586 ILE A N   1 
ATOM   262  C CA  . ILE A 1 39  ? 27.145  22.872  10.340  1.00 20.97 ? 586 ILE A CA  1 
ATOM   263  C C   . ILE A 1 39  ? 28.261  22.613  11.343  1.00 22.51 ? 586 ILE A C   1 
ATOM   264  O O   . ILE A 1 39  ? 29.352  23.184  11.230  1.00 20.26 ? 586 ILE A O   1 
ATOM   265  C CB  . ILE A 1 39  ? 26.072  23.813  10.939  1.00 22.52 ? 586 ILE A CB  1 
ATOM   266  C CG1 . ILE A 1 39  ? 25.157  24.336  9.822   1.00 22.10 ? 586 ILE A CG1 1 
ATOM   267  C CG2 . ILE A 1 39  ? 26.750  24.994  11.717  1.00 22.38 ? 586 ILE A CG2 1 
ATOM   268  C CD1 . ILE A 1 39  ? 23.848  24.942  10.302  1.00 18.78 ? 586 ILE A CD1 1 
ATOM   269  N N   . MET A 1 40  ? 27.992  21.723  12.299  1.00 17.56 ? 587 MET A N   1 
ATOM   270  C CA  . MET A 1 40  ? 28.979  21.337  13.316  1.00 20.48 ? 587 MET A CA  1 
ATOM   271  C C   . MET A 1 40  ? 30.223  20.696  12.706  1.00 21.57 ? 587 MET A C   1 
ATOM   272  O O   . MET A 1 40  ? 31.366  21.053  13.060  1.00 23.36 ? 587 MET A O   1 
ATOM   273  C CB  . MET A 1 40  ? 28.367  20.364  14.334  1.00 16.36 ? 587 MET A CB  1 
ATOM   274  C CG  . MET A 1 40  ? 27.295  20.961  15.249  1.00 19.99 ? 587 MET A CG  1 
ATOM   275  S SD  . MET A 1 40  ? 26.734  19.785  16.508  1.00 23.54 ? 587 MET A SD  1 
ATOM   276  C CE  . MET A 1 40  ? 25.695  20.834  17.525  1.00 24.37 ? 587 MET A CE  1 
ATOM   277  N N   . ARG A 1 41  ? 30.008  19.738  11.808  1.00 19.21 ? 588 ARG A N   1 
ATOM   278  C CA  . ARG A 1 41  ? 31.112  19.004  11.195  1.00 20.91 ? 588 ARG A CA  1 
ATOM   279  C C   . ARG A 1 41  ? 32.007  19.939  10.400  1.00 23.27 ? 588 ARG A C   1 
ATOM   280  O O   . ARG A 1 41  ? 33.234  19.830  10.446  1.00 24.08 ? 588 ARG A O   1 
ATOM   281  C CB  . ARG A 1 41  ? 30.602  17.890  10.272  1.00 20.00 ? 588 ARG A CB  1 
ATOM   282  C CG  . ARG A 1 41  ? 31.712  17.287  9.396   1.00 24.10 ? 588 ARG A CG  1 
ATOM   283  C CD  . ARG A 1 41  ? 31.309  15.959  8.747   1.00 24.14 ? 588 ARG A CD  1 
ATOM   284  N NE  . ARG A 1 41  ? 30.148  16.110  7.869   1.00 22.17 ? 588 ARG A NE  1 
ATOM   285  C CZ  . ARG A 1 41  ? 29.444  15.097  7.371   1.00 27.69 ? 588 ARG A CZ  1 
ATOM   286  N NH1 . ARG A 1 41  ? 29.772  13.841  7.654   1.00 25.41 ? 588 ARG A NH1 1 
ATOM   287  N NH2 . ARG A 1 41  ? 28.399  15.341  6.594   1.00 29.24 ? 588 ARG A NH2 1 
ATOM   288  N N   . LYS A 1 42  ? 31.383  20.848  9.660   1.00 19.18 ? 589 LYS A N   1 
ATOM   289  C CA  . LYS A 1 42  ? 32.121  21.768  8.806   1.00 26.28 ? 589 LYS A CA  1 
ATOM   290  C C   . LYS A 1 42  ? 32.992  22.679  9.659   1.00 27.99 ? 589 LYS A C   1 
ATOM   291  O O   . LYS A 1 42  ? 34.152  22.928  9.326   1.00 28.24 ? 589 LYS A O   1 
ATOM   292  C CB  . LYS A 1 42  ? 31.164  22.594  7.940   1.00 24.40 ? 589 LYS A CB  1 
ATOM   293  C CG  . LYS A 1 42  ? 31.838  23.304  6.781   1.00 34.84 ? 589 LYS A CG  1 
ATOM   294  C CD  . LYS A 1 42  ? 30.835  24.128  5.981   1.00 34.82 ? 589 LYS A CD  1 
ATOM   295  C CE  . LYS A 1 42  ? 29.824  23.240  5.265   1.00 35.81 ? 589 LYS A CE  1 
ATOM   296  N NZ  . LYS A 1 42  ? 30.466  22.518  4.138   1.00 36.61 ? 589 LYS A NZ  1 
ATOM   297  N N   . ASP A 1 43  ? 32.433  23.156  10.768  1.00 24.15 ? 590 ASP A N   1 
ATOM   298  C CA  . ASP A 1 43  ? 33.164  24.034  11.685  1.00 27.21 ? 590 ASP A CA  1 
ATOM   299  C C   . ASP A 1 43  ? 34.342  23.316  12.357  1.00 30.66 ? 590 ASP A C   1 
ATOM   300  O O   . ASP A 1 43  ? 35.436  23.870  12.458  1.00 30.87 ? 590 ASP A O   1 
ATOM   301  C CB  . ASP A 1 43  ? 32.232  24.602  12.760  1.00 23.96 ? 590 ASP A CB  1 
ATOM   302  C CG  . ASP A 1 43  ? 31.373  25.755  12.260  1.00 32.54 ? 590 ASP A CG  1 
ATOM   303  O OD1 . ASP A 1 43  ? 31.754  26.423  11.271  1.00 34.25 ? 590 ASP A OD1 1 
ATOM   304  O OD2 . ASP A 1 43  ? 30.313  26.007  12.879  1.00 32.98 ? 590 ASP A OD2 1 
ATOM   305  N N   . VAL A 1 44  ? 34.118  22.094  12.832  1.00 27.47 ? 591 VAL A N   1 
ATOM   306  C CA  . VAL A 1 44  ? 35.186  21.331  13.483  1.00 33.02 ? 591 VAL A CA  1 
ATOM   307  C C   . VAL A 1 44  ? 36.279  20.933  12.490  1.00 38.40 ? 591 VAL A C   1 
ATOM   308  O O   . VAL A 1 44  ? 37.464  21.194  12.713  1.00 37.11 ? 591 VAL A O   1 
ATOM   309  C CB  . VAL A 1 44  ? 34.657  20.077  14.211  1.00 32.02 ? 591 VAL A CB  1 
ATOM   310  C CG1 . VAL A 1 44  ? 35.821  19.259  14.763  1.00 37.80 ? 591 VAL A CG1 1 
ATOM   311  C CG2 . VAL A 1 44  ? 33.724  20.472  15.343  1.00 31.93 ? 591 VAL A CG2 1 
ATOM   312  N N   . ALA A 1 45  ? 35.867  20.325  11.381  1.00 32.58 ? 592 ALA A N   1 
ATOM   313  C CA  . ALA A 1 45  ? 36.786  19.844  10.349  1.00 36.19 ? 592 ALA A CA  1 
ATOM   314  C C   . ALA A 1 45  ? 37.715  20.903  9.757   1.00 38.36 ? 592 ALA A C   1 
ATOM   315  O O   . ALA A 1 45  ? 38.904  20.649  9.576   1.00 38.93 ? 592 ALA A O   1 
ATOM   316  C CB  . ALA A 1 45  ? 35.996  19.161  9.215   1.00 36.48 ? 592 ALA A CB  1 
ATOM   317  N N   . GLU A 1 46  ? 37.169  22.073  9.437   1.00 35.01 ? 593 GLU A N   1 
ATOM   318  C CA  . GLU A 1 46  ? 37.915  23.088  8.704   1.00 41.64 ? 593 GLU A CA  1 
ATOM   319  C C   . GLU A 1 46  ? 38.464  24.232  9.566   1.00 46.00 ? 593 GLU A C   1 
ATOM   320  O O   . GLU A 1 46  ? 39.378  24.935  9.140   1.00 46.44 ? 593 GLU A O   1 
ATOM   321  C CB  . GLU A 1 46  ? 37.042  23.687  7.601   1.00 47.40 ? 593 GLU A CB  1 
ATOM   322  C CG  . GLU A 1 46  ? 36.246  24.881  8.078   1.00 46.34 ? 593 GLU A CG  1 
ATOM   323  C CD  . GLU A 1 46  ? 35.230  25.374  7.064   1.00 51.64 ? 593 GLU A CD  1 
ATOM   324  O OE1 . GLU A 1 46  ? 34.483  26.313  7.408   1.00 53.73 ? 593 GLU A OE1 1 
ATOM   325  O OE2 . GLU A 1 46  ? 35.171  24.833  5.936   1.00 57.74 ? 593 GLU A OE2 1 
ATOM   326  N N   . ARG A 1 47  ? 37.895  24.441  10.750  1.00 39.81 ? 594 ARG A N   1 
ATOM   327  C CA  . ARG A 1 47  ? 38.285  25.572  11.591  1.00 42.31 ? 594 ARG A CA  1 
ATOM   328  C C   . ARG A 1 47  ? 38.688  25.085  12.959  1.00 38.61 ? 594 ARG A C   1 
ATOM   329  O O   . ARG A 1 47  ? 39.181  25.861  13.774  1.00 45.76 ? 594 ARG A O   1 
ATOM   330  C CB  . ARG A 1 47  ? 37.129  26.563  11.780  1.00 41.51 ? 594 ARG A CB  1 
ATOM   331  C CG  . ARG A 1 47  ? 36.408  26.980  10.519  1.00 46.13 ? 594 ARG A CG  1 
ATOM   332  C CD  . ARG A 1 47  ? 35.063  27.629  10.854  1.00 45.12 ? 594 ARG A CD  1 
ATOM   333  N NE  . ARG A 1 47  ? 35.195  29.019  11.289  1.00 48.35 ? 594 ARG A NE  1 
ATOM   334  C CZ  . ARG A 1 47  ? 34.252  29.683  11.955  1.00 46.21 ? 594 ARG A CZ  1 
ATOM   335  N NH1 . ARG A 1 47  ? 33.121  29.073  12.284  1.00 38.84 ? 594 ARG A NH1 1 
ATOM   336  N NH2 . ARG A 1 47  ? 34.447  30.950  12.310  1.00 38.56 ? 594 ARG A NH2 1 
ATOM   337  N N   . ARG A 1 48  ? 38.461  23.804  13.220  1.00 34.97 ? 595 ARG A N   1 
ATOM   338  C CA  . ARG A 1 48  ? 38.666  23.254  14.554  1.00 41.23 ? 595 ARG A CA  1 
ATOM   339  C C   . ARG A 1 48  ? 37.880  24.087  15.566  1.00 43.47 ? 595 ARG A C   1 
ATOM   340  O O   . ARG A 1 48  ? 38.240  24.147  16.745  1.00 39.08 ? 595 ARG A O   1 
ATOM   341  C CB  . ARG A 1 48  ? 40.151  23.241  14.922  1.00 49.52 ? 595 ARG A CB  1 
ATOM   342  C CG  . ARG A 1 48  ? 41.001  22.294  14.090  1.00 50.08 ? 595 ARG A CG  1 
ATOM   343  C CD  . ARG A 1 48  ? 42.478  22.613  14.291  1.00 58.00 ? 595 ARG A CD  1 
ATOM   344  N NE  . ARG A 1 48  ? 43.354  21.596  13.718  1.00 54.78 ? 595 ARG A NE  1 
ATOM   345  C CZ  . ARG A 1 48  ? 43.980  20.666  14.430  1.00 59.11 ? 595 ARG A CZ  1 
ATOM   346  N NH1 . ARG A 1 48  ? 43.829  20.627  15.750  1.00 58.75 ? 595 ARG A NH1 1 
ATOM   347  N NH2 . ARG A 1 48  ? 44.759  19.780  13.825  1.00 59.00 ? 595 ARG A NH2 1 
ATOM   348  N N   . SER A 1 49  ? 36.816  24.733  15.088  1.00 36.13 ? 596 SER A N   1 
ATOM   349  C CA  . SER A 1 49  ? 35.915  25.500  15.942  1.00 36.62 ? 596 SER A CA  1 
ATOM   350  C C   . SER A 1 49  ? 34.790  24.605  16.466  1.00 34.93 ? 596 SER A C   1 
ATOM   351  O O   . SER A 1 49  ? 34.100  23.944  15.687  1.00 30.91 ? 596 SER A O   1 
ATOM   352  C CB  . SER A 1 49  ? 35.333  26.687  15.173  1.00 32.79 ? 596 SER A CB  1 
ATOM   353  O OG  . SER A 1 49  ? 34.420  27.406  15.979  1.00 32.37 ? 596 SER A OG  1 
ATOM   354  N N   . GLN A 1 50  ? 34.612  24.598  17.783  1.00 33.90 ? 597 GLN A N   1 
ATOM   355  C CA  . GLN A 1 50  ? 33.666  23.697  18.441  1.00 31.92 ? 597 GLN A CA  1 
ATOM   356  C C   . GLN A 1 50  ? 32.264  24.292  18.545  1.00 29.78 ? 597 GLN A C   1 
ATOM   357  O O   . GLN A 1 50  ? 32.111  25.501  18.682  1.00 30.82 ? 597 GLN A O   1 
ATOM   358  C CB  . GLN A 1 50  ? 34.166  23.336  19.843  1.00 31.26 ? 597 GLN A CB  1 
ATOM   359  C CG  . GLN A 1 50  ? 35.559  22.699  19.865  1.00 36.76 ? 597 GLN A CG  1 
ATOM   360  C CD  . GLN A 1 50  ? 36.028  22.347  21.267  1.00 41.94 ? 597 GLN A CD  1 
ATOM   361  O OE1 . GLN A 1 50  ? 35.257  22.390  22.228  1.00 39.79 ? 597 GLN A OE1 1 
ATOM   362  N NE2 . GLN A 1 50  ? 37.302  21.987  21.389  1.00 44.48 ? 597 GLN A NE2 1 
ATOM   363  N N   . PRO A 1 51  ? 31.234  23.432  18.509  1.00 25.80 ? 598 PRO A N   1 
ATOM   364  C CA  . PRO A 1 51  ? 29.857  23.893  18.727  1.00 24.59 ? 598 PRO A CA  1 
ATOM   365  C C   . PRO A 1 51  ? 29.642  24.345  20.165  1.00 24.60 ? 598 PRO A C   1 
ATOM   366  O O   . PRO A 1 51  ? 30.349  23.909  21.078  1.00 20.98 ? 598 PRO A O   1 
ATOM   367  C CB  . PRO A 1 51  ? 29.018  22.627  18.483  1.00 22.14 ? 598 PRO A CB  1 
ATOM   368  C CG  . PRO A 1 51  ? 29.916  21.690  17.744  1.00 28.97 ? 598 PRO A CG  1 
ATOM   369  C CD  . PRO A 1 51  ? 31.293  21.984  18.245  1.00 28.21 ? 598 PRO A CD  1 
ATOM   370  N N   . ALA A 1 52  ? 28.653  25.199  20.369  1.00 19.36 ? 599 ALA A N   1 
ATOM   371  C CA  . ALA A 1 52  ? 28.283  25.578  21.720  1.00 22.62 ? 599 ALA A CA  1 
ATOM   372  C C   . ALA A 1 52  ? 27.823  24.345  22.499  1.00 24.28 ? 599 ALA A C   1 
ATOM   373  O O   . ALA A 1 52  ? 27.227  23.412  21.934  1.00 20.77 ? 599 ALA A O   1 
ATOM   374  C CB  . ALA A 1 52  ? 27.182  26.640  21.696  1.00 22.83 ? 599 ALA A CB  1 
ATOM   375  N N   . LYS A 1 53  ? 28.093  24.340  23.797  1.00 20.98 ? 600 LYS A N   1 
ATOM   376  C CA  . LYS A 1 53  ? 27.706  23.222  24.649  1.00 23.17 ? 600 LYS A CA  1 
ATOM   377  C C   . LYS A 1 53  ? 26.199  23.012  24.668  1.00 28.61 ? 600 LYS A C   1 
ATOM   378  O O   . LYS A 1 53  ? 25.735  21.877  24.662  1.00 31.11 ? 600 LYS A O   1 
ATOM   379  C CB  . LYS A 1 53  ? 28.246  23.405  26.070  1.00 30.34 ? 600 LYS A CB  1 
ATOM   380  C CG  . LYS A 1 53  ? 29.631  22.799  26.277  1.00 40.19 ? 600 LYS A CG  1 
ATOM   381  C CD  . LYS A 1 53  ? 30.627  23.274  25.218  1.00 43.42 ? 600 LYS A CD  1 
ATOM   382  C CE  . LYS A 1 53  ? 31.697  22.212  24.939  1.00 48.05 ? 600 LYS A CE  1 
ATOM   383  N NZ  . LYS A 1 53  ? 32.130  22.233  23.497  1.00 48.23 ? 600 LYS A NZ  1 
ATOM   384  N N   . LYS A 1 54  ? 25.432  24.098  24.671  1.00 29.13 ? 601 LYS A N   1 
ATOM   385  C CA  . LYS A 1 54  ? 23.979  23.970  24.677  1.00 33.45 ? 601 LYS A CA  1 
ATOM   386  C C   . LYS A 1 54  ? 23.470  23.309  23.398  1.00 33.54 ? 601 LYS A C   1 
ATOM   387  O O   . LYS A 1 54  ? 22.440  22.639  23.410  1.00 33.85 ? 601 LYS A O   1 
ATOM   388  C CB  . LYS A 1 54  ? 23.280  25.320  24.911  1.00 34.98 ? 601 LYS A CB  1 
ATOM   389  C CG  . LYS A 1 54  ? 23.330  26.321  23.755  1.00 40.44 ? 601 LYS A CG  1 
ATOM   390  C CD  . LYS A 1 54  ? 22.507  25.901  22.527  1.00 42.17 ? 601 LYS A CD  1 
ATOM   391  C CE  . LYS A 1 54  ? 21.036  25.624  22.847  1.00 45.15 ? 601 LYS A CE  1 
ATOM   392  N NZ  . LYS A 1 54  ? 20.362  24.909  21.711  1.00 41.72 ? 601 LYS A NZ  1 
ATOM   393  N N   . LYS A 1 55  ? 24.184  23.509  22.295  1.00 29.79 ? 602 LYS A N   1 
ATOM   394  C CA  . LYS A 1 55  ? 23.779  22.919  21.026  1.00 28.43 ? 602 LYS A CA  1 
ATOM   395  C C   . LYS A 1 55  ? 24.089  21.427  21.016  1.00 27.54 ? 602 LYS A C   1 
ATOM   396  O O   . LYS A 1 55  ? 23.316  20.637  20.492  1.00 27.16 ? 602 LYS A O   1 
ATOM   397  C CB  . LYS A 1 55  ? 24.470  23.608  19.858  1.00 26.04 ? 602 LYS A CB  1 
ATOM   398  C CG  . LYS A 1 55  ? 23.564  23.849  18.667  1.00 39.19 ? 602 LYS A CG  1 
ATOM   399  C CD  . LYS A 1 55  ? 23.783  25.250  18.118  1.00 33.49 ? 602 LYS A CD  1 
ATOM   400  C CE  . LYS A 1 55  ? 22.538  25.758  17.440  1.00 36.49 ? 602 LYS A CE  1 
ATOM   401  N NZ  . LYS A 1 55  ? 21.404  25.921  18.396  1.00 39.53 ? 602 LYS A NZ  1 
ATOM   402  N N   . LEU A 1 56  ? 25.225  21.038  21.583  1.00 24.74 ? 603 LEU A N   1 
ATOM   403  C CA  . LEU A 1 56  ? 25.543  19.623  21.687  1.00 25.76 ? 603 LEU A CA  1 
ATOM   404  C C   . LEU A 1 56  ? 24.451  18.925  22.483  1.00 27.94 ? 603 LEU A C   1 
ATOM   405  O O   . LEU A 1 56  ? 24.047  17.807  22.163  1.00 25.22 ? 603 LEU A O   1 
ATOM   406  C CB  . LEU A 1 56  ? 26.900  19.405  22.352  1.00 22.84 ? 603 LEU A CB  1 
ATOM   407  C CG  . LEU A 1 56  ? 28.134  19.931  21.614  1.00 25.32 ? 603 LEU A CG  1 
ATOM   408  C CD1 . LEU A 1 56  ? 29.378  19.784  22.478  1.00 27.93 ? 603 LEU A CD1 1 
ATOM   409  C CD2 . LEU A 1 56  ? 28.319  19.223  20.288  1.00 25.86 ? 603 LEU A CD2 1 
ATOM   410  N N   . GLU A 1 57  ? 23.974  19.592  23.530  1.00 30.38 ? 604 GLU A N   1 
ATOM   411  C CA  . GLU A 1 57  ? 22.955  19.005  24.390  1.00 32.98 ? 604 GLU A CA  1 
ATOM   412  C C   . GLU A 1 57  ? 21.639  18.833  23.652  1.00 29.71 ? 604 GLU A C   1 
ATOM   413  O O   . GLU A 1 57  ? 20.999  17.794  23.763  1.00 30.05 ? 604 GLU A O   1 
ATOM   414  C CB  . GLU A 1 57  ? 22.740  19.849  25.651  1.00 36.31 ? 604 GLU A CB  1 
ATOM   415  C CG  . GLU A 1 57  ? 23.900  19.811  26.623  1.00 38.68 ? 604 GLU A CG  1 
ATOM   416  C CD  . GLU A 1 57  ? 23.760  20.835  27.747  1.00 52.23 ? 604 GLU A CD  1 
ATOM   417  O OE1 . GLU A 1 57  ? 22.983  21.805  27.583  1.00 52.00 ? 604 GLU A OE1 1 
ATOM   418  O OE2 . GLU A 1 57  ? 24.429  20.670  28.794  1.00 51.95 ? 604 GLU A OE2 1 
ATOM   419  N N   . THR A 1 58  ? 21.228  19.850  22.907  1.00 27.71 ? 605 THR A N   1 
ATOM   420  C CA  . THR A 1 58  ? 19.932  19.772  22.261  1.00 34.62 ? 605 THR A CA  1 
ATOM   421  C C   . THR A 1 58  ? 19.983  18.779  21.110  1.00 32.37 ? 605 THR A C   1 
ATOM   422  O O   . THR A 1 58  ? 19.015  18.062  20.879  1.00 29.03 ? 605 THR A O   1 
ATOM   423  C CB  . THR A 1 58  ? 19.396  21.143  21.811  1.00 37.28 ? 605 THR A CB  1 
ATOM   424  O OG1 . THR A 1 58  ? 20.149  21.622  20.691  1.00 39.12 ? 605 THR A OG1 1 
ATOM   425  C CG2 . THR A 1 58  ? 19.480  22.138  22.956  1.00 36.46 ? 605 THR A CG2 1 
ATOM   426  N N   . VAL A 1 59  ? 21.119  18.697  20.416  1.00 25.93 ? 606 VAL A N   1 
ATOM   427  C CA  . VAL A 1 59  ? 21.235  17.699  19.356  1.00 28.91 ? 606 VAL A CA  1 
ATOM   428  C C   . VAL A 1 59  ? 21.227  16.283  19.940  1.00 24.67 ? 606 VAL A C   1 
ATOM   429  O O   . VAL A 1 59  ? 20.609  15.377  19.387  1.00 21.77 ? 606 VAL A O   1 
ATOM   430  C CB  . VAL A 1 59  ? 22.474  17.900  18.474  1.00 27.54 ? 606 VAL A CB  1 
ATOM   431  C CG1 . VAL A 1 59  ? 22.690  16.674  17.583  1.00 24.49 ? 606 VAL A CG1 1 
ATOM   432  C CG2 . VAL A 1 59  ? 22.305  19.146  17.623  1.00 27.15 ? 606 VAL A CG2 1 
ATOM   433  N N   . SER A 1 60  ? 21.907  16.101  21.064  1.00 20.54 ? 607 SER A N   1 
ATOM   434  C CA  . SER A 1 60  ? 21.925  14.800  21.698  1.00 24.79 ? 607 SER A CA  1 
ATOM   435  C C   . SER A 1 60  ? 20.488  14.342  21.927  1.00 29.03 ? 607 SER A C   1 
ATOM   436  O O   . SER A 1 60  ? 20.129  13.210  21.593  1.00 28.65 ? 607 SER A O   1 
ATOM   437  C CB  . SER A 1 60  ? 22.692  14.841  23.020  1.00 27.24 ? 607 SER A CB  1 
ATOM   438  O OG  . SER A 1 60  ? 22.791  13.534  23.542  1.00 33.79 ? 607 SER A OG  1 
ATOM   439  N N   . LYS A 1 61  ? 19.653  15.231  22.462  1.00 26.76 ? 608 LYS A N   1 
ATOM   440  C CA  . LYS A 1 61  ? 18.274  14.852  22.749  1.00 32.38 ? 608 LYS A CA  1 
ATOM   441  C C   . LYS A 1 61  ? 17.408  14.713  21.500  1.00 28.64 ? 608 LYS A C   1 
ATOM   442  O O   . LYS A 1 61  ? 16.509  13.881  21.479  1.00 26.35 ? 608 LYS A O   1 
ATOM   443  C CB  . LYS A 1 61  ? 17.623  15.779  23.783  1.00 35.79 ? 608 LYS A CB  1 
ATOM   444  C CG  . LYS A 1 61  ? 17.314  17.179  23.317  1.00 43.25 ? 608 LYS A CG  1 
ATOM   445  C CD  . LYS A 1 61  ? 17.089  18.084  24.533  1.00 50.97 ? 608 LYS A CD  1 
ATOM   446  C CE  . LYS A 1 61  ? 16.761  19.515  24.137  1.00 46.32 ? 608 LYS A CE  1 
ATOM   447  N NZ  . LYS A 1 61  ? 16.864  20.452  25.295  1.00 56.85 ? 608 LYS A NZ  1 
ATOM   448  N N   . ASP A 1 62  ? 17.676  15.512  20.466  1.00 27.25 ? 609 ASP A N   1 
ATOM   449  C CA  . ASP A 1 62  ? 16.949  15.375  19.207  1.00 28.80 ? 609 ASP A CA  1 
ATOM   450  C C   . ASP A 1 62  ? 17.258  14.029  18.553  1.00 23.41 ? 609 ASP A C   1 
ATOM   451  O O   . ASP A 1 62  ? 16.391  13.428  17.943  1.00 22.91 ? 609 ASP A O   1 
ATOM   452  C CB  . ASP A 1 62  ? 17.274  16.509  18.227  1.00 26.27 ? 609 ASP A CB  1 
ATOM   453  C CG  . ASP A 1 62  ? 16.730  17.859  18.684  1.00 36.52 ? 609 ASP A CG  1 
ATOM   454  O OD1 . ASP A 1 62  ? 17.179  18.896  18.148  1.00 36.32 ? 609 ASP A OD1 1 
ATOM   455  O OD2 . ASP A 1 62  ? 15.853  17.885  19.577  1.00 38.24 ? 609 ASP A OD2 1 
ATOM   456  N N   . LEU A 1 63  ? 18.502  13.577  18.671  1.00 21.87 ? 610 LEU A N   1 
ATOM   457  C CA  . LEU A 1 63  ? 18.903  12.277  18.139  1.00 23.30 ? 610 LEU A CA  1 
ATOM   458  C C   . LEU A 1 63  ? 18.215  11.143  18.892  1.00 25.09 ? 610 LEU A C   1 
ATOM   459  O O   . LEU A 1 63  ? 17.765  10.176  18.282  1.00 25.41 ? 610 LEU A O   1 
ATOM   460  C CB  . LEU A 1 63  ? 20.428  12.099  18.200  1.00 23.11 ? 610 LEU A CB  1 
ATOM   461  C CG  . LEU A 1 63  ? 21.288  12.846  17.169  1.00 24.78 ? 610 LEU A CG  1 
ATOM   462  C CD1 . LEU A 1 63  ? 22.757  12.884  17.598  1.00 22.43 ? 610 LEU A CD1 1 
ATOM   463  C CD2 . LEU A 1 63  ? 21.143  12.195  15.789  1.00 21.89 ? 610 LEU A CD2 1 
ATOM   464  N N   . GLU A 1 64  ? 18.141  11.269  20.215  1.00 22.97 ? 611 GLU A N   1 
ATOM   465  C CA  . GLU A 1 64  ? 17.463  10.281  21.052  1.00 29.48 ? 611 GLU A CA  1 
ATOM   466  C C   . GLU A 1 64  ? 15.978  10.214  20.717  1.00 26.89 ? 611 GLU A C   1 
ATOM   467  O O   . GLU A 1 64  ? 15.400  9.130   20.637  1.00 27.11 ? 611 GLU A O   1 
ATOM   468  C CB  . GLU A 1 64  ? 17.651  10.602  22.542  1.00 28.34 ? 611 GLU A CB  1 
ATOM   469  C CG  . GLU A 1 64  ? 19.098  10.526  22.997  1.00 37.12 ? 611 GLU A CG  1 
ATOM   470  C CD  . GLU A 1 64  ? 19.256  10.577  24.513  1.00 45.90 ? 611 GLU A CD  1 
ATOM   471  O OE1 . GLU A 1 64  ? 18.243  10.783  25.223  1.00 47.02 ? 611 GLU A OE1 1 
ATOM   472  O OE2 . GLU A 1 64  ? 20.400  10.404  24.989  1.00 51.33 ? 611 GLU A OE2 1 
ATOM   473  N N   . ASN A 1 65  ? 15.363  11.374  20.515  1.00 23.91 ? 612 ASN A N   1 
ATOM   474  C CA  . ASN A 1 65  ? 13.958  11.426  20.133  1.00 28.74 ? 612 ASN A CA  1 
ATOM   475  C C   . ASN A 1 65  ? 13.681  10.828  18.749  1.00 28.22 ? 612 ASN A C   1 
ATOM   476  O O   . ASN A 1 65  ? 12.650  10.188  18.540  1.00 26.59 ? 612 ASN A O   1 
ATOM   477  C CB  . ASN A 1 65  ? 13.430  12.856  20.216  1.00 29.27 ? 612 ASN A CB  1 
ATOM   478  C CG  . ASN A 1 65  ? 13.343  13.362  21.652  1.00 36.63 ? 612 ASN A CG  1 
ATOM   479  O OD1 . ASN A 1 65  ? 13.347  12.577  22.604  1.00 38.92 ? 612 ASN A OD1 1 
ATOM   480  N ND2 . ASN A 1 65  ? 13.261  14.672  21.808  1.00 37.82 ? 612 ASN A ND2 1 
ATOM   481  N N   . ALA A 1 66  ? 14.592  11.036  17.806  1.00 25.23 ? 613 ALA A N   1 
ATOM   482  C CA  . ALA A 1 66  ? 14.417  10.470  16.473  1.00 25.28 ? 613 ALA A CA  1 
ATOM   483  C C   . ALA A 1 66  ? 14.581  8.951   16.510  1.00 26.05 ? 613 ALA A C   1 
ATOM   484  O O   . ALA A 1 66  ? 13.897  8.234   15.785  1.00 25.25 ? 613 ALA A O   1 
ATOM   485  C CB  . ALA A 1 66  ? 15.380  11.091  15.482  1.00 20.15 ? 613 ALA A CB  1 
ATOM   486  N N   . GLN A 1 67  ? 15.484  8.466   17.354  1.00 25.88 ? 614 GLN A N   1 
ATOM   487  C CA  . GLN A 1 67  ? 15.659  7.025   17.549  1.00 28.54 ? 614 GLN A CA  1 
ATOM   488  C C   . GLN A 1 67  ? 14.367  6.389   18.051  1.00 27.85 ? 614 GLN A C   1 
ATOM   489  O O   . GLN A 1 67  ? 13.953  5.331   17.573  1.00 27.45 ? 614 GLN A O   1 
ATOM   490  C CB  . GLN A 1 67  ? 16.781  6.741   18.555  1.00 29.28 ? 614 GLN A CB  1 
ATOM   491  C CG  . GLN A 1 67  ? 18.189  6.886   18.011  1.00 34.63 ? 614 GLN A CG  1 
ATOM   492  C CD  . GLN A 1 67  ? 19.251  6.642   19.085  1.00 42.12 ? 614 GLN A CD  1 
ATOM   493  O OE1 . GLN A 1 67  ? 19.223  7.254   20.154  1.00 41.55 ? 614 GLN A OE1 1 
ATOM   494  N NE2 . GLN A 1 67  ? 20.181  5.735   18.805  1.00 40.51 ? 614 GLN A NE2 1 
ATOM   495  N N   . ALA A 1 68  ? 13.737  7.039   19.024  1.00 25.40 ? 615 ALA A N   1 
ATOM   496  C CA  . ALA A 1 68  ? 12.473  6.554   19.572  1.00 28.43 ? 615 ALA A CA  1 
ATOM   497  C C   . ALA A 1 68  ? 11.370  6.566   18.512  1.00 28.52 ? 615 ALA A C   1 
ATOM   498  O O   . ALA A 1 68  ? 10.562  5.637   18.432  1.00 25.88 ? 615 ALA A O   1 
ATOM   499  C CB  . ALA A 1 68  ? 12.065  7.392   20.790  1.00 28.71 ? 615 ALA A CB  1 
ATOM   500  N N   . ASP A 1 69  ? 11.335  7.621   17.700  1.00 24.95 ? 616 ASP A N   1 
ATOM   501  C CA  . ASP A 1 69  ? 10.318  7.749   16.662  1.00 26.87 ? 616 ASP A CA  1 
ATOM   502  C C   . ASP A 1 69  ? 10.500  6.700   15.569  1.00 25.63 ? 616 ASP A C   1 
ATOM   503  O O   . ASP A 1 69  ? 9.523   6.204   15.001  1.00 23.24 ? 616 ASP A O   1 
ATOM   504  C CB  . ASP A 1 69  ? 10.337  9.148   16.043  1.00 26.55 ? 616 ASP A CB  1 
ATOM   505  C CG  . ASP A 1 69  ? 9.940   10.237  17.034  1.00 33.32 ? 616 ASP A CG  1 
ATOM   506  O OD1 . ASP A 1 69  ? 9.488   9.917   18.156  1.00 32.81 ? 616 ASP A OD1 1 
ATOM   507  O OD2 . ASP A 1 69  ? 10.077  11.426  16.685  1.00 40.33 ? 616 ASP A OD2 1 
ATOM   508  N N   . VAL A 1 70  ? 11.754  6.395   15.264  1.00 21.17 ? 617 VAL A N   1 
ATOM   509  C CA  . VAL A 1 70  ? 12.101  5.363   14.293  1.00 23.60 ? 617 VAL A CA  1 
ATOM   510  C C   . VAL A 1 70  ? 11.549  4.001   14.734  1.00 23.00 ? 617 VAL A C   1 
ATOM   511  O O   . VAL A 1 70  ? 11.000  3.233   13.925  1.00 22.71 ? 617 VAL A O   1 
ATOM   512  C CB  . VAL A 1 70  ? 13.642  5.263   14.132  1.00 28.40 ? 617 VAL A CB  1 
ATOM   513  C CG1 . VAL A 1 70  ? 14.054  3.877   13.692  1.00 34.79 ? 617 VAL A CG1 1 
ATOM   514  C CG2 . VAL A 1 70  ? 14.138  6.307   13.157  1.00 35.84 ? 617 VAL A CG2 1 
ATOM   515  N N   . LEU A 1 71  ? 11.691  3.702   16.020  1.00 24.10 ? 618 LEU A N   1 
ATOM   516  C CA  . LEU A 1 71  ? 11.181  2.442   16.550  1.00 27.98 ? 618 LEU A CA  1 
ATOM   517  C C   . LEU A 1 71  ? 9.661   2.377   16.457  1.00 25.97 ? 618 LEU A C   1 
ATOM   518  O O   . LEU A 1 71  ? 9.112   1.358   16.062  1.00 23.84 ? 618 LEU A O   1 
ATOM   519  C CB  . LEU A 1 71  ? 11.642  2.216   17.989  1.00 27.65 ? 618 LEU A CB  1 
ATOM   520  C CG  . LEU A 1 71  ? 13.161  2.082   18.151  1.00 35.35 ? 618 LEU A CG  1 
ATOM   521  C CD1 . LEU A 1 71  ? 13.548  1.838   19.610  1.00 38.24 ? 618 LEU A CD1 1 
ATOM   522  C CD2 . LEU A 1 71  ? 13.720  0.982   17.247  1.00 35.10 ? 618 LEU A CD2 1 
ATOM   523  N N   . LYS A 1 72  ? 8.992   3.468   16.822  1.00 23.10 ? 619 LYS A N   1 
ATOM   524  C CA  . LYS A 1 72  ? 7.540   3.544   16.745  1.00 27.70 ? 619 LYS A CA  1 
ATOM   525  C C   . LYS A 1 72  ? 7.030   3.421   15.307  1.00 24.99 ? 619 LYS A C   1 
ATOM   526  O O   . LYS A 1 72  ? 6.002   2.808   15.064  1.00 24.37 ? 619 LYS A O   1 
ATOM   527  C CB  . LYS A 1 72  ? 7.037   4.834   17.391  1.00 26.60 ? 619 LYS A CB  1 
ATOM   528  C CG  . LYS A 1 72  ? 7.002   4.757   18.911  1.00 33.40 ? 619 LYS A CG  1 
ATOM   529  C CD  . LYS A 1 72  ? 6.994   6.142   19.542  1.00 44.92 ? 619 LYS A CD  1 
ATOM   530  C CE  . LYS A 1 72  ? 7.505   6.095   20.983  1.00 47.53 ? 619 LYS A CE  1 
ATOM   531  N NZ  . LYS A 1 72  ? 7.740   7.458   21.540  1.00 52.76 ? 619 LYS A NZ  1 
ATOM   532  N N   . LEU A 1 73  ? 7.762   4.000   14.360  1.00 22.87 ? 620 LEU A N   1 
ATOM   533  C CA  . LEU A 1 73  ? 7.398   3.913   12.952  1.00 22.13 ? 620 LEU A CA  1 
ATOM   534  C C   . LEU A 1 73  ? 7.480   2.468   12.456  1.00 23.93 ? 620 LEU A C   1 
ATOM   535  O O   . LEU A 1 73  ? 6.585   1.991   11.754  1.00 22.43 ? 620 LEU A O   1 
ATOM   536  C CB  . LEU A 1 73  ? 8.303   4.811   12.107  1.00 21.34 ? 620 LEU A CB  1 
ATOM   537  C CG  . LEU A 1 73  ? 8.012   4.845   10.605  1.00 24.22 ? 620 LEU A CG  1 
ATOM   538  C CD1 . LEU A 1 73  ? 6.597   5.331   10.378  1.00 19.75 ? 620 LEU A CD1 1 
ATOM   539  C CD2 . LEU A 1 73  ? 9.035   5.724   9.845   1.00 19.78 ? 620 LEU A CD2 1 
ATOM   540  N N   . GLN A 1 74  ? 8.556   1.777   12.818  1.00 23.67 ? 621 GLN A N   1 
ATOM   541  C CA  . GLN A 1 74  ? 8.719   0.377   12.449  1.00 24.34 ? 621 GLN A CA  1 
ATOM   542  C C   . GLN A 1 74  ? 7.618   -0.486  13.071  1.00 24.77 ? 621 GLN A C   1 
ATOM   543  O O   . GLN A 1 74  ? 7.091   -1.395  12.423  1.00 22.45 ? 621 GLN A O   1 
ATOM   544  C CB  . GLN A 1 74  ? 10.091  -0.152  12.883  1.00 24.93 ? 621 GLN A CB  1 
ATOM   545  C CG  . GLN A 1 74  ? 10.362  -1.578  12.386  1.00 25.56 ? 621 GLN A CG  1 
ATOM   546  C CD  . GLN A 1 74  ? 10.516  -1.645  10.872  1.00 27.93 ? 621 GLN A CD  1 
ATOM   547  O OE1 . GLN A 1 74  ? 11.466  -1.093  10.315  1.00 27.56 ? 621 GLN A OE1 1 
ATOM   548  N NE2 . GLN A 1 74  ? 9.571   -2.312  10.197  1.00 23.52 ? 621 GLN A NE2 1 
ATOM   549  N N   . GLU A 1 75  ? 7.281   -0.214  14.328  1.00 22.36 ? 622 GLU A N   1 
ATOM   550  C CA  . GLU A 1 75  ? 6.199   -0.947  14.989  1.00 26.89 ? 622 GLU A CA  1 
ATOM   551  C C   . GLU A 1 75  ? 4.850   -0.721  14.298  1.00 25.60 ? 622 GLU A C   1 
ATOM   552  O O   . GLU A 1 75  ? 4.036   -1.628  14.215  1.00 26.43 ? 622 GLU A O   1 
ATOM   553  C CB  . GLU A 1 75  ? 6.098   -0.574  16.472  1.00 28.66 ? 622 GLU A CB  1 
ATOM   554  C CG  . GLU A 1 75  ? 7.314   -0.968  17.299  1.00 36.93 ? 622 GLU A CG  1 
ATOM   555  C CD  . GLU A 1 75  ? 7.279   -0.389  18.711  1.00 48.08 ? 622 GLU A CD  1 
ATOM   556  O OE1 . GLU A 1 75  ? 6.203   0.095   19.136  1.00 51.63 ? 622 GLU A OE1 1 
ATOM   557  O OE2 . GLU A 1 75  ? 8.330   -0.419  19.394  1.00 50.30 ? 622 GLU A OE2 1 
ATOM   558  N N   . PHE A 1 76  ? 4.610   0.491   13.816  1.00 23.34 ? 623 PHE A N   1 
ATOM   559  C CA  . PHE A 1 76  ? 3.372   0.776   13.092  1.00 24.21 ? 623 PHE A CA  1 
ATOM   560  C C   . PHE A 1 76  ? 3.291   -0.075  11.824  1.00 24.34 ? 623 PHE A C   1 
ATOM   561  O O   . PHE A 1 76  ? 2.279   -0.743  11.563  1.00 23.83 ? 623 PHE A O   1 
ATOM   562  C CB  . PHE A 1 76  ? 3.280   2.261   12.741  1.00 25.18 ? 623 PHE A CB  1 
ATOM   563  C CG  . PHE A 1 76  ? 1.941   2.674   12.202  1.00 24.93 ? 623 PHE A CG  1 
ATOM   564  C CD1 . PHE A 1 76  ? 0.973   3.197   13.042  1.00 29.69 ? 623 PHE A CD1 1 
ATOM   565  C CD2 . PHE A 1 76  ? 1.645   2.528   10.854  1.00 24.10 ? 623 PHE A CD2 1 
ATOM   566  C CE1 . PHE A 1 76  ? -0.269  3.578   12.543  1.00 32.56 ? 623 PHE A CE1 1 
ATOM   567  C CE2 . PHE A 1 76  ? 0.409   2.913   10.349  1.00 23.68 ? 623 PHE A CE2 1 
ATOM   568  C CZ  . PHE A 1 76  ? -0.546  3.437   11.196  1.00 23.79 ? 623 PHE A CZ  1 
ATOM   569  N N   . ILE A 1 77  ? 4.364   -0.066  11.040  1.00 21.16 ? 624 ILE A N   1 
ATOM   570  C CA  . ILE A 1 77  ? 4.417   -0.889  9.832   1.00 24.97 ? 624 ILE A CA  1 
ATOM   571  C C   . ILE A 1 77  ? 4.227   -2.373  10.151  1.00 27.71 ? 624 ILE A C   1 
ATOM   572  O O   . ILE A 1 77  ? 3.436   -3.062  9.490   1.00 24.96 ? 624 ILE A O   1 
ATOM   573  C CB  . ILE A 1 77  ? 5.747   -0.688  9.065   1.00 25.74 ? 624 ILE A CB  1 
ATOM   574  C CG1 . ILE A 1 77  ? 5.785   0.684   8.389   1.00 24.82 ? 624 ILE A CG1 1 
ATOM   575  C CG2 . ILE A 1 77  ? 5.930   -1.776  8.020   1.00 29.12 ? 624 ILE A CG2 1 
ATOM   576  C CD1 . ILE A 1 77  ? 7.214   1.193   8.116   1.00 26.48 ? 624 ILE A CD1 1 
ATOM   577  N N   . ASP A 1 78  ? 4.941   -2.855  11.173  1.00 21.49 ? 625 ASP A N   1 
ATOM   578  C CA  . ASP A 1 78  ? 4.902   -4.266  11.540  1.00 26.81 ? 625 ASP A CA  1 
ATOM   579  C C   . ASP A 1 78  ? 3.520   -4.713  12.014  1.00 26.59 ? 625 ASP A C   1 
ATOM   580  O O   . ASP A 1 78  ? 3.103   -5.834  11.727  1.00 28.81 ? 625 ASP A O   1 
ATOM   581  C CB  . ASP A 1 78  ? 5.958   -4.597  12.614  1.00 24.41 ? 625 ASP A CB  1 
ATOM   582  C CG  . ASP A 1 78  ? 7.392   -4.571  12.074  1.00 28.55 ? 625 ASP A CG  1 
ATOM   583  O OD1 . ASP A 1 78  ? 8.328   -4.678  12.894  1.00 30.79 ? 625 ASP A OD1 1 
ATOM   584  O OD2 . ASP A 1 78  ? 7.596   -4.446  10.848  1.00 29.56 ? 625 ASP A OD2 1 
ATOM   585  N N   . THR A 1 79  ? 2.815   -3.845  12.736  1.00 22.11 ? 626 THR A N   1 
ATOM   586  C CA  . THR A 1 79  ? 1.507   -4.198  13.264  1.00 27.47 ? 626 THR A CA  1 
ATOM   587  C C   . THR A 1 79  ? 0.384   -4.074  12.221  1.00 27.33 ? 626 THR A C   1 
ATOM   588  O O   . THR A 1 79  ? -0.563  -4.858  12.242  1.00 26.59 ? 626 THR A O   1 
ATOM   589  C CB  . THR A 1 79  ? 1.149   -3.369  14.537  1.00 28.82 ? 626 THR A CB  1 
ATOM   590  O OG1 . THR A 1 79  ? 0.893   -2.009  14.180  1.00 38.26 ? 626 THR A OG1 1 
ATOM   591  C CG2 . THR A 1 79  ? 2.285   -3.398  15.526  1.00 24.11 ? 626 THR A CG2 1 
ATOM   592  N N   . GLU A 1 80  ? 0.498   -3.107  11.309  1.00 22.54 ? 627 GLU A N   1 
ATOM   593  C CA  . GLU A 1 80  ? -0.559  -2.843  10.336  1.00 26.25 ? 627 GLU A CA  1 
ATOM   594  C C   . GLU A 1 80  ? -0.451  -3.695  9.071   1.00 25.40 ? 627 GLU A C   1 
ATOM   595  O O   . GLU A 1 80  ? -1.463  -4.070  8.484   1.00 24.53 ? 627 GLU A O   1 
ATOM   596  C CB  . GLU A 1 80  ? -0.600  -1.354  9.955   1.00 24.08 ? 627 GLU A CB  1 
ATOM   597  C CG  . GLU A 1 80  ? -0.871  -0.411  11.129  1.00 28.55 ? 627 GLU A CG  1 
ATOM   598  C CD  . GLU A 1 80  ? -2.206  -0.667  11.818  1.00 34.94 ? 627 GLU A CD  1 
ATOM   599  O OE1 . GLU A 1 80  ? -3.169  -1.094  11.137  1.00 33.94 ? 627 GLU A OE1 1 
ATOM   600  O OE2 . GLU A 1 80  ? -2.292  -0.430  13.046  1.00 32.76 ? 627 GLU A OE2 1 
ATOM   601  N N   . LYS A 1 81  ? 0.774   -4.006  8.663   1.00 24.44 ? 628 LYS A N   1 
ATOM   602  C CA  . LYS A 1 81  ? 1.016   -4.684  7.390   1.00 25.49 ? 628 LYS A CA  1 
ATOM   603  C C   . LYS A 1 81  ? 0.254   -6.013  7.190   1.00 22.88 ? 628 LYS A C   1 
ATOM   604  O O   . LYS A 1 81  ? -0.283  -6.245  6.112   1.00 21.19 ? 628 LYS A O   1 
ATOM   605  C CB  . LYS A 1 81  ? 2.518   -4.882  7.153   1.00 26.78 ? 628 LYS A CB  1 
ATOM   606  C CG  . LYS A 1 81  ? 2.851   -5.677  5.905   1.00 30.87 ? 628 LYS A CG  1 
ATOM   607  C CD  . LYS A 1 81  ? 4.358   -5.717  5.645   1.00 33.85 ? 628 LYS A CD  1 
ATOM   608  C CE  . LYS A 1 81  ? 4.662   -6.398  4.315   1.00 33.92 ? 628 LYS A CE  1 
ATOM   609  N NZ  . LYS A 1 81  ? 6.102   -6.339  3.934   1.00 31.47 ? 628 LYS A NZ  1 
ATOM   610  N N   . PRO A 1 82  ? 0.205   -6.878  8.220   1.00 22.77 ? 629 PRO A N   1 
ATOM   611  C CA  . PRO A 1 82  ? -0.487  -8.150  7.993   1.00 22.29 ? 629 PRO A CA  1 
ATOM   612  C C   . PRO A 1 82  ? -1.971  -7.946  7.697   1.00 23.24 ? 629 PRO A C   1 
ATOM   613  O O   . PRO A 1 82  ? -2.515  -8.642  6.849   1.00 20.87 ? 629 PRO A O   1 
ATOM   614  C CB  . PRO A 1 82  ? -0.302  -8.907  9.318   1.00 24.28 ? 629 PRO A CB  1 
ATOM   615  C CG  . PRO A 1 82  ? 0.908   -8.263  9.971   1.00 29.01 ? 629 PRO A CG  1 
ATOM   616  C CD  . PRO A 1 82  ? 0.824   -6.815  9.559   1.00 24.46 ? 629 PRO A CD  1 
ATOM   617  N N   . HIS A 1 83  ? -2.608  -6.996  8.368   1.00 21.64 ? 630 HIS A N   1 
ATOM   618  C CA  . HIS A 1 83  ? -4.017  -6.738  8.112   1.00 23.90 ? 630 HIS A CA  1 
ATOM   619  C C   . HIS A 1 83  ? -4.234  -6.098  6.728   1.00 23.96 ? 630 HIS A C   1 
ATOM   620  O O   . HIS A 1 83  ? -5.219  -6.396  6.059   1.00 19.88 ? 630 HIS A O   1 
ATOM   621  C CB  . HIS A 1 83  ? -4.633  -5.876  9.226   1.00 27.84 ? 630 HIS A CB  1 
ATOM   622  C CG  . HIS A 1 83  ? -6.055  -5.476  8.962   1.00 33.74 ? 630 HIS A CG  1 
ATOM   623  N ND1 . HIS A 1 83  ? -7.095  -6.384  8.953   1.00 31.43 ? 630 HIS A ND1 1 
ATOM   624  C CD2 . HIS A 1 83  ? -6.612  -4.268  8.697   1.00 33.32 ? 630 HIS A CD2 1 
ATOM   625  C CE1 . HIS A 1 83  ? -8.228  -5.753  8.691   1.00 32.33 ? 630 HIS A CE1 1 
ATOM   626  N NE2 . HIS A 1 83  ? -7.961  -4.470  8.531   1.00 32.88 ? 630 HIS A NE2 1 
ATOM   627  N N   . TRP A 1 84  ? -3.311  -5.234  6.299   1.00 20.91 ? 631 TRP A N   1 
ATOM   628  C CA  . TRP A 1 84  ? -3.396  -4.621  4.973   1.00 20.32 ? 631 TRP A CA  1 
ATOM   629  C C   . TRP A 1 84  ? -3.359  -5.686  3.877   1.00 18.65 ? 631 TRP A C   1 
ATOM   630  O O   . TRP A 1 84  ? -4.150  -5.633  2.937   1.00 20.28 ? 631 TRP A O   1 
ATOM   631  C CB  . TRP A 1 84  ? -2.255  -3.607  4.742   1.00 19.68 ? 631 TRP A CB  1 
ATOM   632  C CG  . TRP A 1 84  ? -2.382  -2.338  5.553   1.00 24.59 ? 631 TRP A CG  1 
ATOM   633  C CD1 . TRP A 1 84  ? -3.452  -1.947  6.306   1.00 21.56 ? 631 TRP A CD1 1 
ATOM   634  C CD2 . TRP A 1 84  ? -1.396  -1.299  5.689   1.00 24.37 ? 631 TRP A CD2 1 
ATOM   635  N NE1 . TRP A 1 84  ? -3.199  -0.726  6.893   1.00 23.98 ? 631 TRP A NE1 1 
ATOM   636  C CE2 . TRP A 1 84  ? -1.940  -0.312  6.534   1.00 23.05 ? 631 TRP A CE2 1 
ATOM   637  C CE3 . TRP A 1 84  ? -0.113  -1.104  5.165   1.00 27.73 ? 631 TRP A CE3 1 
ATOM   638  C CZ2 . TRP A 1 84  ? -1.241  0.854   6.881   1.00 25.19 ? 631 TRP A CZ2 1 
ATOM   639  C CZ3 . TRP A 1 84  ? 0.584   0.065   5.510   1.00 30.86 ? 631 TRP A CZ3 1 
ATOM   640  C CH2 . TRP A 1 84  ? 0.015   1.020   6.359   1.00 24.63 ? 631 TRP A CH2 1 
ATOM   641  N N   . LYS A 1 85  ? -2.427  -6.634  3.992   1.00 17.22 ? 632 LYS A N   1 
ATOM   642  C CA  . LYS A 1 85  ? -2.306  -7.717  3.014   1.00 21.62 ? 632 LYS A CA  1 
ATOM   643  C C   . LYS A 1 85  ? -3.574  -8.563  2.933   1.00 18.53 ? 632 LYS A C   1 
ATOM   644  O O   . LYS A 1 85  ? -3.988  -8.937  1.846   1.00 18.69 ? 632 LYS A O   1 
ATOM   645  C CB  . LYS A 1 85  ? -1.102  -8.617  3.315   1.00 22.40 ? 632 LYS A CB  1 
ATOM   646  C CG  . LYS A 1 85  ? 0.239   -7.894  3.158   1.00 31.15 ? 632 LYS A CG  1 
ATOM   647  C CD  . LYS A 1 85  ? 1.410   -8.749  3.618   1.00 31.75 ? 632 LYS A CD  1 
ATOM   648  C CE  . LYS A 1 85  ? 1.628   -9.956  2.720   1.00 38.64 ? 632 LYS A CE  1 
ATOM   649  N NZ  . LYS A 1 85  ? 1.666   -9.546  1.280   1.00 50.17 ? 632 LYS A NZ  1 
ATOM   650  N N   . LYS A 1 86  ? -4.164  -8.889  4.083   1.00 18.99 ? 633 LYS A N   1 
ATOM   651  C CA  . LYS A 1 86  ? -5.420  -9.654  4.097   1.00 21.13 ? 633 LYS A CA  1 
ATOM   652  C C   . LYS A 1 86  ? -6.564  -8.879  3.449   1.00 20.24 ? 633 LYS A C   1 
ATOM   653  O O   . LYS A 1 86  ? -7.398  -9.466  2.765   1.00 17.01 ? 633 LYS A O   1 
ATOM   654  C CB  . LYS A 1 86  ? -5.811  -10.083 5.515   1.00 18.96 ? 633 LYS A CB  1 
ATOM   655  C CG  . LYS A 1 86  ? -4.850  -11.121 6.128   1.00 22.84 ? 633 LYS A CG  1 
ATOM   656  C CD  . LYS A 1 86  ? -5.308  -11.552 7.509   1.00 26.00 ? 633 LYS A CD  1 
ATOM   657  C CE  . LYS A 1 86  ? -4.342  -12.554 8.136   1.00 30.73 ? 633 LYS A CE  1 
ATOM   658  N NZ  . LYS A 1 86  ? -2.993  -11.941 8.384   1.00 30.21 ? 633 LYS A NZ  1 
ATOM   659  N N   . THR A 1 87  ? -6.605  -7.567  3.680   1.00 16.84 ? 634 THR A N   1 
ATOM   660  C CA  . THR A 1 87  ? -7.614  -6.706  3.055   1.00 17.87 ? 634 THR A CA  1 
ATOM   661  C C   . THR A 1 87  ? -7.458  -6.711  1.522   1.00 20.58 ? 634 THR A C   1 
ATOM   662  O O   . THR A 1 87  ? -8.438  -6.864  0.787   1.00 19.16 ? 634 THR A O   1 
ATOM   663  C CB  . THR A 1 87  ? -7.519  -5.246  3.587   1.00 23.48 ? 634 THR A CB  1 
ATOM   664  O OG1 . THR A 1 87  ? -7.837  -5.214  4.986   1.00 25.21 ? 634 THR A OG1 1 
ATOM   665  C CG2 . THR A 1 87  ? -8.466  -4.328  2.838   1.00 24.18 ? 634 THR A CG2 1 
ATOM   666  N N   . TRP A 1 88  ? -6.224  -6.551  1.046   1.00 18.43 ? 635 TRP A N   1 
ATOM   667  C CA  . TRP A 1 88  ? -5.949  -6.584  -0.386  1.00 20.31 ? 635 TRP A CA  1 
ATOM   668  C C   . TRP A 1 88  ? -6.261  -7.946  -0.992  1.00 21.70 ? 635 TRP A C   1 
ATOM   669  O O   . TRP A 1 88  ? -6.830  -8.015  -2.067  1.00 19.14 ? 635 TRP A O   1 
ATOM   670  C CB  . TRP A 1 88  ? -4.491  -6.229  -0.699  1.00 20.35 ? 635 TRP A CB  1 
ATOM   671  C CG  . TRP A 1 88  ? -4.103  -4.821  -0.353  1.00 19.29 ? 635 TRP A CG  1 
ATOM   672  C CD1 . TRP A 1 88  ? -4.866  -3.697  -0.498  1.00 18.77 ? 635 TRP A CD1 1 
ATOM   673  C CD2 . TRP A 1 88  ? -2.845  -4.392  0.188   1.00 18.96 ? 635 TRP A CD2 1 
ATOM   674  N NE1 . TRP A 1 88  ? -4.159  -2.594  -0.072  1.00 19.51 ? 635 TRP A NE1 1 
ATOM   675  C CE2 . TRP A 1 88  ? -2.918  -2.996  0.359   1.00 19.95 ? 635 TRP A CE2 1 
ATOM   676  C CE3 . TRP A 1 88  ? -1.666  -5.057  0.554   1.00 20.27 ? 635 TRP A CE3 1 
ATOM   677  C CZ2 . TRP A 1 88  ? -1.859  -2.247  0.875   1.00 22.29 ? 635 TRP A CZ2 1 
ATOM   678  C CZ3 . TRP A 1 88  ? -0.609  -4.307  1.072   1.00 19.42 ? 635 TRP A CZ3 1 
ATOM   679  C CH2 . TRP A 1 88  ? -0.717  -2.920  1.226   1.00 20.18 ? 635 TRP A CH2 1 
ATOM   680  N N   . GLU A 1 89  ? -5.851  -9.022  -0.320  1.00 20.79 ? 636 GLU A N   1 
ATOM   681  C CA  . GLU A 1 89  ? -6.167  -10.378 -0.790  1.00 22.42 ? 636 GLU A CA  1 
ATOM   682  C C   . GLU A 1 89  ? -7.672  -10.575 -0.972  1.00 22.61 ? 636 GLU A C   1 
ATOM   683  O O   . GLU A 1 89  ? -8.099  -11.153 -1.973  1.00 21.93 ? 636 GLU A O   1 
ATOM   684  C CB  . GLU A 1 89  ? -5.594  -11.461 0.148   1.00 21.97 ? 636 GLU A CB  1 
ATOM   685  C CG  . GLU A 1 89  ? -4.072  -11.536 0.131   1.00 28.59 ? 636 GLU A CG  1 
ATOM   686  C CD  . GLU A 1 89  ? -3.489  -12.361 1.268   1.00 38.02 ? 636 GLU A CD  1 
ATOM   687  O OE1 . GLU A 1 89  ? -4.249  -12.770 2.175   1.00 33.53 ? 636 GLU A OE1 1 
ATOM   688  O OE2 . GLU A 1 89  ? -2.260  -12.586 1.254   1.00 44.98 ? 636 GLU A OE2 1 
ATOM   689  N N   . ALA A 1 90  ? -8.468  -10.094 -0.018  1.00 17.96 ? 637 ALA A N   1 
ATOM   690  C CA  . ALA A 1 90  ? -9.922  -10.222 -0.100  1.00 21.67 ? 637 ALA A CA  1 
ATOM   691  C C   . ALA A 1 90  ? -10.511 -9.529  -1.322  1.00 22.66 ? 637 ALA A C   1 
ATOM   692  O O   . ALA A 1 90  ? -11.388 -10.083 -1.998  1.00 20.52 ? 637 ALA A O   1 
ATOM   693  C CB  . ALA A 1 90  ? -10.578 -9.675  1.156   1.00 22.29 ? 637 ALA A CB  1 
ATOM   694  N N   . GLU A 1 91  ? -10.052 -8.305  -1.578  1.00 19.21 ? 638 GLU A N   1 
ATOM   695  C CA  . GLU A 1 91  ? -10.539 -7.490  -2.692  1.00 22.39 ? 638 GLU A CA  1 
ATOM   696  C C   . GLU A 1 91  ? -10.085 -8.061  -4.026  1.00 19.82 ? 638 GLU A C   1 
ATOM   697  O O   . GLU A 1 91  ? -10.883 -8.182  -4.953  1.00 21.37 ? 638 GLU A O   1 
ATOM   698  C CB  . GLU A 1 91  ? -10.065 -6.026  -2.541  1.00 24.60 ? 638 GLU A CB  1 
ATOM   699  C CG  . GLU A 1 91  ? -10.698 -5.299  -1.344  1.00 26.48 ? 638 GLU A CG  1 
ATOM   700  C CD  . GLU A 1 91  ? -10.154 -3.877  -1.126  1.00 38.24 ? 638 GLU A CD  1 
ATOM   701  O OE1 . GLU A 1 91  ? -9.002  -3.598  -1.524  1.00 36.47 ? 638 GLU A OE1 1 
ATOM   702  O OE2 . GLU A 1 91  ? -10.875 -3.046  -0.530  1.00 37.25 ? 638 GLU A OE2 1 
ATOM   703  N N   . LEU A 1 92  ? -8.806  -8.416  -4.118  1.00 21.21 ? 639 LEU A N   1 
ATOM   704  C CA  . LEU A 1 92  ? -8.259  -9.019  -5.331  1.00 20.62 ? 639 LEU A CA  1 
ATOM   705  C C   . LEU A 1 92  ? -8.880  -10.371 -5.671  1.00 23.03 ? 639 LEU A C   1 
ATOM   706  O O   . LEU A 1 92  ? -9.098  -10.667 -6.845  1.00 19.27 ? 639 LEU A O   1 
ATOM   707  C CB  . LEU A 1 92  ? -6.747  -9.182  -5.233  1.00 20.15 ? 639 LEU A CB  1 
ATOM   708  C CG  . LEU A 1 92  ? -5.920  -7.890  -5.196  1.00 26.27 ? 639 LEU A CG  1 
ATOM   709  C CD1 . LEU A 1 92  ? -4.469  -8.235  -4.956  1.00 24.89 ? 639 LEU A CD1 1 
ATOM   710  C CD2 . LEU A 1 92  ? -6.079  -7.083  -6.489  1.00 23.23 ? 639 LEU A CD2 1 
ATOM   711  N N   . ASP A 1 93  ? -9.139  -11.204 -4.660  1.00 21.86 ? 640 ASP A N   1 
ATOM   712  C CA  . ASP A 1 93  ? -9.747  -12.517 -4.914  1.00 21.76 ? 640 ASP A CA  1 
ATOM   713  C C   . ASP A 1 93  ? -11.158 -12.354 -5.455  1.00 22.82 ? 640 ASP A C   1 
ATOM   714  O O   . ASP A 1 93  ? -11.586 -13.097 -6.341  1.00 21.92 ? 640 ASP A O   1 
ATOM   715  C CB  . ASP A 1 93  ? -9.774  -13.375 -3.647  1.00 20.76 ? 640 ASP A CB  1 
ATOM   716  C CG  . ASP A 1 93  ? -8.408  -13.934 -3.293  1.00 30.29 ? 640 ASP A CG  1 
ATOM   717  O OD1 . ASP A 1 93  ? -7.464  -13.777 -4.100  1.00 30.29 ? 640 ASP A OD1 1 
ATOM   718  O OD2 . ASP A 1 93  ? -8.277  -14.531 -2.207  1.00 31.53 ? 640 ASP A OD2 1 
ATOM   719  N N   . LYS A 1 94  ? -11.886 -11.390 -4.902  1.00 19.91 ? 641 LYS A N   1 
ATOM   720  C CA  . LYS A 1 94  ? -13.248 -11.131 -5.327  1.00 21.35 ? 641 LYS A CA  1 
ATOM   721  C C   . LYS A 1 94  ? -13.283 -10.633 -6.782  1.00 24.49 ? 641 LYS A C   1 
ATOM   722  O O   . LYS A 1 94  ? -14.068 -11.122 -7.598  1.00 20.47 ? 641 LYS A O   1 
ATOM   723  C CB  . LYS A 1 94  ? -13.910 -10.125 -4.388  1.00 22.19 ? 641 LYS A CB  1 
ATOM   724  C CG  . LYS A 1 94  ? -15.398 -9.948  -4.626  1.00 29.49 ? 641 LYS A CG  1 
ATOM   725  C CD  . LYS A 1 94  ? -16.160 -11.209 -4.234  1.00 32.29 ? 641 LYS A CD  1 
ATOM   726  C CE  . LYS A 1 94  ? -17.676 -11.038 -4.368  1.00 34.45 ? 641 LYS A CE  1 
ATOM   727  N NZ  . LYS A 1 94  ? -18.168 -11.495 -5.693  1.00 38.59 ? 641 LYS A NZ  1 
ATOM   728  N N   . VAL A 1 95  ? -12.426 -9.669  -7.105  1.00 21.33 ? 642 VAL A N   1 
ATOM   729  C CA  . VAL A 1 95  ? -12.351 -9.164  -8.474  1.00 21.67 ? 642 VAL A CA  1 
ATOM   730  C C   . VAL A 1 95  ? -12.021 -10.289 -9.456  1.00 20.51 ? 642 VAL A C   1 
ATOM   731  O O   . VAL A 1 95  ? -12.672 -10.430 -10.489 1.00 19.41 ? 642 VAL A O   1 
ATOM   732  C CB  . VAL A 1 95  ? -11.327 -8.013  -8.610  1.00 22.08 ? 642 VAL A CB  1 
ATOM   733  C CG1 . VAL A 1 95  ? -11.102 -7.668  -10.074 1.00 21.34 ? 642 VAL A CG1 1 
ATOM   734  C CG2 . VAL A 1 95  ? -11.809 -6.784  -7.832  1.00 22.00 ? 642 VAL A CG2 1 
ATOM   735  N N   . CYS A 1 96  ? -11.015 -11.092 -9.125  1.00 19.79 ? 643 CYS A N   1 
ATOM   736  C CA  . CYS A 1 96  ? -10.637 -12.233 -9.957  1.00 24.13 ? 643 CYS A CA  1 
ATOM   737  C C   . CYS A 1 96  ? -11.813 -13.187 -10.227 1.00 23.30 ? 643 CYS A C   1 
ATOM   738  O O   . CYS A 1 96  ? -12.062 -13.569 -11.379 1.00 21.35 ? 643 CYS A O   1 
ATOM   739  C CB  . CYS A 1 96  ? -9.465  -12.986 -9.319  1.00 28.33 ? 643 CYS A CB  1 
ATOM   740  S SG  . CYS A 1 96  ? -8.853  -14.379 -10.295 1.00 37.57 ? 643 CYS A SG  1 
ATOM   741  N N   . GLU A 1 97  ? -12.547 -13.558 -9.180  1.00 19.26 ? 644 GLU A N   1 
ATOM   742  C CA  . GLU A 1 97  ? -13.717 -14.424 -9.373  1.00 26.93 ? 644 GLU A CA  1 
ATOM   743  C C   . GLU A 1 97  ? -14.793 -13.791 -10.255 1.00 21.86 ? 644 GLU A C   1 
ATOM   744  O O   . GLU A 1 97  ? -15.453 -14.482 -11.010 1.00 21.74 ? 644 GLU A O   1 
ATOM   745  C CB  . GLU A 1 97  ? -14.334 -14.860 -8.043  1.00 24.03 ? 644 GLU A CB  1 
ATOM   746  C CG  . GLU A 1 97  ? -13.341 -15.530 -7.108  1.00 32.76 ? 644 GLU A CG  1 
ATOM   747  C CD  . GLU A 1 97  ? -14.001 -16.477 -6.130  1.00 36.12 ? 644 GLU A CD  1 
ATOM   748  O OE1 . GLU A 1 97  ? -15.217 -16.310 -5.852  1.00 30.06 ? 644 GLU A OE1 1 
ATOM   749  O OE2 . GLU A 1 97  ? -13.295 -17.396 -5.650  1.00 33.47 ? 644 GLU A OE2 1 
ATOM   750  N N   . GLU A 1 98  ? -14.979 -12.480 -10.147 1.00 21.52 ? 645 GLU A N   1 
ATOM   751  C CA  . GLU A 1 98  ? -16.009 -11.800 -10.935 1.00 19.73 ? 645 GLU A CA  1 
ATOM   752  C C   . GLU A 1 98  ? -15.603 -11.697 -12.407 1.00 20.11 ? 645 GLU A C   1 
ATOM   753  O O   . GLU A 1 98  ? -16.457 -11.793 -13.294 1.00 20.32 ? 645 GLU A O   1 
ATOM   754  C CB  . GLU A 1 98  ? -16.326 -10.418 -10.351 1.00 19.27 ? 645 GLU A CB  1 
ATOM   755  C CG  . GLU A 1 98  ? -16.935 -10.481 -8.945  1.00 20.34 ? 645 GLU A CG  1 
ATOM   756  C CD  . GLU A 1 98  ? -17.122 -9.110  -8.298  1.00 27.74 ? 645 GLU A CD  1 
ATOM   757  O OE1 . GLU A 1 98  ? -17.919 -9.008  -7.342  1.00 29.11 ? 645 GLU A OE1 1 
ATOM   758  O OE2 . GLU A 1 98  ? -16.475 -8.135  -8.743  1.00 25.89 ? 645 GLU A OE2 1 
ATOM   759  N N   . GLN A 1 99  ? -14.311 -11.506 -12.666 1.00 18.92 ? 646 GLN A N   1 
ATOM   760  C CA  . GLN A 1 99  ? -13.803 -11.501 -14.041 1.00 24.45 ? 646 GLN A CA  1 
ATOM   761  C C   . GLN A 1 99  ? -13.912 -12.892 -14.672 1.00 21.45 ? 646 GLN A C   1 
ATOM   762  O O   . GLN A 1 99  ? -14.266 -13.018 -15.841 1.00 21.92 ? 646 GLN A O   1 
ATOM   763  C CB  . GLN A 1 99  ? -12.350 -11.003 -14.099 1.00 20.15 ? 646 GLN A CB  1 
ATOM   764  C CG  . GLN A 1 99  ? -12.217 -9.522  -13.774 1.00 21.33 ? 646 GLN A CG  1 
ATOM   765  C CD  . GLN A 1 99  ? -10.777 -9.071  -13.623 1.00 25.18 ? 646 GLN A CD  1 
ATOM   766  O OE1 . GLN A 1 99  ? -9.922  -9.833  -13.185 1.00 28.67 ? 646 GLN A OE1 1 
ATOM   767  N NE2 . GLN A 1 99  ? -10.508 -7.817  -13.975 1.00 29.11 ? 646 GLN A NE2 1 
ATOM   768  N N   . GLN A 1 100 ? -13.582 -13.923 -13.901 1.00 22.49 ? 647 GLN A N   1 
ATOM   769  C CA  . GLN A 1 100 ? -13.758 -15.303 -14.357 1.00 25.53 ? 647 GLN A CA  1 
ATOM   770  C C   . GLN A 1 100 ? -15.231 -15.628 -14.613 1.00 22.63 ? 647 GLN A C   1 
ATOM   771  O O   . GLN A 1 100 ? -15.552 -16.338 -15.560 1.00 23.64 ? 647 GLN A O   1 
ATOM   772  C CB  . GLN A 1 100 ? -13.169 -16.296 -13.346 1.00 27.44 ? 647 GLN A CB  1 
ATOM   773  C CG  . GLN A 1 100 ? -11.652 -16.419 -13.442 1.00 35.77 ? 647 GLN A CG  1 
ATOM   774  C CD  . GLN A 1 100 ? -11.013 -17.014 -12.194 1.00 40.03 ? 647 GLN A CD  1 
ATOM   775  O OE1 . GLN A 1 100 ? -11.646 -17.109 -11.143 1.00 45.26 ? 647 GLN A OE1 1 
ATOM   776  N NE2 . GLN A 1 100 ? -9.747  -17.408 -12.308 1.00 40.46 ? 647 GLN A NE2 1 
ATOM   777  N N   . PHE A 1 101 ? -16.121 -15.124 -13.764 1.00 20.93 ? 648 PHE A N   1 
ATOM   778  C CA  . PHE A 1 101 ? -17.548 -15.316 -13.979 1.00 20.56 ? 648 PHE A CA  1 
ATOM   779  C C   . PHE A 1 101 ? -17.959 -14.734 -15.334 1.00 21.86 ? 648 PHE A C   1 
ATOM   780  O O   . PHE A 1 101 ? -18.591 -15.418 -16.136 1.00 22.10 ? 648 PHE A O   1 
ATOM   781  C CB  . PHE A 1 101 ? -18.355 -14.690 -12.833 1.00 21.73 ? 648 PHE A CB  1 
ATOM   782  C CG  . PHE A 1 101 ? -19.856 -14.786 -13.008 1.00 22.23 ? 648 PHE A CG  1 
ATOM   783  C CD1 . PHE A 1 101 ? -20.521 -15.984 -12.793 1.00 25.29 ? 648 PHE A CD1 1 
ATOM   784  C CD2 . PHE A 1 101 ? -20.599 -13.675 -13.369 1.00 23.02 ? 648 PHE A CD2 1 
ATOM   785  C CE1 . PHE A 1 101 ? -21.907 -16.073 -12.947 1.00 25.84 ? 648 PHE A CE1 1 
ATOM   786  C CE2 . PHE A 1 101 ? -21.976 -13.750 -13.518 1.00 22.17 ? 648 PHE A CE2 1 
ATOM   787  C CZ  . PHE A 1 101 ? -22.631 -14.947 -13.305 1.00 20.18 ? 648 PHE A CZ  1 
ATOM   788  N N   . LEU A 1 102 ? -17.582 -13.485 -15.602 1.00 18.46 ? 649 LEU A N   1 
ATOM   789  C CA  . LEU A 1 102 ? -17.919 -12.862 -16.887 1.00 22.09 ? 649 LEU A CA  1 
ATOM   790  C C   . LEU A 1 102 ? -17.424 -13.738 -18.039 1.00 22.86 ? 649 LEU A C   1 
ATOM   791  O O   . LEU A 1 102 ? -18.157 -14.010 -18.983 1.00 20.41 ? 649 LEU A O   1 
ATOM   792  C CB  . LEU A 1 102 ? -17.292 -11.466 -16.999 1.00 20.95 ? 649 LEU A CB  1 
ATOM   793  C CG  . LEU A 1 102 ? -17.914 -10.370 -17.885 1.00 28.01 ? 649 LEU A CG  1 
ATOM   794  C CD1 . LEU A 1 102 ? -16.864 -9.363  -18.416 1.00 25.38 ? 649 LEU A CD1 1 
ATOM   795  C CD2 . LEU A 1 102 ? -18.794 -10.890 -19.018 1.00 22.23 ? 649 LEU A CD2 1 
ATOM   796  N N   . THR A 1 103 ? -16.171 -14.173 -17.957 1.00 21.15 ? 650 THR A N   1 
ATOM   797  C CA  . THR A 1 103 ? -15.582 -14.984 -19.020 1.00 25.97 ? 650 THR A CA  1 
ATOM   798  C C   . THR A 1 103 ? -16.379 -16.275 -19.238 1.00 24.93 ? 650 THR A C   1 
ATOM   799  O O   . THR A 1 103 ? -16.666 -16.659 -20.374 1.00 21.65 ? 650 THR A O   1 
ATOM   800  C CB  . THR A 1 103 ? -14.094 -15.294 -18.726 1.00 26.29 ? 650 THR A CB  1 
ATOM   801  O OG1 . THR A 1 103 ? -13.379 -14.061 -18.677 1.00 26.45 ? 650 THR A OG1 1 
ATOM   802  C CG2 . THR A 1 103 ? -13.482 -16.164 -19.826 1.00 28.84 ? 650 THR A CG2 1 
ATOM   803  N N   . LEU A 1 104 ? -16.753 -16.927 -18.142 1.00 23.14 ? 651 LEU A N   1 
ATOM   804  C CA  . LEU A 1 104 ? -17.531 -18.163 -18.211 1.00 26.00 ? 651 LEU A CA  1 
ATOM   805  C C   . LEU A 1 104 ? -18.918 -17.929 -18.820 1.00 22.63 ? 651 LEU A C   1 
ATOM   806  O O   . LEU A 1 104 ? -19.423 -18.755 -19.583 1.00 25.37 ? 651 LEU A O   1 
ATOM   807  C CB  . LEU A 1 104 ? -17.660 -18.781 -16.818 1.00 28.63 ? 651 LEU A CB  1 
ATOM   808  C CG  . LEU A 1 104 ? -16.378 -19.397 -16.235 1.00 31.75 ? 651 LEU A CG  1 
ATOM   809  C CD1 . LEU A 1 104 ? -16.584 -19.796 -14.783 1.00 35.82 ? 651 LEU A CD1 1 
ATOM   810  C CD2 . LEU A 1 104 ? -15.930 -20.597 -17.057 1.00 35.26 ? 651 LEU A CD2 1 
ATOM   811  N N   . GLN A 1 105 ? -19.524 -16.796 -18.483 1.00 19.81 ? 652 GLN A N   1 
ATOM   812  C CA  . GLN A 1 105 ? -20.855 -16.450 -18.971 1.00 19.53 ? 652 GLN A CA  1 
ATOM   813  C C   . GLN A 1 105 ? -20.823 -16.123 -20.465 1.00 20.56 ? 652 GLN A C   1 
ATOM   814  O O   . GLN A 1 105 ? -21.783 -16.394 -21.189 1.00 19.57 ? 652 GLN A O   1 
ATOM   815  C CB  . GLN A 1 105 ? -21.437 -15.279 -18.164 1.00 20.27 ? 652 GLN A CB  1 
ATOM   816  C CG  . GLN A 1 105 ? -21.838 -15.673 -16.723 1.00 22.27 ? 652 GLN A CG  1 
ATOM   817  C CD  . GLN A 1 105 ? -23.030 -16.607 -16.702 1.00 23.79 ? 652 GLN A CD  1 
ATOM   818  O OE1 . GLN A 1 105 ? -24.076 -16.292 -17.268 1.00 24.08 ? 652 GLN A OE1 1 
ATOM   819  N NE2 . GLN A 1 105 ? -22.887 -17.759 -16.050 1.00 22.78 ? 652 GLN A NE2 1 
ATOM   820  N N   . GLU A 1 106 ? -19.716 -15.543 -20.915 1.00 19.38 ? 653 GLU A N   1 
ATOM   821  C CA  . GLU A 1 106 ? -19.527 -15.243 -22.336 1.00 25.34 ? 653 GLU A CA  1 
ATOM   822  C C   . GLU A 1 106 ? -19.358 -16.525 -23.160 1.00 26.38 ? 653 GLU A C   1 
ATOM   823  O O   . GLU A 1 106 ? -19.904 -16.640 -24.263 1.00 24.07 ? 653 GLU A O   1 
ATOM   824  C CB  . GLU A 1 106 ? -18.322 -14.328 -22.538 1.00 22.20 ? 653 GLU A CB  1 
ATOM   825  C CG  . GLU A 1 106 ? -18.533 -12.907 -22.078 1.00 26.08 ? 653 GLU A CG  1 
ATOM   826  C CD  . GLU A 1 106 ? -17.233 -12.085 -22.096 1.00 32.73 ? 653 GLU A CD  1 
ATOM   827  O OE1 . GLU A 1 106 ? -16.132 -12.650 -21.888 1.00 34.65 ? 653 GLU A OE1 1 
ATOM   828  O OE2 . GLU A 1 106 ? -17.319 -10.866 -22.307 1.00 31.05 ? 653 GLU A OE2 1 
ATOM   829  N N   . GLU A 1 107 ? -18.598 -17.479 -22.632 1.00 21.92 ? 654 GLU A N   1 
ATOM   830  C CA  . GLU A 1 107 ? -18.473 -18.789 -23.272 1.00 26.49 ? 654 GLU A CA  1 
ATOM   831  C C   . GLU A 1 107 ? -19.804 -19.546 -23.270 1.00 25.88 ? 654 GLU A C   1 
ATOM   832  O O   . GLU A 1 107 ? -20.148 -20.223 -24.244 1.00 28.08 ? 654 GLU A O   1 
ATOM   833  C CB  . GLU A 1 107 ? -17.381 -19.627 -22.591 1.00 28.78 ? 654 GLU A CB  1 
ATOM   834  C CG  . GLU A 1 107 ? -15.981 -19.021 -22.697 1.00 28.84 ? 654 GLU A CG  1 
ATOM   835  C CD  . GLU A 1 107 ? -14.954 -19.725 -21.808 1.00 42.72 ? 654 GLU A CD  1 
ATOM   836  O OE1 . GLU A 1 107 ? -15.351 -20.600 -21.004 1.00 39.40 ? 654 GLU A OE1 1 
ATOM   837  O OE2 . GLU A 1 107 ? -13.748 -19.404 -21.912 1.00 44.76 ? 654 GLU A OE2 1 
ATOM   838  N N   . LEU A 1 108 ? -20.553 -19.429 -22.175 1.00 22.68 ? 655 LEU A N   1 
ATOM   839  C CA  . LEU A 1 108 ? -21.850 -20.095 -22.065 1.00 24.42 ? 655 LEU A CA  1 
ATOM   840  C C   . LEU A 1 108 ? -22.840 -19.619 -23.133 1.00 24.65 ? 655 LEU A C   1 
ATOM   841  O O   . LEU A 1 108 ? -23.529 -20.429 -23.737 1.00 23.58 ? 655 LEU A O   1 
ATOM   842  C CB  . LEU A 1 108 ? -22.462 -19.893 -20.682 1.00 21.19 ? 655 LEU A CB  1 
ATOM   843  C CG  . LEU A 1 108 ? -23.881 -20.438 -20.482 1.00 26.65 ? 655 LEU A CG  1 
ATOM   844  C CD1 . LEU A 1 108 ? -23.932 -21.957 -20.743 1.00 27.45 ? 655 LEU A CD1 1 
ATOM   845  C CD2 . LEU A 1 108 ? -24.388 -20.123 -19.071 1.00 25.24 ? 655 LEU A CD2 1 
ATOM   846  N N   . ILE A 1 109 ? -22.919 -18.310 -23.356 1.00 22.29 ? 656 ILE A N   1 
ATOM   847  C CA  . ILE A 1 109 ? -23.876 -17.801 -24.328 1.00 25.37 ? 656 ILE A CA  1 
ATOM   848  C C   . ILE A 1 109 ? -23.497 -18.237 -25.742 1.00 25.15 ? 656 ILE A C   1 
ATOM   849  O O   . ILE A 1 109 ? -24.366 -18.510 -26.554 1.00 23.12 ? 656 ILE A O   1 
ATOM   850  C CB  . ILE A 1 109 ? -24.112 -16.270 -24.241 1.00 24.58 ? 656 ILE A CB  1 
ATOM   851  C CG1 . ILE A 1 109 ? -25.308 -15.879 -25.115 1.00 24.91 ? 656 ILE A CG1 1 
ATOM   852  C CG2 . ILE A 1 109 ? -22.865 -15.504 -24.652 1.00 27.36 ? 656 ILE A CG2 1 
ATOM   853  C CD1 . ILE A 1 109 ? -25.726 -14.425 -24.979 1.00 25.55 ? 656 ILE A CD1 1 
ATOM   854  N N   . LEU A 1 110 ? -22.204 -18.342 -26.026 1.00 24.71 ? 657 LEU A N   1 
ATOM   855  C CA  . LEU A 1 110 ? -21.794 -18.895 -27.314 1.00 27.24 ? 657 LEU A CA  1 
ATOM   856  C C   . LEU A 1 110 ? -22.273 -20.345 -27.462 1.00 25.90 ? 657 LEU A C   1 
ATOM   857  O O   . LEU A 1 110 ? -22.796 -20.715 -28.512 1.00 24.28 ? 657 LEU A O   1 
ATOM   858  C CB  . LEU A 1 110 ? -20.276 -18.805 -27.506 1.00 29.87 ? 657 LEU A CB  1 
ATOM   859  C CG  . LEU A 1 110 ? -19.686 -17.411 -27.726 1.00 30.24 ? 657 LEU A CG  1 
ATOM   860  C CD1 . LEU A 1 110 ? -18.157 -17.468 -27.764 1.00 35.40 ? 657 LEU A CD1 1 
ATOM   861  C CD2 . LEU A 1 110 ? -20.236 -16.779 -28.998 1.00 30.63 ? 657 LEU A CD2 1 
ATOM   862  N N   . ASP A 1 111 ? -22.094 -21.158 -26.420 1.00 24.67 ? 658 ASP A N   1 
ATOM   863  C CA  . ASP A 1 111 ? -22.566 -22.554 -26.427 1.00 25.79 ? 658 ASP A CA  1 
ATOM   864  C C   . ASP A 1 111 ? -24.084 -22.658 -26.595 1.00 26.65 ? 658 ASP A C   1 
ATOM   865  O O   . ASP A 1 111 ? -24.578 -23.520 -27.331 1.00 26.72 ? 658 ASP A O   1 
ATOM   866  C CB  . ASP A 1 111 ? -22.152 -23.294 -25.150 1.00 28.84 ? 658 ASP A CB  1 
ATOM   867  C CG  . ASP A 1 111 ? -20.651 -23.544 -25.065 1.00 36.89 ? 658 ASP A CG  1 
ATOM   868  O OD1 . ASP A 1 111 ? -20.148 -23.724 -23.935 1.00 41.61 ? 658 ASP A OD1 1 
ATOM   869  O OD2 . ASP A 1 111 ? -19.968 -23.566 -26.112 1.00 42.26 ? 658 ASP A OD2 1 
ATOM   870  N N   . LEU A 1 112 ? -24.820 -21.790 -25.904 1.00 21.15 ? 659 LEU A N   1 
ATOM   871  C CA  . LEU A 1 112 ? -26.278 -21.752 -26.017 1.00 24.18 ? 659 LEU A CA  1 
ATOM   872  C C   . LEU A 1 112 ? -26.735 -21.403 -27.431 1.00 24.80 ? 659 LEU A C   1 
ATOM   873  O O   . LEU A 1 112 ? -27.655 -22.034 -27.958 1.00 20.65 ? 659 LEU A O   1 
ATOM   874  C CB  . LEU A 1 112 ? -26.898 -20.765 -25.021 1.00 24.31 ? 659 LEU A CB  1 
ATOM   875  C CG  . LEU A 1 112 ? -26.901 -21.177 -23.539 1.00 27.93 ? 659 LEU A CG  1 
ATOM   876  C CD1 . LEU A 1 112 ? -27.242 -19.997 -22.641 1.00 28.06 ? 659 LEU A CD1 1 
ATOM   877  C CD2 . LEU A 1 112 ? -27.871 -22.329 -23.310 1.00 27.16 ? 659 LEU A CD2 1 
ATOM   878  N N   . LYS A 1 113 ? -26.114 -20.391 -28.035 1.00 22.52 ? 660 LYS A N   1 
ATOM   879  C CA  . LYS A 1 113 ? -26.460 -20.015 -29.410 1.00 23.85 ? 660 LYS A CA  1 
ATOM   880  C C   . LYS A 1 113 ? -26.203 -21.184 -30.368 1.00 21.56 ? 660 LYS A C   1 
ATOM   881  O O   . LYS A 1 113 ? -26.998 -21.461 -31.265 1.00 24.10 ? 660 LYS A O   1 
ATOM   882  C CB  . LYS A 1 113 ? -25.687 -18.763 -29.869 1.00 24.85 ? 660 LYS A CB  1 
ATOM   883  C CG  . LYS A 1 113 ? -26.129 -17.462 -29.203 1.00 27.77 ? 660 LYS A CG  1 
ATOM   884  C CD  . LYS A 1 113 ? -25.374 -16.250 -29.758 1.00 30.20 ? 660 LYS A CD  1 
ATOM   885  C CE  . LYS A 1 113 ? -25.756 -14.967 -29.009 1.00 31.39 ? 660 LYS A CE  1 
ATOM   886  N NZ  . LYS A 1 113 ? -25.095 -13.714 -29.528 1.00 27.30 ? 660 LYS A NZ  1 
ATOM   887  N N   . GLU A 1 114 ? -25.071 -21.849 -30.183 1.00 23.85 ? 661 GLU A N   1 
ATOM   888  C CA  . GLU A 1 114 ? -24.704 -22.995 -31.003 1.00 27.64 ? 661 GLU A CA  1 
ATOM   889  C C   . GLU A 1 114 ? -25.733 -24.119 -30.846 1.00 27.09 ? 661 GLU A C   1 
ATOM   890  O O   . GLU A 1 114 ? -26.288 -24.612 -31.828 1.00 25.64 ? 661 GLU A O   1 
ATOM   891  C CB  . GLU A 1 114 ? -23.313 -23.475 -30.586 1.00 34.75 ? 661 GLU A CB  1 
ATOM   892  C CG  . GLU A 1 114 ? -22.732 -24.613 -31.408 1.00 41.54 ? 661 GLU A CG  1 
ATOM   893  C CD  . GLU A 1 114 ? -21.263 -24.837 -31.079 1.00 54.17 ? 661 GLU A CD  1 
ATOM   894  O OE1 . GLU A 1 114 ? -20.938 -25.093 -29.896 1.00 52.98 ? 661 GLU A OE1 1 
ATOM   895  O OE2 . GLU A 1 114 ? -20.428 -24.743 -32.003 1.00 65.03 ? 661 GLU A OE2 1 
ATOM   896  N N   . ASP A 1 115 ? -25.993 -24.508 -29.604 1.00 23.88 ? 662 ASP A N   1 
ATOM   897  C CA  . ASP A 1 115 ? -26.959 -25.565 -29.317 1.00 25.23 ? 662 ASP A CA  1 
ATOM   898  C C   . ASP A 1 115 ? -28.367 -25.217 -29.809 1.00 24.64 ? 662 ASP A C   1 
ATOM   899  O O   . ASP A 1 115 ? -29.076 -26.061 -30.361 1.00 23.83 ? 662 ASP A O   1 
ATOM   900  C CB  . ASP A 1 115 ? -27.007 -25.866 -27.822 1.00 21.87 ? 662 ASP A CB  1 
ATOM   901  C CG  . ASP A 1 115 ? -25.790 -26.628 -27.341 1.00 31.26 ? 662 ASP A CG  1 
ATOM   902  O OD1 . ASP A 1 115 ? -24.981 -27.079 -28.184 1.00 36.93 ? 662 ASP A OD1 1 
ATOM   903  O OD2 . ASP A 1 115 ? -25.645 -26.775 -26.112 1.00 34.69 ? 662 ASP A OD2 1 
ATOM   904  N N   . LEU A 1 116 ? -28.786 -23.979 -29.601 1.00 21.91 ? 663 LEU A N   1 
ATOM   905  C CA  . LEU A 1 116 ? -30.099 -23.577 -30.068 1.00 21.64 ? 663 LEU A CA  1 
ATOM   906  C C   . LEU A 1 116 ? -30.149 -23.579 -31.597 1.00 23.56 ? 663 LEU A C   1 
ATOM   907  O O   . LEU A 1 116 ? -31.166 -23.915 -32.183 1.00 23.21 ? 663 LEU A O   1 
ATOM   908  C CB  . LEU A 1 116 ? -30.475 -22.207 -29.514 1.00 22.82 ? 663 LEU A CB  1 
ATOM   909  C CG  . LEU A 1 116 ? -31.880 -21.723 -29.868 1.00 28.34 ? 663 LEU A CG  1 
ATOM   910  C CD1 . LEU A 1 116 ? -32.945 -22.753 -29.456 1.00 24.95 ? 663 LEU A CD1 1 
ATOM   911  C CD2 . LEU A 1 116 ? -32.138 -20.388 -29.190 1.00 28.54 ? 663 LEU A CD2 1 
ATOM   912  N N   . GLY A 1 117 ? -29.047 -23.206 -32.239 1.00 25.35 ? 664 GLY A N   1 
ATOM   913  C CA  . GLY A 1 117 ? -28.993 -23.169 -33.692 1.00 22.62 ? 664 GLY A CA  1 
ATOM   914  C C   . GLY A 1 117 ? -29.123 -24.572 -34.268 1.00 23.73 ? 664 GLY A C   1 
ATOM   915  O O   . GLY A 1 117 ? -29.835 -24.778 -35.239 1.00 25.95 ? 664 GLY A O   1 
ATOM   916  N N   . LYS A 1 118 ? -28.443 -25.544 -33.665 1.00 23.45 ? 665 LYS A N   1 
ATOM   917  C CA  . LYS A 1 118 ? -28.550 -26.931 -34.117 1.00 25.32 ? 665 LYS A CA  1 
ATOM   918  C C   . LYS A 1 118 ? -29.936 -27.528 -33.870 1.00 22.20 ? 665 LYS A C   1 
ATOM   919  O O   . LYS A 1 118 ? -30.421 -28.333 -34.667 1.00 21.35 ? 665 LYS A O   1 
ATOM   920  C CB  . LYS A 1 118 ? -27.498 -27.804 -33.443 1.00 25.30 ? 665 LYS A CB  1 
ATOM   921  C CG  . LYS A 1 118 ? -26.066 -27.433 -33.794 1.00 28.40 ? 665 LYS A CG  1 
ATOM   922  C CD  . LYS A 1 118 ? -25.092 -28.298 -33.013 1.00 32.33 ? 665 LYS A CD  1 
ATOM   923  C CE  . LYS A 1 118 ? -23.637 -27.906 -33.304 1.00 45.37 ? 665 LYS A CE  1 
ATOM   924  N NZ  . LYS A 1 118 ? -23.338 -27.909 -34.767 1.00 50.15 ? 665 LYS A NZ  1 
ATOM   925  N N   . ALA A 1 119 ? -30.556 -27.157 -32.753 1.00 20.76 ? 666 ALA A N   1 
ATOM   926  C CA  . ALA A 1 119 ? -31.906 -27.619 -32.438 1.00 23.37 ? 666 ALA A CA  1 
ATOM   927  C C   . ALA A 1 119 ? -32.890 -27.097 -33.471 1.00 21.80 ? 666 ALA A C   1 
ATOM   928  O O   . ALA A 1 119 ? -33.779 -27.819 -33.899 1.00 18.05 ? 666 ALA A O   1 
ATOM   929  C CB  . ALA A 1 119 ? -32.336 -27.162 -31.047 1.00 18.85 ? 666 ALA A CB  1 
ATOM   930  N N   . LEU A 1 120 ? -32.744 -25.831 -33.848 1.00 21.42 ? 667 LEU A N   1 
ATOM   931  C CA  . LEU A 1 120 ? -33.591 -25.245 -34.892 1.00 20.22 ? 667 LEU A CA  1 
ATOM   932  C C   . LEU A 1 120 ? -33.470 -25.992 -36.211 1.00 22.90 ? 667 LEU A C   1 
ATOM   933  O O   . LEU A 1 120 ? -34.475 -26.281 -36.866 1.00 22.38 ? 667 LEU A O   1 
ATOM   934  C CB  . LEU A 1 120 ? -33.206 -23.796 -35.149 1.00 25.44 ? 667 LEU A CB  1 
ATOM   935  C CG  . LEU A 1 120 ? -34.299 -22.752 -34.966 1.00 35.82 ? 667 LEU A CG  1 
ATOM   936  C CD1 . LEU A 1 120 ? -35.543 -23.135 -35.741 1.00 39.15 ? 667 LEU A CD1 1 
ATOM   937  C CD2 . LEU A 1 120 ? -34.600 -22.594 -33.480 1.00 34.78 ? 667 LEU A CD2 1 
ATOM   938  N N   . GLU A 1 121 ? -32.235 -26.258 -36.622 1.00 21.89 ? 668 GLU A N   1 
ATOM   939  C CA  . GLU A 1 121 ? -31.982 -26.953 -37.887 1.00 22.32 ? 668 GLU A CA  1 
ATOM   940  C C   . GLU A 1 121 ? -32.567 -28.358 -37.860 1.00 20.71 ? 668 GLU A C   1 
ATOM   941  O O   . GLU A 1 121 ? -33.151 -28.821 -38.840 1.00 19.20 ? 668 GLU A O   1 
ATOM   942  C CB  . GLU A 1 121 ? -30.483 -27.024 -38.182 1.00 22.95 ? 668 GLU A CB  1 
ATOM   943  C CG  . GLU A 1 121 ? -29.868 -25.681 -38.574 1.00 26.57 ? 668 GLU A CG  1 
ATOM   944  C CD  . GLU A 1 121 ? -28.359 -25.763 -38.754 1.00 31.18 ? 668 GLU A CD  1 
ATOM   945  O OE1 . GLU A 1 121 ? -27.809 -26.885 -38.766 1.00 28.81 ? 668 GLU A OE1 1 
ATOM   946  O OE2 . GLU A 1 121 ? -27.725 -24.700 -38.886 1.00 39.08 ? 668 GLU A OE2 1 
ATOM   947  N N   . THR A 1 122 ? -32.405 -29.038 -36.731 1.00 20.34 ? 669 THR A N   1 
ATOM   948  C CA  . THR A 1 122 ? -32.941 -30.382 -36.581 1.00 20.10 ? 669 THR A CA  1 
ATOM   949  C C   . THR A 1 122 ? -34.459 -30.381 -36.620 1.00 20.96 ? 669 THR A C   1 
ATOM   950  O O   . THR A 1 122 ? -35.069 -31.224 -37.284 1.00 21.00 ? 669 THR A O   1 
ATOM   951  C CB  . THR A 1 122 ? -32.464 -31.032 -35.276 1.00 20.51 ? 669 THR A CB  1 
ATOM   952  O OG1 . THR A 1 122 ? -31.039 -31.145 -35.316 1.00 20.07 ? 669 THR A OG1 1 
ATOM   953  C CG2 . THR A 1 122 ? -33.070 -32.423 -35.122 1.00 19.93 ? 669 THR A CG2 1 
ATOM   954  N N   . PHE A 1 123 ? -35.069 -29.444 -35.898 1.00 18.79 ? 670 PHE A N   1 
ATOM   955  C CA  . PHE A 1 123 ? -36.523 -29.291 -35.936 1.00 22.81 ? 670 PHE A CA  1 
ATOM   956  C C   . PHE A 1 123 ? -37.024 -29.000 -37.362 1.00 24.14 ? 670 PHE A C   1 
ATOM   957  O O   . PHE A 1 123 ? -38.066 -29.506 -37.785 1.00 22.19 ? 670 PHE A O   1 
ATOM   958  C CB  . PHE A 1 123 ? -36.969 -28.193 -34.970 1.00 23.71 ? 670 PHE A CB  1 
ATOM   959  C CG  . PHE A 1 123 ? -38.464 -28.019 -34.889 1.00 20.18 ? 670 PHE A CG  1 
ATOM   960  C CD1 . PHE A 1 123 ? -39.265 -29.021 -34.366 1.00 25.94 ? 670 PHE A CD1 1 
ATOM   961  C CD2 . PHE A 1 123 ? -39.061 -26.845 -35.320 1.00 22.74 ? 670 PHE A CD2 1 
ATOM   962  C CE1 . PHE A 1 123 ? -40.639 -28.858 -34.282 1.00 26.92 ? 670 PHE A CE1 1 
ATOM   963  C CE2 . PHE A 1 123 ? -40.433 -26.668 -35.238 1.00 27.25 ? 670 PHE A CE2 1 
ATOM   964  C CZ  . PHE A 1 123 ? -41.224 -27.679 -34.713 1.00 28.78 ? 670 PHE A CZ  1 
ATOM   965  N N   . ASP A 1 124 ? -36.282 -28.191 -38.108 1.00 24.24 ? 671 ASP A N   1 
ATOM   966  C CA  . ASP A 1 124 ? -36.646 -27.932 -39.501 1.00 25.20 ? 671 ASP A CA  1 
ATOM   967  C C   . ASP A 1 124 ? -36.590 -29.209 -40.372 1.00 24.46 ? 671 ASP A C   1 
ATOM   968  O O   . ASP A 1 124 ? -37.417 -29.401 -41.257 1.00 23.20 ? 671 ASP A O   1 
ATOM   969  C CB  . ASP A 1 124 ? -35.762 -26.834 -40.099 1.00 25.61 ? 671 ASP A CB  1 
ATOM   970  C CG  . ASP A 1 124 ? -36.121 -25.434 -39.593 1.00 33.26 ? 671 ASP A CG  1 
ATOM   971  O OD1 . ASP A 1 124 ? -37.265 -25.222 -39.123 1.00 33.60 ? 671 ASP A OD1 1 
ATOM   972  O OD2 . ASP A 1 124 ? -35.247 -24.542 -39.682 1.00 36.75 ? 671 ASP A OD2 1 
ATOM   973  N N   . LEU A 1 125 ? -35.601 -30.064 -40.139 1.00 23.02 ? 672 LEU A N   1 
ATOM   974  C CA  . LEU A 1 125 ? -35.517 -31.350 -40.841 1.00 24.11 ? 672 LEU A CA  1 
ATOM   975  C C   . LEU A 1 125 ? -36.738 -32.201 -40.509 1.00 25.87 ? 672 LEU A C   1 
ATOM   976  O O   . LEU A 1 125 ? -37.351 -32.810 -41.383 1.00 25.91 ? 672 LEU A O   1 
ATOM   977  C CB  . LEU A 1 125 ? -34.266 -32.114 -40.403 1.00 26.61 ? 672 LEU A CB  1 
ATOM   978  C CG  . LEU A 1 125 ? -33.056 -32.234 -41.329 1.00 34.89 ? 672 LEU A CG  1 
ATOM   979  C CD1 . LEU A 1 125 ? -32.869 -30.983 -42.171 1.00 32.90 ? 672 LEU A CD1 1 
ATOM   980  C CD2 . LEU A 1 125 ? -31.801 -32.540 -40.510 1.00 25.51 ? 672 LEU A CD2 1 
ATOM   981  N N   . ILE A 1 126 ? -37.076 -32.247 -39.228 1.00 25.17 ? 673 ILE A N   1 
ATOM   982  C CA  . ILE A 1 126 ? -38.209 -33.029 -38.761 1.00 22.50 ? 673 ILE A CA  1 
ATOM   983  C C   . ILE A 1 126 ? -39.484 -32.581 -39.455 1.00 25.03 ? 673 ILE A C   1 
ATOM   984  O O   . ILE A 1 126 ? -40.229 -33.408 -39.977 1.00 25.26 ? 673 ILE A O   1 
ATOM   985  C CB  . ILE A 1 126 ? -38.356 -32.928 -37.230 1.00 25.69 ? 673 ILE A CB  1 
ATOM   986  C CG1 . ILE A 1 126 ? -37.260 -33.750 -36.549 1.00 21.29 ? 673 ILE A CG1 1 
ATOM   987  C CG2 . ILE A 1 126 ? -39.716 -33.436 -36.775 1.00 23.85 ? 673 ILE A CG2 1 
ATOM   988  C CD1 . ILE A 1 126 ? -37.066 -33.401 -35.090 1.00 20.64 ? 673 ILE A CD1 1 
ATOM   989  N N   . LYS A 1 127 ? -39.718 -31.273 -39.475 1.00 24.11 ? 674 LYS A N   1 
ATOM   990  C CA  . LYS A 1 127 ? -40.896 -30.718 -40.139 1.00 32.84 ? 674 LYS A CA  1 
ATOM   991  C C   . LYS A 1 127 ? -40.932 -31.043 -41.634 1.00 34.93 ? 674 LYS A C   1 
ATOM   992  O O   . LYS A 1 127 ? -41.997 -31.300 -42.193 1.00 34.95 ? 674 LYS A O   1 
ATOM   993  C CB  . LYS A 1 127 ? -40.982 -29.210 -39.916 1.00 30.92 ? 674 LYS A CB  1 
ATOM   994  C CG  . LYS A 1 127 ? -41.707 -28.827 -38.629 1.00 33.84 ? 674 LYS A CG  1 
ATOM   995  C CD  . LYS A 1 127 ? -41.398 -27.401 -38.218 1.00 34.25 ? 674 LYS A CD  1 
ATOM   996  C CE  . LYS A 1 127 ? -41.399 -26.451 -39.398 1.00 42.66 ? 674 LYS A CE  1 
ATOM   997  N NZ  . LYS A 1 127 ? -40.820 -25.119 -39.029 1.00 44.61 ? 674 LYS A NZ  1 
ATOM   998  N N   . LEU A 1 128 ? -39.764 -31.036 -42.269 1.00 30.12 ? 675 LEU A N   1 
ATOM   999  C CA  . LEU A 1 128 ? -39.647 -31.406 -43.673 1.00 31.49 ? 675 LEU A CA  1 
ATOM   1000 C C   . LEU A 1 128 ? -40.045 -32.868 -43.867 1.00 37.03 ? 675 LEU A C   1 
ATOM   1001 O O   . LEU A 1 128 ? -40.755 -33.202 -44.815 1.00 33.28 ? 675 LEU A O   1 
ATOM   1002 C CB  . LEU A 1 128 ? -38.214 -31.190 -44.151 1.00 30.67 ? 675 LEU A CB  1 
ATOM   1003 C CG  . LEU A 1 128 ? -37.962 -30.633 -45.551 1.00 45.58 ? 675 LEU A CG  1 
ATOM   1004 C CD1 . LEU A 1 128 ? -39.028 -29.623 -45.955 1.00 44.74 ? 675 LEU A CD1 1 
ATOM   1005 C CD2 . LEU A 1 128 ? -36.574 -30.007 -45.606 1.00 42.77 ? 675 LEU A CD2 1 
ATOM   1006 N N   . CYS A 1 129 ? -39.586 -33.732 -42.965 1.00 34.57 ? 676 CYS A N   1 
ATOM   1007 C CA  . CYS A 1 129 ? -39.889 -35.161 -43.029 1.00 36.77 ? 676 CYS A CA  1 
ATOM   1008 C C   . CYS A 1 129 ? -41.384 -35.421 -42.892 1.00 38.29 ? 676 CYS A C   1 
ATOM   1009 O O   . CYS A 1 129 ? -41.903 -36.406 -43.417 1.00 44.63 ? 676 CYS A O   1 
ATOM   1010 C CB  . CYS A 1 129 ? -39.132 -35.930 -41.939 1.00 29.75 ? 676 CYS A CB  1 
ATOM   1011 S SG  . CYS A 1 129 ? -37.349 -36.123 -42.208 1.00 37.78 ? 676 CYS A SG  1 
ATOM   1012 N N   . CYS A 1 130 ? -42.075 -34.534 -42.183 1.00 34.76 ? 677 CYS A N   1 
ATOM   1013 C CA  . CYS A 1 130 ? -43.500 -34.707 -41.921 1.00 38.05 ? 677 CYS A CA  1 
ATOM   1014 C C   . CYS A 1 130 ? -44.375 -34.155 -43.053 1.00 45.04 ? 677 CYS A C   1 
ATOM   1015 O O   . CYS A 1 130 ? -43.904 -33.399 -43.911 1.00 47.52 ? 677 CYS A O   1 
ATOM   1016 C CB  . CYS A 1 130 ? -43.875 -34.044 -40.594 1.00 36.65 ? 677 CYS A CB  1 
ATOM   1017 S SG  . CYS A 1 130 ? -43.076 -34.788 -39.145 1.00 38.33 ? 677 CYS A SG  1 
HETATM 1018 O O   . HOH B 2 .   ? 24.818  23.493  14.503  1.00 18.74 ? 1   HOH A O   1 
HETATM 1019 O O   . HOH B 2 .   ? -3.831  -2.941  9.500   1.00 29.19 ? 2   HOH A O   1 
HETATM 1020 O O   . HOH B 2 .   ? -1.267  -11.120 6.380   1.00 24.51 ? 3   HOH A O   1 
HETATM 1021 O O   . HOH B 2 .   ? -28.903 -28.619 -29.848 1.00 24.60 ? 4   HOH A O   1 
HETATM 1022 O O   . HOH B 2 .   ? 7.241   7.672   14.507  1.00 26.20 ? 5   HOH A O   1 
HETATM 1023 O O   . HOH B 2 .   ? -20.036 -14.477 -25.833 1.00 24.33 ? 6   HOH A O   1 
HETATM 1024 O O   . HOH B 2 .   ? -12.893 -12.119 -0.671  1.00 21.55 ? 7   HOH A O   1 
HETATM 1025 O O   . HOH B 2 .   ? 8.956   12.081  14.534  1.00 29.05 ? 8   HOH A O   1 
HETATM 1026 O O   . HOH B 2 .   ? 29.481  24.712  15.020  1.00 25.59 ? 9   HOH A O   1 
HETATM 1027 O O   . HOH B 2 .   ? 7.069   10.171  13.440  1.00 23.91 ? 10  HOH A O   1 
HETATM 1028 O O   . HOH B 2 .   ? 6.129   9.701   4.167   1.00 29.11 ? 11  HOH A O   1 
HETATM 1029 O O   . HOH B 2 .   ? -8.409  -11.861 3.633   1.00 21.20 ? 12  HOH A O   1 
HETATM 1030 O O   . HOH B 2 .   ? 12.969  -1.842  8.260   1.00 27.56 ? 13  HOH A O   1 
HETATM 1031 O O   . HOH B 2 .   ? 15.207  17.119  14.490  1.00 31.13 ? 14  HOH A O   1 
HETATM 1032 O O   . HOH B 2 .   ? -13.137 -11.963 2.198   1.00 22.97 ? 15  HOH A O   1 
HETATM 1033 O O   . HOH B 2 .   ? -13.599 -11.086 -17.760 1.00 31.54 ? 16  HOH A O   1 
HETATM 1034 O O   . HOH B 2 .   ? 24.399  22.172  6.976   1.00 28.42 ? 17  HOH A O   1 
HETATM 1035 O O   . HOH B 2 .   ? 9.640   -2.439  7.241   1.00 29.16 ? 18  HOH A O   1 
HETATM 1036 O O   . HOH B 2 .   ? 10.104  4.354   20.867  1.00 35.66 ? 19  HOH A O   1 
HETATM 1037 O O   . HOH B 2 .   ? 25.011  15.657  8.318   1.00 29.00 ? 20  HOH A O   1 
HETATM 1038 O O   . HOH B 2 .   ? -8.393  -2.635  6.156   1.00 29.32 ? 21  HOH A O   1 
HETATM 1039 O O   . HOH B 2 .   ? -15.851 -17.110 -10.951 1.00 32.45 ? 22  HOH A O   1 
HETATM 1040 O O   . HOH B 2 .   ? 32.363  26.560  8.597   1.00 31.54 ? 23  HOH A O   1 
HETATM 1041 O O   . HOH B 2 .   ? -4.859  6.573   2.366   1.00 30.30 ? 24  HOH A O   1 
HETATM 1042 O O   . HOH B 2 .   ? 15.268  21.227  17.525  1.00 51.55 ? 25  HOH A O   1 
HETATM 1043 O O   . HOH B 2 .   ? -10.374 -3.312  8.825   1.00 41.55 ? 26  HOH A O   1 
HETATM 1044 O O   . HOH B 2 .   ? -7.596  -9.668  -8.881  1.00 30.27 ? 27  HOH A O   1 
HETATM 1045 O O   . HOH B 2 .   ? 31.471  22.906  15.094  1.00 31.25 ? 28  HOH A O   1 
HETATM 1046 O O   . HOH B 2 .   ? -22.062 -19.672 -30.891 1.00 30.32 ? 29  HOH A O   1 
HETATM 1047 O O   . HOH B 2 .   ? 3.604   2.724   16.517  1.00 30.57 ? 30  HOH A O   1 
HETATM 1048 O O   . HOH B 2 .   ? -11.581 -6.114  9.592   1.00 30.37 ? 31  HOH A O   1 
HETATM 1049 O O   . HOH B 2 .   ? -14.888 -15.364 -23.200 1.00 39.21 ? 32  HOH A O   1 
HETATM 1050 O O   . HOH B 2 .   ? 4.464   -7.857  10.413  1.00 37.26 ? 33  HOH A O   1 
HETATM 1051 O O   . HOH B 2 .   ? -2.002  7.013   1.677   1.00 33.82 ? 34  HOH A O   1 
HETATM 1052 O O   . HOH B 2 .   ? -17.283 -14.106 -26.575 1.00 31.97 ? 35  HOH A O   1 
HETATM 1053 O O   . HOH B 2 .   ? -7.698  -9.784  -11.655 1.00 30.46 ? 36  HOH A O   1 
HETATM 1054 O O   . HOH B 2 .   ? -38.867 -27.249 -42.457 1.00 33.14 ? 37  HOH A O   1 
HETATM 1055 O O   . HOH B 2 .   ? -6.898  -14.202 -6.696  1.00 42.03 ? 38  HOH A O   1 
HETATM 1056 O O   . HOH B 2 .   ? -14.159 -11.220 -20.622 1.00 37.69 ? 39  HOH A O   1 
HETATM 1057 O O   . HOH B 2 .   ? -4.692  4.028   1.184   1.00 33.17 ? 40  HOH A O   1 
HETATM 1058 O O   . HOH B 2 .   ? -14.608 -2.073  2.944   1.00 34.14 ? 41  HOH A O   1 
HETATM 1059 O O   . HOH B 2 .   ? 16.305  3.523   16.974  1.00 42.57 ? 42  HOH A O   1 
HETATM 1060 O O   . HOH B 2 .   ? 7.932   14.255  3.267   1.00 45.16 ? 43  HOH A O   1 
HETATM 1061 O O   . HOH B 2 .   ? 36.853  31.448  11.456  1.00 41.91 ? 44  HOH A O   1 
HETATM 1062 O O   . HOH B 2 .   ? 1.174   -11.255 6.919   1.00 36.24 ? 45  HOH A O   1 
HETATM 1063 O O   . HOH B 2 .   ? 15.846  7.011   22.107  1.00 32.01 ? 46  HOH A O   1 
HETATM 1064 O O   . HOH B 2 .   ? -0.684  0.335   15.125  1.00 39.15 ? 47  HOH A O   1 
HETATM 1065 O O   . HOH B 2 .   ? -2.520  -6.342  11.423  1.00 31.50 ? 48  HOH A O   1 
HETATM 1066 O O   . HOH B 2 .   ? 17.437  23.089  7.795   1.00 35.81 ? 49  HOH A O   1 
HETATM 1067 O O   . HOH B 2 .   ? 5.329   11.452  14.863  1.00 31.76 ? 50  HOH A O   1 
HETATM 1068 O O   . HOH B 2 .   ? 14.327  14.672  16.639  1.00 35.67 ? 51  HOH A O   1 
HETATM 1069 O O   . HOH B 2 .   ? 3.221   -9.125  6.551   1.00 36.71 ? 52  HOH A O   1 
HETATM 1070 O O   . HOH B 2 .   ? -25.411 -23.840 -34.359 1.00 35.84 ? 53  HOH A O   1 
HETATM 1071 O O   . HOH B 2 .   ? 2.107   14.540  6.393   1.00 40.50 ? 54  HOH A O   1 
HETATM 1072 O O   . HOH B 2 .   ? 14.913  4.316   21.345  1.00 38.01 ? 55  HOH A O   1 
HETATM 1073 O O   . HOH B 2 .   ? -1.219  -12.481 3.898   1.00 39.22 ? 56  HOH A O   1 
HETATM 1074 O O   . HOH B 2 .   ? -18.951 -10.216 -24.144 1.00 33.70 ? 57  HOH A O   1 
HETATM 1075 O O   . HOH B 2 .   ? -6.836  7.475   0.294   1.00 44.18 ? 58  HOH A O   1 
HETATM 1076 O O   . HOH B 2 .   ? -4.455  -11.968 -3.731  1.00 40.16 ? 59  HOH A O   1 
HETATM 1077 O O   . HOH B 2 .   ? -19.140 -21.509 -19.463 1.00 32.00 ? 60  HOH A O   1 
HETATM 1078 O O   . HOH B 2 .   ? -5.378  8.977   9.292   1.00 35.99 ? 61  HOH A O   1 
HETATM 1079 O O   . HOH B 2 .   ? 6.682   -5.609  8.499   1.00 35.61 ? 62  HOH A O   1 
HETATM 1080 O O   . HOH B 2 .   ? 1.772   0.474   16.151  1.00 37.57 ? 63  HOH A O   1 
HETATM 1081 O O   . HOH B 2 .   ? -12.890 -19.593 -7.345  1.00 47.13 ? 64  HOH A O   1 
HETATM 1082 O O   . HOH B 2 .   ? -26.337 -25.261 -24.104 1.00 37.72 ? 65  HOH A O   1 
HETATM 1083 O O   . HOH B 2 .   ? -17.931 -21.595 -25.849 1.00 43.47 ? 66  HOH A O   1 
HETATM 1084 O O   . HOH B 2 .   ? -4.934  -14.618 -2.192  1.00 49.84 ? 67  HOH A O   1 
HETATM 1085 O O   . HOH B 2 .   ? 13.490  18.969  14.476  1.00 41.14 ? 68  HOH A O   1 
HETATM 1086 O O   . HOH B 2 .   ? 5.712   8.026   16.755  1.00 38.85 ? 69  HOH A O   1 
HETATM 1087 O O   . HOH B 2 .   ? -20.780 -19.535 -14.787 1.00 41.48 ? 70  HOH A O   1 
HETATM 1088 O O   . HOH B 2 .   ? 30.770  27.061  16.833  1.00 41.52 ? 71  HOH A O   1 
HETATM 1089 O O   . HOH B 2 .   ? 20.962  16.318  26.292  1.00 44.66 ? 72  HOH A O   1 
HETATM 1090 O O   . HOH B 2 .   ? -24.303 -16.258 -20.360 1.00 28.70 ? 73  HOH A O   1 
HETATM 1091 O O   . HOH B 2 .   ? -2.487  -10.587 -2.577  1.00 42.89 ? 74  HOH A O   1 
HETATM 1092 O O   . HOH B 2 .   ? -24.096 -26.066 -22.929 1.00 49.30 ? 75  HOH A O   1 
HETATM 1093 O O   . HOH B 2 .   ? 10.408  13.522  18.285  1.00 44.31 ? 76  HOH A O   1 
HETATM 1094 O O   . HOH B 2 .   ? 16.042  1.303   14.977  1.00 47.94 ? 77  HOH A O   1 
HETATM 1095 O O   . HOH B 2 .   ? 8.223   -4.046  15.476  1.00 44.67 ? 78  HOH A O   1 
HETATM 1096 O O   . HOH B 2 .   ? 13.183  19.711  7.808   1.00 42.24 ? 79  HOH A O   1 
HETATM 1097 O O   . HOH B 2 .   ? -12.976 -3.595  1.494   1.00 42.75 ? 80  HOH A O   1 
HETATM 1098 O O   . HOH B 2 .   ? 8.751   17.090  12.237  1.00 42.27 ? 81  HOH A O   1 
HETATM 1099 O O   . HOH B 2 .   ? 8.240   -7.427  14.328  1.00 57.32 ? 82  HOH A O   1 
HETATM 1100 O O   . HOH B 2 .   ? 20.808  13.536  25.843  1.00 41.71 ? 83  HOH A O   1 
HETATM 1101 O O   . HOH B 2 .   ? 12.575  4.131   22.557  1.00 41.09 ? 84  HOH A O   1 
HETATM 1102 O O   . HOH B 2 .   ? -3.949  -2.083  14.537  1.00 47.49 ? 85  HOH A O   1 
HETATM 1103 O O   . HOH B 2 .   ? 3.261   15.057  8.828   1.00 40.95 ? 86  HOH A O   1 
HETATM 1104 O O   . HOH B 2 .   ? 20.867  23.194  25.977  1.00 48.91 ? 87  HOH A O   1 
HETATM 1105 O O   . HOH B 2 .   ? -28.580 -19.459 -32.256 1.00 38.56 ? 88  HOH A O   1 
HETATM 1106 O O   . HOH B 2 .   ? -0.782  -7.107  13.931  1.00 39.62 ? 89  HOH A O   1 
HETATM 1107 O O   . HOH B 2 .   ? -22.066 -17.156 -31.915 1.00 38.32 ? 90  HOH A O   1 
HETATM 1108 O O   . HOH B 2 .   ? -17.029 -22.589 -20.555 1.00 40.70 ? 91  HOH A O   1 
HETATM 1109 O O   . HOH B 2 .   ? 13.408  16.551  19.981  1.00 44.44 ? 92  HOH A O   1 
HETATM 1110 O O   . HOH B 2 .   ? 21.525  8.310   21.201  1.00 46.88 ? 93  HOH A O   1 
HETATM 1111 O O   . HOH B 2 .   ? -16.538 -11.160 -26.166 1.00 48.56 ? 94  HOH A O   1 
HETATM 1112 O O   . HOH B 2 .   ? 10.262  -1.387  16.471  1.00 39.95 ? 95  HOH A O   1 
HETATM 1113 O O   . HOH B 2 .   ? -21.777 -21.778 -15.293 1.00 47.19 ? 96  HOH A O   1 
HETATM 1114 O O   . HOH B 2 .   ? -17.191 -15.054 -6.210  1.00 41.21 ? 97  HOH A O   1 
HETATM 1115 O O   . HOH B 2 .   ? -18.951 -14.212 -8.974  1.00 47.30 ? 98  HOH A O   1 
HETATM 1116 O O   . HOH B 2 .   ? 15.214  19.821  21.876  1.00 51.66 ? 99  HOH A O   1 
HETATM 1117 O O   . HOH B 2 .   ? 12.422  15.611  17.810  1.00 45.41 ? 100 HOH A O   1 
HETATM 1118 O O   . HOH B 2 .   ? -15.858 -20.222 -26.735 1.00 50.89 ? 101 HOH A O   1 
HETATM 1119 O O   . HOH B 2 .   ? -10.226 -17.497 -9.193  1.00 49.79 ? 102 HOH A O   1 
HETATM 1120 O O   . HOH B 2 .   ? -15.930 -16.157 -25.326 1.00 42.63 ? 103 HOH A O   1 
HETATM 1121 O O   . HOH B 2 .   ? 15.991  20.809  19.717  1.00 54.05 ? 104 HOH A O   1 
HETATM 1122 O O   . HOH B 2 .   ? 45.069  18.127  16.410  1.00 52.79 ? 105 HOH A O   1 
HETATM 1123 O O   . HOH B 2 .   ? -37.100 -26.189 -44.366 1.00 49.76 ? 106 HOH A O   1 
HETATM 1124 O O   . HOH B 2 .   ? -30.044 -21.919 -37.095 1.00 43.76 ? 107 HOH A O   1 
HETATM 1125 O O   . HOH B 2 .   ? 38.613  27.953  15.628  1.00 43.97 ? 108 HOH A O   1 
HETATM 1126 O O   . HOH B 2 .   ? -18.280 -16.978 -9.382  1.00 45.52 ? 109 HOH A O   1 
HETATM 1127 O O   . HOH B 2 .   ? -11.329 -5.699  1.709   1.00 45.65 ? 110 HOH A O   1 
HETATM 1128 O O   . HOH B 2 .   ? 3.371   6.850   17.588  1.00 48.39 ? 111 HOH A O   1 
HETATM 1129 O O   . HOH B 2 .   ? 2.308   -11.795 -0.248  1.00 58.76 ? 112 HOH A O   1 
HETATM 1130 O O   . HOH B 2 .   ? -29.089 -22.471 -39.660 1.00 49.53 ? 113 HOH A O   1 
HETATM 1131 O O   . HOH B 2 .   ? -6.566  -13.728 3.123   1.00 35.58 ? 114 HOH A O   1 
HETATM 1132 O O   . HOH B 2 .   ? 7.344   3.033   23.754  1.00 56.15 ? 115 HOH A O   1 
HETATM 1133 O O   . HOH B 2 .   ? -12.862 -8.741  -21.829 1.00 49.87 ? 116 HOH A O   1 
HETATM 1134 O O   . HOH B 2 .   ? 8.788   1.958   21.222  1.00 46.89 ? 117 HOH A O   1 
HETATM 1135 O O   . HOH B 2 .   ? 24.840  13.254  9.092   1.00 34.61 ? 118 HOH A O   1 
HETATM 1136 O O   . HOH B 2 .   ? -29.496 -31.359 -32.833 1.00 34.12 ? 119 HOH A O   1 
HETATM 1137 O O   . HOH B 2 .   ? 10.840  -5.067  12.825  1.00 44.71 ? 120 HOH A O   1 
HETATM 1138 O O   . HOH B 2 .   ? 12.598  -2.162  15.211  1.00 44.86 ? 121 HOH A O   1 
HETATM 1139 O O   . HOH B 2 .   ? 9.070   13.922  0.845   1.00 53.06 ? 122 HOH A O   1 
HETATM 1140 O O   . HOH B 2 .   ? -13.382 -7.144  0.381   1.00 47.47 ? 123 HOH A O   1 
HETATM 1141 O O   . HOH B 2 .   ? 16.351  21.804  5.303   1.00 51.44 ? 124 HOH A O   1 
HETATM 1142 O O   . HOH B 2 .   ? -33.206 -23.857 -41.016 1.00 45.81 ? 125 HOH A O   1 
HETATM 1143 O O   . HOH B 2 .   ? -12.491 -8.164  -18.138 1.00 50.01 ? 126 HOH A O   1 
HETATM 1144 O O   . HOH B 2 .   ? -25.087 -24.375 -36.867 1.00 47.02 ? 127 HOH A O   1 
# 
loop_
_pdbx_poly_seq_scheme.asym_id 
_pdbx_poly_seq_scheme.entity_id 
_pdbx_poly_seq_scheme.seq_id 
_pdbx_poly_seq_scheme.mon_id 
_pdbx_poly_seq_scheme.ndb_seq_num 
_pdbx_poly_seq_scheme.pdb_seq_num 
_pdbx_poly_seq_scheme.auth_seq_num 
_pdbx_poly_seq_scheme.pdb_mon_id 
_pdbx_poly_seq_scheme.auth_mon_id 
_pdbx_poly_seq_scheme.pdb_strand_id 
_pdbx_poly_seq_scheme.pdb_ins_code 
_pdbx_poly_seq_scheme.hetero 
A 1 1   GLY 1   548 ?   ?   ?   A . n 
A 1 2   SER 2   549 ?   ?   ?   A . n 
A 1 3   ALA 3   550 ?   ?   ?   A . n 
A 1 4   LYS 4   551 ?   ?   ?   A . n 
A 1 5   ASN 5   552 ?   ?   ?   A . n 
A 1 6   SER 6   553 553 SER SER A . n 
A 1 7   SER 7   554 554 SER SER A . n 
A 1 8   ASN 8   555 555 ASN ASN A . n 
A 1 9   ARG 9   556 556 ARG ARG A . n 
A 1 10  MET 10  557 557 MET MET A . n 
A 1 11  TYR 11  558 558 TYR TYR A . n 
A 1 12  MET 12  559 559 MET MET A . n 
A 1 13  GLU 13  560 560 GLU GLU A . n 
A 1 14  LYS 14  561 561 LYS LYS A . n 
A 1 15  SER 15  562 562 SER SER A . n 
A 1 16  GLN 16  563 563 GLN GLN A . n 
A 1 17  THR 17  564 564 THR THR A . n 
A 1 18  GLU 18  565 565 GLU GLU A . n 
A 1 19  LEU 19  566 566 LEU LEU A . n 
A 1 20  GLY 20  567 567 GLY GLY A . n 
A 1 21  ASP 21  568 568 ASP ASP A . n 
A 1 22  LEU 22  569 569 LEU LEU A . n 
A 1 23  SER 23  570 570 SER SER A . n 
A 1 24  ASP 24  571 571 ASP ASP A . n 
A 1 25  THR 25  572 572 THR THR A . n 
A 1 26  LEU 26  573 573 LEU LEU A . n 
A 1 27  LEU 27  574 574 LEU LEU A . n 
A 1 28  SER 28  575 575 SER SER A . n 
A 1 29  LYS 29  576 576 LYS LYS A . n 
A 1 30  VAL 30  577 577 VAL VAL A . n 
A 1 31  ASP 31  578 578 ASP ASP A . n 
A 1 32  ASP 32  579 579 ASP ASP A . n 
A 1 33  LEU 33  580 580 LEU LEU A . n 
A 1 34  GLN 34  581 581 GLN GLN A . n 
A 1 35  ASP 35  582 582 ASP ASP A . n 
A 1 36  VAL 36  583 583 VAL VAL A . n 
A 1 37  ILE 37  584 584 ILE ILE A . n 
A 1 38  GLU 38  585 585 GLU GLU A . n 
A 1 39  ILE 39  586 586 ILE ILE A . n 
A 1 40  MET 40  587 587 MET MET A . n 
A 1 41  ARG 41  588 588 ARG ARG A . n 
A 1 42  LYS 42  589 589 LYS LYS A . n 
A 1 43  ASP 43  590 590 ASP ASP A . n 
A 1 44  VAL 44  591 591 VAL VAL A . n 
A 1 45  ALA 45  592 592 ALA ALA A . n 
A 1 46  GLU 46  593 593 GLU GLU A . n 
A 1 47  ARG 47  594 594 ARG ARG A . n 
A 1 48  ARG 48  595 595 ARG ARG A . n 
A 1 49  SER 49  596 596 SER SER A . n 
A 1 50  GLN 50  597 597 GLN GLN A . n 
A 1 51  PRO 51  598 598 PRO PRO A . n 
A 1 52  ALA 52  599 599 ALA ALA A . n 
A 1 53  LYS 53  600 600 LYS LYS A . n 
A 1 54  LYS 54  601 601 LYS LYS A . n 
A 1 55  LYS 55  602 602 LYS LYS A . n 
A 1 56  LEU 56  603 603 LEU LEU A . n 
A 1 57  GLU 57  604 604 GLU GLU A . n 
A 1 58  THR 58  605 605 THR THR A . n 
A 1 59  VAL 59  606 606 VAL VAL A . n 
A 1 60  SER 60  607 607 SER SER A . n 
A 1 61  LYS 61  608 608 LYS LYS A . n 
A 1 62  ASP 62  609 609 ASP ASP A . n 
A 1 63  LEU 63  610 610 LEU LEU A . n 
A 1 64  GLU 64  611 611 GLU GLU A . n 
A 1 65  ASN 65  612 612 ASN ASN A . n 
A 1 66  ALA 66  613 613 ALA ALA A . n 
A 1 67  GLN 67  614 614 GLN GLN A . n 
A 1 68  ALA 68  615 615 ALA ALA A . n 
A 1 69  ASP 69  616 616 ASP ASP A . n 
A 1 70  VAL 70  617 617 VAL VAL A . n 
A 1 71  LEU 71  618 618 LEU LEU A . n 
A 1 72  LYS 72  619 619 LYS LYS A . n 
A 1 73  LEU 73  620 620 LEU LEU A . n 
A 1 74  GLN 74  621 621 GLN GLN A . n 
A 1 75  GLU 75  622 622 GLU GLU A . n 
A 1 76  PHE 76  623 623 PHE PHE A . n 
A 1 77  ILE 77  624 624 ILE ILE A . n 
A 1 78  ASP 78  625 625 ASP ASP A . n 
A 1 79  THR 79  626 626 THR THR A . n 
A 1 80  GLU 80  627 627 GLU GLU A . n 
A 1 81  LYS 81  628 628 LYS LYS A . n 
A 1 82  PRO 82  629 629 PRO PRO A . n 
A 1 83  HIS 83  630 630 HIS HIS A . n 
A 1 84  TRP 84  631 631 TRP TRP A . n 
A 1 85  LYS 85  632 632 LYS LYS A . n 
A 1 86  LYS 86  633 633 LYS LYS A . n 
A 1 87  THR 87  634 634 THR THR A . n 
A 1 88  TRP 88  635 635 TRP TRP A . n 
A 1 89  GLU 89  636 636 GLU GLU A . n 
A 1 90  ALA 90  637 637 ALA ALA A . n 
A 1 91  GLU 91  638 638 GLU GLU A . n 
A 1 92  LEU 92  639 639 LEU LEU A . n 
A 1 93  ASP 93  640 640 ASP ASP A . n 
A 1 94  LYS 94  641 641 LYS LYS A . n 
A 1 95  VAL 95  642 642 VAL VAL A . n 
A 1 96  CYS 96  643 643 CYS CYS A . n 
A 1 97  GLU 97  644 644 GLU GLU A . n 
A 1 98  GLU 98  645 645 GLU GLU A . n 
A 1 99  GLN 99  646 646 GLN GLN A . n 
A 1 100 GLN 100 647 647 GLN GLN A . n 
A 1 101 PHE 101 648 648 PHE PHE A . n 
A 1 102 LEU 102 649 649 LEU LEU A . n 
A 1 103 THR 103 650 650 THR THR A . n 
A 1 104 LEU 104 651 651 LEU LEU A . n 
A 1 105 GLN 105 652 652 GLN GLN A . n 
A 1 106 GLU 106 653 653 GLU GLU A . n 
A 1 107 GLU 107 654 654 GLU GLU A . n 
A 1 108 LEU 108 655 655 LEU LEU A . n 
A 1 109 ILE 109 656 656 ILE ILE A . n 
A 1 110 LEU 110 657 657 LEU LEU A . n 
A 1 111 ASP 111 658 658 ASP ASP A . n 
A 1 112 LEU 112 659 659 LEU LEU A . n 
A 1 113 LYS 113 660 660 LYS LYS A . n 
A 1 114 GLU 114 661 661 GLU GLU A . n 
A 1 115 ASP 115 662 662 ASP ASP A . n 
A 1 116 LEU 116 663 663 LEU LEU A . n 
A 1 117 GLY 117 664 664 GLY GLY A . n 
A 1 118 LYS 118 665 665 LYS LYS A . n 
A 1 119 ALA 119 666 666 ALA ALA A . n 
A 1 120 LEU 120 667 667 LEU LEU A . n 
A 1 121 GLU 121 668 668 GLU GLU A . n 
A 1 122 THR 122 669 669 THR THR A . n 
A 1 123 PHE 123 670 670 PHE PHE A . n 
A 1 124 ASP 124 671 671 ASP ASP A . n 
A 1 125 LEU 125 672 672 LEU LEU A . n 
A 1 126 ILE 126 673 673 ILE ILE A . n 
A 1 127 LYS 127 674 674 LYS LYS A . n 
A 1 128 LEU 128 675 675 LEU LEU A . n 
A 1 129 CYS 129 676 676 CYS CYS A . n 
A 1 130 CYS 130 677 677 CYS CYS A . n 
A 1 131 GLU 131 678 ?   ?   ?   A . n 
A 1 132 GLU 132 679 ?   ?   ?   A . n 
A 1 133 GLN 133 680 ?   ?   ?   A . n 
A 1 134 GLU 134 681 ?   ?   ?   A . n 
A 1 135 LYS 135 682 ?   ?   ?   A . n 
A 1 136 ASN 136 683 ?   ?   ?   A . n 
A 1 137 PRO 137 684 ?   ?   ?   A . n 
A 1 138 SER 138 685 ?   ?   ?   A . n 
A 1 139 ARG 139 686 ?   ?   ?   A . n 
A 1 140 SER 140 687 ?   ?   ?   A . n 
A 1 141 LYS 141 688 ?   ?   ?   A . n 
# 
loop_
_pdbx_nonpoly_scheme.asym_id 
_pdbx_nonpoly_scheme.entity_id 
_pdbx_nonpoly_scheme.mon_id 
_pdbx_nonpoly_scheme.ndb_seq_num 
_pdbx_nonpoly_scheme.pdb_seq_num 
_pdbx_nonpoly_scheme.auth_seq_num 
_pdbx_nonpoly_scheme.pdb_mon_id 
_pdbx_nonpoly_scheme.auth_mon_id 
_pdbx_nonpoly_scheme.pdb_strand_id 
_pdbx_nonpoly_scheme.pdb_ins_code 
B 2 HOH 1   1   1   HOH HOH A . 
B 2 HOH 2   2   2   HOH HOH A . 
B 2 HOH 3   3   3   HOH HOH A . 
B 2 HOH 4   4   4   HOH HOH A . 
B 2 HOH 5   5   5   HOH HOH A . 
B 2 HOH 6   6   6   HOH HOH A . 
B 2 HOH 7   7   7   HOH HOH A . 
B 2 HOH 8   8   8   HOH HOH A . 
B 2 HOH 9   9   9   HOH HOH A . 
B 2 HOH 10  10  10  HOH HOH A . 
B 2 HOH 11  11  11  HOH HOH A . 
B 2 HOH 12  12  12  HOH HOH A . 
B 2 HOH 13  13  13  HOH HOH A . 
B 2 HOH 14  14  14  HOH HOH A . 
B 2 HOH 15  15  15  HOH HOH A . 
B 2 HOH 16  16  16  HOH HOH A . 
B 2 HOH 17  17  17  HOH HOH A . 
B 2 HOH 18  18  18  HOH HOH A . 
B 2 HOH 19  19  19  HOH HOH A . 
B 2 HOH 20  20  20  HOH HOH A . 
B 2 HOH 21  21  21  HOH HOH A . 
B 2 HOH 22  22  22  HOH HOH A . 
B 2 HOH 23  23  23  HOH HOH A . 
B 2 HOH 24  24  24  HOH HOH A . 
B 2 HOH 25  25  25  HOH HOH A . 
B 2 HOH 26  26  26  HOH HOH A . 
B 2 HOH 27  27  27  HOH HOH A . 
B 2 HOH 28  28  28  HOH HOH A . 
B 2 HOH 29  29  29  HOH HOH A . 
B 2 HOH 30  30  30  HOH HOH A . 
B 2 HOH 31  31  31  HOH HOH A . 
B 2 HOH 32  32  32  HOH HOH A . 
B 2 HOH 33  33  33  HOH HOH A . 
B 2 HOH 34  34  34  HOH HOH A . 
B 2 HOH 35  35  35  HOH HOH A . 
B 2 HOH 36  36  36  HOH HOH A . 
B 2 HOH 37  37  37  HOH HOH A . 
B 2 HOH 38  38  38  HOH HOH A . 
B 2 HOH 39  39  39  HOH HOH A . 
B 2 HOH 40  40  40  HOH HOH A . 
B 2 HOH 41  41  41  HOH HOH A . 
B 2 HOH 42  42  42  HOH HOH A . 
B 2 HOH 43  43  43  HOH HOH A . 
B 2 HOH 44  44  44  HOH HOH A . 
B 2 HOH 45  45  45  HOH HOH A . 
B 2 HOH 46  46  46  HOH HOH A . 
B 2 HOH 47  47  47  HOH HOH A . 
B 2 HOH 48  48  48  HOH HOH A . 
B 2 HOH 49  49  49  HOH HOH A . 
B 2 HOH 50  50  50  HOH HOH A . 
B 2 HOH 51  51  51  HOH HOH A . 
B 2 HOH 52  52  52  HOH HOH A . 
B 2 HOH 53  53  53  HOH HOH A . 
B 2 HOH 54  54  54  HOH HOH A . 
B 2 HOH 55  55  55  HOH HOH A . 
B 2 HOH 56  56  56  HOH HOH A . 
B 2 HOH 57  57  57  HOH HOH A . 
B 2 HOH 58  58  58  HOH HOH A . 
B 2 HOH 59  59  59  HOH HOH A . 
B 2 HOH 60  60  60  HOH HOH A . 
B 2 HOH 61  61  61  HOH HOH A . 
B 2 HOH 62  62  62  HOH HOH A . 
B 2 HOH 63  63  63  HOH HOH A . 
B 2 HOH 64  64  64  HOH HOH A . 
B 2 HOH 65  65  65  HOH HOH A . 
B 2 HOH 66  66  66  HOH HOH A . 
B 2 HOH 67  67  67  HOH HOH A . 
B 2 HOH 68  68  68  HOH HOH A . 
B 2 HOH 69  69  69  HOH HOH A . 
B 2 HOH 70  70  70  HOH HOH A . 
B 2 HOH 71  71  71  HOH HOH A . 
B 2 HOH 72  72  72  HOH HOH A . 
B 2 HOH 73  73  73  HOH HOH A . 
B 2 HOH 74  74  74  HOH HOH A . 
B 2 HOH 75  75  75  HOH HOH A . 
B 2 HOH 76  76  76  HOH HOH A . 
B 2 HOH 77  77  77  HOH HOH A . 
B 2 HOH 78  78  78  HOH HOH A . 
B 2 HOH 79  79  79  HOH HOH A . 
B 2 HOH 80  80  80  HOH HOH A . 
B 2 HOH 81  81  81  HOH HOH A . 
B 2 HOH 82  82  82  HOH HOH A . 
B 2 HOH 83  83  83  HOH HOH A . 
B 2 HOH 84  84  84  HOH HOH A . 
B 2 HOH 85  85  85  HOH HOH A . 
B 2 HOH 86  86  86  HOH HOH A . 
B 2 HOH 87  87  87  HOH HOH A . 
B 2 HOH 88  88  88  HOH HOH A . 
B 2 HOH 89  89  89  HOH HOH A . 
B 2 HOH 90  90  90  HOH HOH A . 
B 2 HOH 91  91  91  HOH HOH A . 
B 2 HOH 92  92  92  HOH HOH A . 
B 2 HOH 93  93  93  HOH HOH A . 
B 2 HOH 94  94  94  HOH HOH A . 
B 2 HOH 95  95  95  HOH HOH A . 
B 2 HOH 96  96  96  HOH HOH A . 
B 2 HOH 97  97  97  HOH HOH A . 
B 2 HOH 98  98  98  HOH HOH A . 
B 2 HOH 99  99  99  HOH HOH A . 
B 2 HOH 100 100 100 HOH HOH A . 
B 2 HOH 101 101 101 HOH HOH A . 
B 2 HOH 102 102 102 HOH HOH A . 
B 2 HOH 103 103 103 HOH HOH A . 
B 2 HOH 104 104 104 HOH HOH A . 
B 2 HOH 105 105 105 HOH HOH A . 
B 2 HOH 106 106 106 HOH HOH A . 
B 2 HOH 107 107 107 HOH HOH A . 
B 2 HOH 108 108 108 HOH HOH A . 
B 2 HOH 109 109 109 HOH HOH A . 
B 2 HOH 110 110 110 HOH HOH A . 
B 2 HOH 111 111 111 HOH HOH A . 
B 2 HOH 112 112 112 HOH HOH A . 
B 2 HOH 113 113 113 HOH HOH A . 
B 2 HOH 114 114 114 HOH HOH A . 
B 2 HOH 115 115 115 HOH HOH A . 
B 2 HOH 116 116 116 HOH HOH A . 
B 2 HOH 117 117 117 HOH HOH A . 
B 2 HOH 118 118 118 HOH HOH A . 
B 2 HOH 119 119 119 HOH HOH A . 
B 2 HOH 120 120 120 HOH HOH A . 
B 2 HOH 121 121 121 HOH HOH A . 
B 2 HOH 122 122 122 HOH HOH A . 
B 2 HOH 123 123 123 HOH HOH A . 
B 2 HOH 124 124 124 HOH HOH A . 
B 2 HOH 125 125 125 HOH HOH A . 
B 2 HOH 126 126 126 HOH HOH A . 
B 2 HOH 127 127 127 HOH HOH A . 
# 
_pdbx_struct_assembly.id                   1 
_pdbx_struct_assembly.details              author_and_software_defined_assembly 
_pdbx_struct_assembly.method_details       PISA 
_pdbx_struct_assembly.oligomeric_details   dimeric 
_pdbx_struct_assembly.oligomeric_count     2 
# 
_pdbx_struct_assembly_gen.assembly_id       1 
_pdbx_struct_assembly_gen.oper_expression   1,2 
_pdbx_struct_assembly_gen.asym_id_list      A,B 
# 
loop_
_pdbx_struct_assembly_prop.biol_id 
_pdbx_struct_assembly_prop.type 
_pdbx_struct_assembly_prop.value 
_pdbx_struct_assembly_prop.details 
1 'ABSA (A^2)' 5150  ? 
1 MORE         -56   ? 
1 'SSA (A^2)'  15730 ? 
# 
loop_
_pdbx_struct_oper_list.id 
_pdbx_struct_oper_list.type 
_pdbx_struct_oper_list.name 
_pdbx_struct_oper_list.symmetry_operation 
_pdbx_struct_oper_list.matrix[1][1] 
_pdbx_struct_oper_list.matrix[1][2] 
_pdbx_struct_oper_list.matrix[1][3] 
_pdbx_struct_oper_list.vector[1] 
_pdbx_struct_oper_list.matrix[2][1] 
_pdbx_struct_oper_list.matrix[2][2] 
_pdbx_struct_oper_list.matrix[2][3] 
_pdbx_struct_oper_list.vector[2] 
_pdbx_struct_oper_list.matrix[3][1] 
_pdbx_struct_oper_list.matrix[3][2] 
_pdbx_struct_oper_list.matrix[3][3] 
_pdbx_struct_oper_list.vector[3] 
1 'identity operation'         1_555 x,y,z   1.0000000000 0.0000000000  0.0000000000  0.0000000000   0.0000000000  1.0000000000  0.0000000000 0.0000000000   0.0000000000  0.0000000000 1.0000000000  0.0000000000   
2 'crystal symmetry operation' 4_555 x,-y,-z 0.0443136240 -0.5879414510 -0.8076887723 -16.7821073999 -0.5879414510 -0.6689929712 0.4547232726 -11.2389587105 -0.8076887723 0.4547232726 -0.3753206528 -13.5175008989 
# 
loop_
_pdbx_audit_revision_history.ordinal 
_pdbx_audit_revision_history.data_content_type 
_pdbx_audit_revision_history.major_revision 
_pdbx_audit_revision_history.minor_revision 
_pdbx_audit_revision_history.revision_date 
1 'Structure model' 1 0 2011-09-14 
2 'Structure model' 1 1 2012-12-05 
3 'Structure model' 1 2 2012-12-26 
4 'Structure model' 1 3 2023-09-06 
# 
_pdbx_audit_revision_details.ordinal             1 
_pdbx_audit_revision_details.revision_ordinal    1 
_pdbx_audit_revision_details.data_content_type   'Structure model' 
_pdbx_audit_revision_details.provider            repository 
_pdbx_audit_revision_details.type                'Initial release' 
_pdbx_audit_revision_details.description         ? 
_pdbx_audit_revision_details.details             ? 
# 
loop_
_pdbx_audit_revision_group.ordinal 
_pdbx_audit_revision_group.revision_ordinal 
_pdbx_audit_revision_group.data_content_type 
_pdbx_audit_revision_group.group 
1 2 'Structure model' 'Database references'    
2 3 'Structure model' 'Database references'    
3 4 'Structure model' 'Data collection'        
4 4 'Structure model' 'Database references'    
5 4 'Structure model' 'Refinement description' 
# 
loop_
_pdbx_audit_revision_category.ordinal 
_pdbx_audit_revision_category.revision_ordinal 
_pdbx_audit_revision_category.data_content_type 
_pdbx_audit_revision_category.category 
1 4 'Structure model' chem_comp_atom                
2 4 'Structure model' chem_comp_bond                
3 4 'Structure model' database_2                    
4 4 'Structure model' pdbx_initial_refinement_model 
5 4 'Structure model' struct_ref_seq_dif            
# 
loop_
_pdbx_audit_revision_item.ordinal 
_pdbx_audit_revision_item.revision_ordinal 
_pdbx_audit_revision_item.data_content_type 
_pdbx_audit_revision_item.item 
1 4 'Structure model' '_database_2.pdbx_DOI'                
2 4 'Structure model' '_database_2.pdbx_database_accession' 
3 4 'Structure model' '_struct_ref_seq_dif.details'         
# 
loop_
_software.name 
_software.classification 
_software.version 
_software.citation_id 
_software.pdbx_ordinal 
HKL-2000 'data collection' .                        ? 1 
PHASER   phasing           .                        ? 2 
PHENIX   refinement        '(phenix.refine: 1.5_2)' ? 3 
HKL-2000 'data reduction'  .                        ? 4 
HKL-2000 'data scaling'    .                        ? 5 
# 
loop_
_pdbx_unobs_or_zero_occ_residues.id 
_pdbx_unobs_or_zero_occ_residues.PDB_model_num 
_pdbx_unobs_or_zero_occ_residues.polymer_flag 
_pdbx_unobs_or_zero_occ_residues.occupancy_flag 
_pdbx_unobs_or_zero_occ_residues.auth_asym_id 
_pdbx_unobs_or_zero_occ_residues.auth_comp_id 
_pdbx_unobs_or_zero_occ_residues.auth_seq_id 
_pdbx_unobs_or_zero_occ_residues.PDB_ins_code 
_pdbx_unobs_or_zero_occ_residues.label_asym_id 
_pdbx_unobs_or_zero_occ_residues.label_comp_id 
_pdbx_unobs_or_zero_occ_residues.label_seq_id 
1  1 Y 1 A GLY 548 ? A GLY 1   
2  1 Y 1 A SER 549 ? A SER 2   
3  1 Y 1 A ALA 550 ? A ALA 3   
4  1 Y 1 A LYS 551 ? A LYS 4   
5  1 Y 1 A ASN 552 ? A ASN 5   
6  1 Y 1 A GLU 678 ? A GLU 131 
7  1 Y 1 A GLU 679 ? A GLU 132 
8  1 Y 1 A GLN 680 ? A GLN 133 
9  1 Y 1 A GLU 681 ? A GLU 134 
10 1 Y 1 A LYS 682 ? A LYS 135 
11 1 Y 1 A ASN 683 ? A ASN 136 
12 1 Y 1 A PRO 684 ? A PRO 137 
13 1 Y 1 A SER 685 ? A SER 138 
14 1 Y 1 A ARG 686 ? A ARG 139 
15 1 Y 1 A SER 687 ? A SER 140 
16 1 Y 1 A LYS 688 ? A LYS 141 
# 
loop_
_chem_comp_atom.comp_id 
_chem_comp_atom.atom_id 
_chem_comp_atom.type_symbol 
_chem_comp_atom.pdbx_aromatic_flag 
_chem_comp_atom.pdbx_stereo_config 
_chem_comp_atom.pdbx_ordinal 
ALA N    N N N 1   
ALA CA   C N S 2   
ALA C    C N N 3   
ALA O    O N N 4   
ALA CB   C N N 5   
ALA OXT  O N N 6   
ALA H    H N N 7   
ALA H2   H N N 8   
ALA HA   H N N 9   
ALA HB1  H N N 10  
ALA HB2  H N N 11  
ALA HB3  H N N 12  
ALA HXT  H N N 13  
ARG N    N N N 14  
ARG CA   C N S 15  
ARG C    C N N 16  
ARG O    O N N 17  
ARG CB   C N N 18  
ARG CG   C N N 19  
ARG CD   C N N 20  
ARG NE   N N N 21  
ARG CZ   C N N 22  
ARG NH1  N N N 23  
ARG NH2  N N N 24  
ARG OXT  O N N 25  
ARG H    H N N 26  
ARG H2   H N N 27  
ARG HA   H N N 28  
ARG HB2  H N N 29  
ARG HB3  H N N 30  
ARG HG2  H N N 31  
ARG HG3  H N N 32  
ARG HD2  H N N 33  
ARG HD3  H N N 34  
ARG HE   H N N 35  
ARG HH11 H N N 36  
ARG HH12 H N N 37  
ARG HH21 H N N 38  
ARG HH22 H N N 39  
ARG HXT  H N N 40  
ASN N    N N N 41  
ASN CA   C N S 42  
ASN C    C N N 43  
ASN O    O N N 44  
ASN CB   C N N 45  
ASN CG   C N N 46  
ASN OD1  O N N 47  
ASN ND2  N N N 48  
ASN OXT  O N N 49  
ASN H    H N N 50  
ASN H2   H N N 51  
ASN HA   H N N 52  
ASN HB2  H N N 53  
ASN HB3  H N N 54  
ASN HD21 H N N 55  
ASN HD22 H N N 56  
ASN HXT  H N N 57  
ASP N    N N N 58  
ASP CA   C N S 59  
ASP C    C N N 60  
ASP O    O N N 61  
ASP CB   C N N 62  
ASP CG   C N N 63  
ASP OD1  O N N 64  
ASP OD2  O N N 65  
ASP OXT  O N N 66  
ASP H    H N N 67  
ASP H2   H N N 68  
ASP HA   H N N 69  
ASP HB2  H N N 70  
ASP HB3  H N N 71  
ASP HD2  H N N 72  
ASP HXT  H N N 73  
CYS N    N N N 74  
CYS CA   C N R 75  
CYS C    C N N 76  
CYS O    O N N 77  
CYS CB   C N N 78  
CYS SG   S N N 79  
CYS OXT  O N N 80  
CYS H    H N N 81  
CYS H2   H N N 82  
CYS HA   H N N 83  
CYS HB2  H N N 84  
CYS HB3  H N N 85  
CYS HG   H N N 86  
CYS HXT  H N N 87  
GLN N    N N N 88  
GLN CA   C N S 89  
GLN C    C N N 90  
GLN O    O N N 91  
GLN CB   C N N 92  
GLN CG   C N N 93  
GLN CD   C N N 94  
GLN OE1  O N N 95  
GLN NE2  N N N 96  
GLN OXT  O N N 97  
GLN H    H N N 98  
GLN H2   H N N 99  
GLN HA   H N N 100 
GLN HB2  H N N 101 
GLN HB3  H N N 102 
GLN HG2  H N N 103 
GLN HG3  H N N 104 
GLN HE21 H N N 105 
GLN HE22 H N N 106 
GLN HXT  H N N 107 
GLU N    N N N 108 
GLU CA   C N S 109 
GLU C    C N N 110 
GLU O    O N N 111 
GLU CB   C N N 112 
GLU CG   C N N 113 
GLU CD   C N N 114 
GLU OE1  O N N 115 
GLU OE2  O N N 116 
GLU OXT  O N N 117 
GLU H    H N N 118 
GLU H2   H N N 119 
GLU HA   H N N 120 
GLU HB2  H N N 121 
GLU HB3  H N N 122 
GLU HG2  H N N 123 
GLU HG3  H N N 124 
GLU HE2  H N N 125 
GLU HXT  H N N 126 
GLY N    N N N 127 
GLY CA   C N N 128 
GLY C    C N N 129 
GLY O    O N N 130 
GLY OXT  O N N 131 
GLY H    H N N 132 
GLY H2   H N N 133 
GLY HA2  H N N 134 
GLY HA3  H N N 135 
GLY HXT  H N N 136 
HIS N    N N N 137 
HIS CA   C N S 138 
HIS C    C N N 139 
HIS O    O N N 140 
HIS CB   C N N 141 
HIS CG   C Y N 142 
HIS ND1  N Y N 143 
HIS CD2  C Y N 144 
HIS CE1  C Y N 145 
HIS NE2  N Y N 146 
HIS OXT  O N N 147 
HIS H    H N N 148 
HIS H2   H N N 149 
HIS HA   H N N 150 
HIS HB2  H N N 151 
HIS HB3  H N N 152 
HIS HD1  H N N 153 
HIS HD2  H N N 154 
HIS HE1  H N N 155 
HIS HE2  H N N 156 
HIS HXT  H N N 157 
HOH O    O N N 158 
HOH H1   H N N 159 
HOH H2   H N N 160 
ILE N    N N N 161 
ILE CA   C N S 162 
ILE C    C N N 163 
ILE O    O N N 164 
ILE CB   C N S 165 
ILE CG1  C N N 166 
ILE CG2  C N N 167 
ILE CD1  C N N 168 
ILE OXT  O N N 169 
ILE H    H N N 170 
ILE H2   H N N 171 
ILE HA   H N N 172 
ILE HB   H N N 173 
ILE HG12 H N N 174 
ILE HG13 H N N 175 
ILE HG21 H N N 176 
ILE HG22 H N N 177 
ILE HG23 H N N 178 
ILE HD11 H N N 179 
ILE HD12 H N N 180 
ILE HD13 H N N 181 
ILE HXT  H N N 182 
LEU N    N N N 183 
LEU CA   C N S 184 
LEU C    C N N 185 
LEU O    O N N 186 
LEU CB   C N N 187 
LEU CG   C N N 188 
LEU CD1  C N N 189 
LEU CD2  C N N 190 
LEU OXT  O N N 191 
LEU H    H N N 192 
LEU H2   H N N 193 
LEU HA   H N N 194 
LEU HB2  H N N 195 
LEU HB3  H N N 196 
LEU HG   H N N 197 
LEU HD11 H N N 198 
LEU HD12 H N N 199 
LEU HD13 H N N 200 
LEU HD21 H N N 201 
LEU HD22 H N N 202 
LEU HD23 H N N 203 
LEU HXT  H N N 204 
LYS N    N N N 205 
LYS CA   C N S 206 
LYS C    C N N 207 
LYS O    O N N 208 
LYS CB   C N N 209 
LYS CG   C N N 210 
LYS CD   C N N 211 
LYS CE   C N N 212 
LYS NZ   N N N 213 
LYS OXT  O N N 214 
LYS H    H N N 215 
LYS H2   H N N 216 
LYS HA   H N N 217 
LYS HB2  H N N 218 
LYS HB3  H N N 219 
LYS HG2  H N N 220 
LYS HG3  H N N 221 
LYS HD2  H N N 222 
LYS HD3  H N N 223 
LYS HE2  H N N 224 
LYS HE3  H N N 225 
LYS HZ1  H N N 226 
LYS HZ2  H N N 227 
LYS HZ3  H N N 228 
LYS HXT  H N N 229 
MET N    N N N 230 
MET CA   C N S 231 
MET C    C N N 232 
MET O    O N N 233 
MET CB   C N N 234 
MET CG   C N N 235 
MET SD   S N N 236 
MET CE   C N N 237 
MET OXT  O N N 238 
MET H    H N N 239 
MET H2   H N N 240 
MET HA   H N N 241 
MET HB2  H N N 242 
MET HB3  H N N 243 
MET HG2  H N N 244 
MET HG3  H N N 245 
MET HE1  H N N 246 
MET HE2  H N N 247 
MET HE3  H N N 248 
MET HXT  H N N 249 
PHE N    N N N 250 
PHE CA   C N S 251 
PHE C    C N N 252 
PHE O    O N N 253 
PHE CB   C N N 254 
PHE CG   C Y N 255 
PHE CD1  C Y N 256 
PHE CD2  C Y N 257 
PHE CE1  C Y N 258 
PHE CE2  C Y N 259 
PHE CZ   C Y N 260 
PHE OXT  O N N 261 
PHE H    H N N 262 
PHE H2   H N N 263 
PHE HA   H N N 264 
PHE HB2  H N N 265 
PHE HB3  H N N 266 
PHE HD1  H N N 267 
PHE HD2  H N N 268 
PHE HE1  H N N 269 
PHE HE2  H N N 270 
PHE HZ   H N N 271 
PHE HXT  H N N 272 
PRO N    N N N 273 
PRO CA   C N S 274 
PRO C    C N N 275 
PRO O    O N N 276 
PRO CB   C N N 277 
PRO CG   C N N 278 
PRO CD   C N N 279 
PRO OXT  O N N 280 
PRO H    H N N 281 
PRO HA   H N N 282 
PRO HB2  H N N 283 
PRO HB3  H N N 284 
PRO HG2  H N N 285 
PRO HG3  H N N 286 
PRO HD2  H N N 287 
PRO HD3  H N N 288 
PRO HXT  H N N 289 
SER N    N N N 290 
SER CA   C N S 291 
SER C    C N N 292 
SER O    O N N 293 
SER CB   C N N 294 
SER OG   O N N 295 
SER OXT  O N N 296 
SER H    H N N 297 
SER H2   H N N 298 
SER HA   H N N 299 
SER HB2  H N N 300 
SER HB3  H N N 301 
SER HG   H N N 302 
SER HXT  H N N 303 
THR N    N N N 304 
THR CA   C N S 305 
THR C    C N N 306 
THR O    O N N 307 
THR CB   C N R 308 
THR OG1  O N N 309 
THR CG2  C N N 310 
THR OXT  O N N 311 
THR H    H N N 312 
THR H2   H N N 313 
THR HA   H N N 314 
THR HB   H N N 315 
THR HG1  H N N 316 
THR HG21 H N N 317 
THR HG22 H N N 318 
THR HG23 H N N 319 
THR HXT  H N N 320 
TRP N    N N N 321 
TRP CA   C N S 322 
TRP C    C N N 323 
TRP O    O N N 324 
TRP CB   C N N 325 
TRP CG   C Y N 326 
TRP CD1  C Y N 327 
TRP CD2  C Y N 328 
TRP NE1  N Y N 329 
TRP CE2  C Y N 330 
TRP CE3  C Y N 331 
TRP CZ2  C Y N 332 
TRP CZ3  C Y N 333 
TRP CH2  C Y N 334 
TRP OXT  O N N 335 
TRP H    H N N 336 
TRP H2   H N N 337 
TRP HA   H N N 338 
TRP HB2  H N N 339 
TRP HB3  H N N 340 
TRP HD1  H N N 341 
TRP HE1  H N N 342 
TRP HE3  H N N 343 
TRP HZ2  H N N 344 
TRP HZ3  H N N 345 
TRP HH2  H N N 346 
TRP HXT  H N N 347 
TYR N    N N N 348 
TYR CA   C N S 349 
TYR C    C N N 350 
TYR O    O N N 351 
TYR CB   C N N 352 
TYR CG   C Y N 353 
TYR CD1  C Y N 354 
TYR CD2  C Y N 355 
TYR CE1  C Y N 356 
TYR CE2  C Y N 357 
TYR CZ   C Y N 358 
TYR OH   O N N 359 
TYR OXT  O N N 360 
TYR H    H N N 361 
TYR H2   H N N 362 
TYR HA   H N N 363 
TYR HB2  H N N 364 
TYR HB3  H N N 365 
TYR HD1  H N N 366 
TYR HD2  H N N 367 
TYR HE1  H N N 368 
TYR HE2  H N N 369 
TYR HH   H N N 370 
TYR HXT  H N N 371 
VAL N    N N N 372 
VAL CA   C N S 373 
VAL C    C N N 374 
VAL O    O N N 375 
VAL CB   C N N 376 
VAL CG1  C N N 377 
VAL CG2  C N N 378 
VAL OXT  O N N 379 
VAL H    H N N 380 
VAL H2   H N N 381 
VAL HA   H N N 382 
VAL HB   H N N 383 
VAL HG11 H N N 384 
VAL HG12 H N N 385 
VAL HG13 H N N 386 
VAL HG21 H N N 387 
VAL HG22 H N N 388 
VAL HG23 H N N 389 
VAL HXT  H N N 390 
# 
loop_
_chem_comp_bond.comp_id 
_chem_comp_bond.atom_id_1 
_chem_comp_bond.atom_id_2 
_chem_comp_bond.value_order 
_chem_comp_bond.pdbx_aromatic_flag 
_chem_comp_bond.pdbx_stereo_config 
_chem_comp_bond.pdbx_ordinal 
ALA N   CA   sing N N 1   
ALA N   H    sing N N 2   
ALA N   H2   sing N N 3   
ALA CA  C    sing N N 4   
ALA CA  CB   sing N N 5   
ALA CA  HA   sing N N 6   
ALA C   O    doub N N 7   
ALA C   OXT  sing N N 8   
ALA CB  HB1  sing N N 9   
ALA CB  HB2  sing N N 10  
ALA CB  HB3  sing N N 11  
ALA OXT HXT  sing N N 12  
ARG N   CA   sing N N 13  
ARG N   H    sing N N 14  
ARG N   H2   sing N N 15  
ARG CA  C    sing N N 16  
ARG CA  CB   sing N N 17  
ARG CA  HA   sing N N 18  
ARG C   O    doub N N 19  
ARG C   OXT  sing N N 20  
ARG CB  CG   sing N N 21  
ARG CB  HB2  sing N N 22  
ARG CB  HB3  sing N N 23  
ARG CG  CD   sing N N 24  
ARG CG  HG2  sing N N 25  
ARG CG  HG3  sing N N 26  
ARG CD  NE   sing N N 27  
ARG CD  HD2  sing N N 28  
ARG CD  HD3  sing N N 29  
ARG NE  CZ   sing N N 30  
ARG NE  HE   sing N N 31  
ARG CZ  NH1  sing N N 32  
ARG CZ  NH2  doub N N 33  
ARG NH1 HH11 sing N N 34  
ARG NH1 HH12 sing N N 35  
ARG NH2 HH21 sing N N 36  
ARG NH2 HH22 sing N N 37  
ARG OXT HXT  sing N N 38  
ASN N   CA   sing N N 39  
ASN N   H    sing N N 40  
ASN N   H2   sing N N 41  
ASN CA  C    sing N N 42  
ASN CA  CB   sing N N 43  
ASN CA  HA   sing N N 44  
ASN C   O    doub N N 45  
ASN C   OXT  sing N N 46  
ASN CB  CG   sing N N 47  
ASN CB  HB2  sing N N 48  
ASN CB  HB3  sing N N 49  
ASN CG  OD1  doub N N 50  
ASN CG  ND2  sing N N 51  
ASN ND2 HD21 sing N N 52  
ASN ND2 HD22 sing N N 53  
ASN OXT HXT  sing N N 54  
ASP N   CA   sing N N 55  
ASP N   H    sing N N 56  
ASP N   H2   sing N N 57  
ASP CA  C    sing N N 58  
ASP CA  CB   sing N N 59  
ASP CA  HA   sing N N 60  
ASP C   O    doub N N 61  
ASP C   OXT  sing N N 62  
ASP CB  CG   sing N N 63  
ASP CB  HB2  sing N N 64  
ASP CB  HB3  sing N N 65  
ASP CG  OD1  doub N N 66  
ASP CG  OD2  sing N N 67  
ASP OD2 HD2  sing N N 68  
ASP OXT HXT  sing N N 69  
CYS N   CA   sing N N 70  
CYS N   H    sing N N 71  
CYS N   H2   sing N N 72  
CYS CA  C    sing N N 73  
CYS CA  CB   sing N N 74  
CYS CA  HA   sing N N 75  
CYS C   O    doub N N 76  
CYS C   OXT  sing N N 77  
CYS CB  SG   sing N N 78  
CYS CB  HB2  sing N N 79  
CYS CB  HB3  sing N N 80  
CYS SG  HG   sing N N 81  
CYS OXT HXT  sing N N 82  
GLN N   CA   sing N N 83  
GLN N   H    sing N N 84  
GLN N   H2   sing N N 85  
GLN CA  C    sing N N 86  
GLN CA  CB   sing N N 87  
GLN CA  HA   sing N N 88  
GLN C   O    doub N N 89  
GLN C   OXT  sing N N 90  
GLN CB  CG   sing N N 91  
GLN CB  HB2  sing N N 92  
GLN CB  HB3  sing N N 93  
GLN CG  CD   sing N N 94  
GLN CG  HG2  sing N N 95  
GLN CG  HG3  sing N N 96  
GLN CD  OE1  doub N N 97  
GLN CD  NE2  sing N N 98  
GLN NE2 HE21 sing N N 99  
GLN NE2 HE22 sing N N 100 
GLN OXT HXT  sing N N 101 
GLU N   CA   sing N N 102 
GLU N   H    sing N N 103 
GLU N   H2   sing N N 104 
GLU CA  C    sing N N 105 
GLU CA  CB   sing N N 106 
GLU CA  HA   sing N N 107 
GLU C   O    doub N N 108 
GLU C   OXT  sing N N 109 
GLU CB  CG   sing N N 110 
GLU CB  HB2  sing N N 111 
GLU CB  HB3  sing N N 112 
GLU CG  CD   sing N N 113 
GLU CG  HG2  sing N N 114 
GLU CG  HG3  sing N N 115 
GLU CD  OE1  doub N N 116 
GLU CD  OE2  sing N N 117 
GLU OE2 HE2  sing N N 118 
GLU OXT HXT  sing N N 119 
GLY N   CA   sing N N 120 
GLY N   H    sing N N 121 
GLY N   H2   sing N N 122 
GLY CA  C    sing N N 123 
GLY CA  HA2  sing N N 124 
GLY CA  HA3  sing N N 125 
GLY C   O    doub N N 126 
GLY C   OXT  sing N N 127 
GLY OXT HXT  sing N N 128 
HIS N   CA   sing N N 129 
HIS N   H    sing N N 130 
HIS N   H2   sing N N 131 
HIS CA  C    sing N N 132 
HIS CA  CB   sing N N 133 
HIS CA  HA   sing N N 134 
HIS C   O    doub N N 135 
HIS C   OXT  sing N N 136 
HIS CB  CG   sing N N 137 
HIS CB  HB2  sing N N 138 
HIS CB  HB3  sing N N 139 
HIS CG  ND1  sing Y N 140 
HIS CG  CD2  doub Y N 141 
HIS ND1 CE1  doub Y N 142 
HIS ND1 HD1  sing N N 143 
HIS CD2 NE2  sing Y N 144 
HIS CD2 HD2  sing N N 145 
HIS CE1 NE2  sing Y N 146 
HIS CE1 HE1  sing N N 147 
HIS NE2 HE2  sing N N 148 
HIS OXT HXT  sing N N 149 
HOH O   H1   sing N N 150 
HOH O   H2   sing N N 151 
ILE N   CA   sing N N 152 
ILE N   H    sing N N 153 
ILE N   H2   sing N N 154 
ILE CA  C    sing N N 155 
ILE CA  CB   sing N N 156 
ILE CA  HA   sing N N 157 
ILE C   O    doub N N 158 
ILE C   OXT  sing N N 159 
ILE CB  CG1  sing N N 160 
ILE CB  CG2  sing N N 161 
ILE CB  HB   sing N N 162 
ILE CG1 CD1  sing N N 163 
ILE CG1 HG12 sing N N 164 
ILE CG1 HG13 sing N N 165 
ILE CG2 HG21 sing N N 166 
ILE CG2 HG22 sing N N 167 
ILE CG2 HG23 sing N N 168 
ILE CD1 HD11 sing N N 169 
ILE CD1 HD12 sing N N 170 
ILE CD1 HD13 sing N N 171 
ILE OXT HXT  sing N N 172 
LEU N   CA   sing N N 173 
LEU N   H    sing N N 174 
LEU N   H2   sing N N 175 
LEU CA  C    sing N N 176 
LEU CA  CB   sing N N 177 
LEU CA  HA   sing N N 178 
LEU C   O    doub N N 179 
LEU C   OXT  sing N N 180 
LEU CB  CG   sing N N 181 
LEU CB  HB2  sing N N 182 
LEU CB  HB3  sing N N 183 
LEU CG  CD1  sing N N 184 
LEU CG  CD2  sing N N 185 
LEU CG  HG   sing N N 186 
LEU CD1 HD11 sing N N 187 
LEU CD1 HD12 sing N N 188 
LEU CD1 HD13 sing N N 189 
LEU CD2 HD21 sing N N 190 
LEU CD2 HD22 sing N N 191 
LEU CD2 HD23 sing N N 192 
LEU OXT HXT  sing N N 193 
LYS N   CA   sing N N 194 
LYS N   H    sing N N 195 
LYS N   H2   sing N N 196 
LYS CA  C    sing N N 197 
LYS CA  CB   sing N N 198 
LYS CA  HA   sing N N 199 
LYS C   O    doub N N 200 
LYS C   OXT  sing N N 201 
LYS CB  CG   sing N N 202 
LYS CB  HB2  sing N N 203 
LYS CB  HB3  sing N N 204 
LYS CG  CD   sing N N 205 
LYS CG  HG2  sing N N 206 
LYS CG  HG3  sing N N 207 
LYS CD  CE   sing N N 208 
LYS CD  HD2  sing N N 209 
LYS CD  HD3  sing N N 210 
LYS CE  NZ   sing N N 211 
LYS CE  HE2  sing N N 212 
LYS CE  HE3  sing N N 213 
LYS NZ  HZ1  sing N N 214 
LYS NZ  HZ2  sing N N 215 
LYS NZ  HZ3  sing N N 216 
LYS OXT HXT  sing N N 217 
MET N   CA   sing N N 218 
MET N   H    sing N N 219 
MET N   H2   sing N N 220 
MET CA  C    sing N N 221 
MET CA  CB   sing N N 222 
MET CA  HA   sing N N 223 
MET C   O    doub N N 224 
MET C   OXT  sing N N 225 
MET CB  CG   sing N N 226 
MET CB  HB2  sing N N 227 
MET CB  HB3  sing N N 228 
MET CG  SD   sing N N 229 
MET CG  HG2  sing N N 230 
MET CG  HG3  sing N N 231 
MET SD  CE   sing N N 232 
MET CE  HE1  sing N N 233 
MET CE  HE2  sing N N 234 
MET CE  HE3  sing N N 235 
MET OXT HXT  sing N N 236 
PHE N   CA   sing N N 237 
PHE N   H    sing N N 238 
PHE N   H2   sing N N 239 
PHE CA  C    sing N N 240 
PHE CA  CB   sing N N 241 
PHE CA  HA   sing N N 242 
PHE C   O    doub N N 243 
PHE C   OXT  sing N N 244 
PHE CB  CG   sing N N 245 
PHE CB  HB2  sing N N 246 
PHE CB  HB3  sing N N 247 
PHE CG  CD1  doub Y N 248 
PHE CG  CD2  sing Y N 249 
PHE CD1 CE1  sing Y N 250 
PHE CD1 HD1  sing N N 251 
PHE CD2 CE2  doub Y N 252 
PHE CD2 HD2  sing N N 253 
PHE CE1 CZ   doub Y N 254 
PHE CE1 HE1  sing N N 255 
PHE CE2 CZ   sing Y N 256 
PHE CE2 HE2  sing N N 257 
PHE CZ  HZ   sing N N 258 
PHE OXT HXT  sing N N 259 
PRO N   CA   sing N N 260 
PRO N   CD   sing N N 261 
PRO N   H    sing N N 262 
PRO CA  C    sing N N 263 
PRO CA  CB   sing N N 264 
PRO CA  HA   sing N N 265 
PRO C   O    doub N N 266 
PRO C   OXT  sing N N 267 
PRO CB  CG   sing N N 268 
PRO CB  HB2  sing N N 269 
PRO CB  HB3  sing N N 270 
PRO CG  CD   sing N N 271 
PRO CG  HG2  sing N N 272 
PRO CG  HG3  sing N N 273 
PRO CD  HD2  sing N N 274 
PRO CD  HD3  sing N N 275 
PRO OXT HXT  sing N N 276 
SER N   CA   sing N N 277 
SER N   H    sing N N 278 
SER N   H2   sing N N 279 
SER CA  C    sing N N 280 
SER CA  CB   sing N N 281 
SER CA  HA   sing N N 282 
SER C   O    doub N N 283 
SER C   OXT  sing N N 284 
SER CB  OG   sing N N 285 
SER CB  HB2  sing N N 286 
SER CB  HB3  sing N N 287 
SER OG  HG   sing N N 288 
SER OXT HXT  sing N N 289 
THR N   CA   sing N N 290 
THR N   H    sing N N 291 
THR N   H2   sing N N 292 
THR CA  C    sing N N 293 
THR CA  CB   sing N N 294 
THR CA  HA   sing N N 295 
THR C   O    doub N N 296 
THR C   OXT  sing N N 297 
THR CB  OG1  sing N N 298 
THR CB  CG2  sing N N 299 
THR CB  HB   sing N N 300 
THR OG1 HG1  sing N N 301 
THR CG2 HG21 sing N N 302 
THR CG2 HG22 sing N N 303 
THR CG2 HG23 sing N N 304 
THR OXT HXT  sing N N 305 
TRP N   CA   sing N N 306 
TRP N   H    sing N N 307 
TRP N   H2   sing N N 308 
TRP CA  C    sing N N 309 
TRP CA  CB   sing N N 310 
TRP CA  HA   sing N N 311 
TRP C   O    doub N N 312 
TRP C   OXT  sing N N 313 
TRP CB  CG   sing N N 314 
TRP CB  HB2  sing N N 315 
TRP CB  HB3  sing N N 316 
TRP CG  CD1  doub Y N 317 
TRP CG  CD2  sing Y N 318 
TRP CD1 NE1  sing Y N 319 
TRP CD1 HD1  sing N N 320 
TRP CD2 CE2  doub Y N 321 
TRP CD2 CE3  sing Y N 322 
TRP NE1 CE2  sing Y N 323 
TRP NE1 HE1  sing N N 324 
TRP CE2 CZ2  sing Y N 325 
TRP CE3 CZ3  doub Y N 326 
TRP CE3 HE3  sing N N 327 
TRP CZ2 CH2  doub Y N 328 
TRP CZ2 HZ2  sing N N 329 
TRP CZ3 CH2  sing Y N 330 
TRP CZ3 HZ3  sing N N 331 
TRP CH2 HH2  sing N N 332 
TRP OXT HXT  sing N N 333 
TYR N   CA   sing N N 334 
TYR N   H    sing N N 335 
TYR N   H2   sing N N 336 
TYR CA  C    sing N N 337 
TYR CA  CB   sing N N 338 
TYR CA  HA   sing N N 339 
TYR C   O    doub N N 340 
TYR C   OXT  sing N N 341 
TYR CB  CG   sing N N 342 
TYR CB  HB2  sing N N 343 
TYR CB  HB3  sing N N 344 
TYR CG  CD1  doub Y N 345 
TYR CG  CD2  sing Y N 346 
TYR CD1 CE1  sing Y N 347 
TYR CD1 HD1  sing N N 348 
TYR CD2 CE2  doub Y N 349 
TYR CD2 HD2  sing N N 350 
TYR CE1 CZ   doub Y N 351 
TYR CE1 HE1  sing N N 352 
TYR CE2 CZ   sing Y N 353 
TYR CE2 HE2  sing N N 354 
TYR CZ  OH   sing N N 355 
TYR OH  HH   sing N N 356 
TYR OXT HXT  sing N N 357 
VAL N   CA   sing N N 358 
VAL N   H    sing N N 359 
VAL N   H2   sing N N 360 
VAL CA  C    sing N N 361 
VAL CA  CB   sing N N 362 
VAL CA  HA   sing N N 363 
VAL C   O    doub N N 364 
VAL C   OXT  sing N N 365 
VAL CB  CG1  sing N N 366 
VAL CB  CG2  sing N N 367 
VAL CB  HB   sing N N 368 
VAL CG1 HG11 sing N N 369 
VAL CG1 HG12 sing N N 370 
VAL CG1 HG13 sing N N 371 
VAL CG2 HG21 sing N N 372 
VAL CG2 HG22 sing N N 373 
VAL CG2 HG23 sing N N 374 
VAL OXT HXT  sing N N 375 
# 
_pdbx_entity_nonpoly.entity_id   2 
_pdbx_entity_nonpoly.name        water 
_pdbx_entity_nonpoly.comp_id     HOH 
# 
_pdbx_initial_refinement_model.id               1 
_pdbx_initial_refinement_model.entity_id_list   ? 
_pdbx_initial_refinement_model.type             'experimental model' 
_pdbx_initial_refinement_model.source_name      PDB 
_pdbx_initial_refinement_model.accession_code   3ONX 
_pdbx_initial_refinement_model.details          'PDB entry 3ONX' 
# 
